data_1CCZ
# 
_entry.id   1CCZ 
# 
_audit_conform.dict_name       mmcif_pdbx.dic 
_audit_conform.dict_version    5.397 
_audit_conform.dict_location   http://mmcif.pdb.org/dictionaries/ascii/mmcif_pdbx.dic 
# 
loop_
_database_2.database_id 
_database_2.database_code 
_database_2.pdbx_database_accession 
_database_2.pdbx_DOI 
PDB   1CCZ         pdb_00001ccz 10.2210/pdb1ccz/pdb 
RCSB  RCSB000577   ?            ?                   
WWPDB D_1000000577 ?            ?                   
# 
loop_
_pdbx_audit_revision_history.ordinal 
_pdbx_audit_revision_history.data_content_type 
_pdbx_audit_revision_history.major_revision 
_pdbx_audit_revision_history.minor_revision 
_pdbx_audit_revision_history.revision_date 
1 'Structure model' 1 0 1999-04-05 
2 'Structure model' 1 1 2008-04-26 
3 'Structure model' 1 2 2011-07-13 
4 'Structure model' 1 3 2020-07-29 
5 'Structure model' 1 4 2023-08-09 
6 'Structure model' 1 5 2024-10-30 
# 
loop_
_pdbx_audit_revision_details.ordinal 
_pdbx_audit_revision_details.revision_ordinal 
_pdbx_audit_revision_details.data_content_type 
_pdbx_audit_revision_details.provider 
_pdbx_audit_revision_details.type 
_pdbx_audit_revision_details.description 
_pdbx_audit_revision_details.details 
1 1 'Structure model' repository 'Initial release' ?                          ? 
2 4 'Structure model' repository Remediation       'Carbohydrate remediation' ? 
# 
loop_
_pdbx_audit_revision_group.ordinal 
_pdbx_audit_revision_group.revision_ordinal 
_pdbx_audit_revision_group.data_content_type 
_pdbx_audit_revision_group.group 
1  2 'Structure model' 'Version format compliance' 
2  3 'Structure model' 'Non-polymer description'   
3  3 'Structure model' 'Version format compliance' 
4  4 'Structure model' 'Data collection'           
5  4 'Structure model' 'Derived calculations'      
6  4 'Structure model' 'Structure summary'         
7  5 'Structure model' 'Data collection'           
8  5 'Structure model' 'Database references'       
9  5 'Structure model' 'Refinement description'    
10 5 'Structure model' 'Structure summary'         
11 6 'Structure model' 'Structure summary'         
# 
loop_
_pdbx_audit_revision_category.ordinal 
_pdbx_audit_revision_category.revision_ordinal 
_pdbx_audit_revision_category.data_content_type 
_pdbx_audit_revision_category.category 
1  4 'Structure model' chem_comp                     
2  4 'Structure model' entity                        
3  4 'Structure model' pdbx_chem_comp_identifier     
4  4 'Structure model' pdbx_entity_nonpoly           
5  4 'Structure model' struct_conn                   
6  4 'Structure model' struct_site                   
7  4 'Structure model' struct_site_gen               
8  5 'Structure model' chem_comp                     
9  5 'Structure model' chem_comp_atom                
10 5 'Structure model' chem_comp_bond                
11 5 'Structure model' database_2                    
12 5 'Structure model' pdbx_initial_refinement_model 
13 6 'Structure model' pdbx_entry_details            
14 6 'Structure model' pdbx_modification_feature     
# 
loop_
_pdbx_audit_revision_item.ordinal 
_pdbx_audit_revision_item.revision_ordinal 
_pdbx_audit_revision_item.data_content_type 
_pdbx_audit_revision_item.item 
1 4 'Structure model' '_chem_comp.name'                     
2 4 'Structure model' '_chem_comp.type'                     
3 4 'Structure model' '_entity.pdbx_description'            
4 4 'Structure model' '_pdbx_entity_nonpoly.name'           
5 4 'Structure model' '_struct_conn.pdbx_leaving_atom_flag' 
6 4 'Structure model' '_struct_conn.pdbx_role'              
7 5 'Structure model' '_chem_comp.pdbx_synonyms'            
8 5 'Structure model' '_database_2.pdbx_DOI'                
9 5 'Structure model' '_database_2.pdbx_database_accession' 
# 
_pdbx_database_status.status_code                     REL 
_pdbx_database_status.entry_id                        1CCZ 
_pdbx_database_status.recvd_initial_deposition_date   1999-03-02 
_pdbx_database_status.deposit_site                    PDBE 
_pdbx_database_status.process_site                    RCSB 
_pdbx_database_status.SG_entry                        . 
_pdbx_database_status.pdb_format_compatible           Y 
_pdbx_database_status.status_code_mr                  ? 
_pdbx_database_status.status_code_sf                  ? 
_pdbx_database_status.status_code_cs                  ? 
_pdbx_database_status.status_code_nmr_data            ? 
_pdbx_database_status.methods_development_category    ? 
# 
loop_
_audit_author.name 
_audit_author.pdbx_ordinal 
'Ikemizu, S.'         1 
'Sparks, L.M.'        2 
'Van Der Merwe, P.A.' 3 
'Harlos, K.'          4 
'Stuart, D.I.'        5 
'Jones, E.Y.'         6 
'Davis, S.J.'         7 
# 
_citation.id                        primary 
_citation.title                     
'Crystal structure of the CD2-binding domain of CD58 (lymphocyte function-associated antigen 3) at 1.8-A resolution.' 
_citation.journal_abbrev            Proc.Natl.Acad.Sci.USA 
_citation.journal_volume            96 
_citation.page_first                4289 
_citation.page_last                 4294 
_citation.year                      1999 
_citation.journal_id_ASTM           PNASA6 
_citation.country                   US 
_citation.journal_id_ISSN           0027-8424 
_citation.journal_id_CSD            0040 
_citation.book_publisher            ? 
_citation.pdbx_database_id_PubMed   10200255 
_citation.pdbx_database_id_DOI      10.1073/pnas.96.8.4289 
# 
loop_
_citation_author.citation_id 
_citation_author.name 
_citation_author.ordinal 
_citation_author.identifier_ORCID 
primary 'Ikemizu, S.'         1 ? 
primary 'Sparks, L.M.'        2 ? 
primary 'van der Merwe, P.A.' 3 ? 
primary 'Harlos, K.'          4 ? 
primary 'Stuart, D.I.'        5 ? 
primary 'Jones, E.Y.'         6 ? 
primary 'Davis, S.J.'         7 ? 
# 
loop_
_entity.id 
_entity.type 
_entity.src_method 
_entity.pdbx_description 
_entity.formula_weight 
_entity.pdbx_number_of_molecules 
_entity.pdbx_ec 
_entity.pdbx_mutation 
_entity.pdbx_fragment 
_entity.details 
1 polymer     man 'PROTEIN (CD58)'                         19937.602 1   ? ? 'CD2-BINDING DOMAIN' ? 
2 non-polymer man 2-acetamido-2-deoxy-beta-D-glucopyranose 221.208   3   ? ? ?                    ? 
3 water       nat water                                    18.015    197 ? ? ?                    ? 
# 
_entity_poly.entity_id                      1 
_entity_poly.type                           'polypeptide(L)' 
_entity_poly.nstd_linkage                   no 
_entity_poly.nstd_monomer                   no 
_entity_poly.pdbx_seq_one_letter_code       
;FSQQIYGVVYGNVTFHVPSNVPLKEVLWKKQKDKVAELENSEFRAFSSFKNRVYLDTVSGSLTIYNLTSSDEDEYEMESP
NITDTMKFFLYVLEMVSKPMIYWECSNATLTCEVLEGTDVELKLYQGKEHLRSLRQKTMSYQWTNLRAPFKCKAVNRVSQ
ESEMEVVNCPE
;
_entity_poly.pdbx_seq_one_letter_code_can   
;FSQQIYGVVYGNVTFHVPSNVPLKEVLWKKQKDKVAELENSEFRAFSSFKNRVYLDTVSGSLTIYNLTSSDEDEYEMESP
NITDTMKFFLYVLEMVSKPMIYWECSNATLTCEVLEGTDVELKLYQGKEHLRSLRQKTMSYQWTNLRAPFKCKAVNRVSQ
ESEMEVVNCPE
;
_entity_poly.pdbx_strand_id                 A 
_entity_poly.pdbx_target_identifier         ? 
# 
loop_
_pdbx_entity_nonpoly.entity_id 
_pdbx_entity_nonpoly.name 
_pdbx_entity_nonpoly.comp_id 
2 2-acetamido-2-deoxy-beta-D-glucopyranose NAG 
3 water                                    HOH 
# 
loop_
_entity_poly_seq.entity_id 
_entity_poly_seq.num 
_entity_poly_seq.mon_id 
_entity_poly_seq.hetero 
1 1   PHE n 
1 2   SER n 
1 3   GLN n 
1 4   GLN n 
1 5   ILE n 
1 6   TYR n 
1 7   GLY n 
1 8   VAL n 
1 9   VAL n 
1 10  TYR n 
1 11  GLY n 
1 12  ASN n 
1 13  VAL n 
1 14  THR n 
1 15  PHE n 
1 16  HIS n 
1 17  VAL n 
1 18  PRO n 
1 19  SER n 
1 20  ASN n 
1 21  VAL n 
1 22  PRO n 
1 23  LEU n 
1 24  LYS n 
1 25  GLU n 
1 26  VAL n 
1 27  LEU n 
1 28  TRP n 
1 29  LYS n 
1 30  LYS n 
1 31  GLN n 
1 32  LYS n 
1 33  ASP n 
1 34  LYS n 
1 35  VAL n 
1 36  ALA n 
1 37  GLU n 
1 38  LEU n 
1 39  GLU n 
1 40  ASN n 
1 41  SER n 
1 42  GLU n 
1 43  PHE n 
1 44  ARG n 
1 45  ALA n 
1 46  PHE n 
1 47  SER n 
1 48  SER n 
1 49  PHE n 
1 50  LYS n 
1 51  ASN n 
1 52  ARG n 
1 53  VAL n 
1 54  TYR n 
1 55  LEU n 
1 56  ASP n 
1 57  THR n 
1 58  VAL n 
1 59  SER n 
1 60  GLY n 
1 61  SER n 
1 62  LEU n 
1 63  THR n 
1 64  ILE n 
1 65  TYR n 
1 66  ASN n 
1 67  LEU n 
1 68  THR n 
1 69  SER n 
1 70  SER n 
1 71  ASP n 
1 72  GLU n 
1 73  ASP n 
1 74  GLU n 
1 75  TYR n 
1 76  GLU n 
1 77  MET n 
1 78  GLU n 
1 79  SER n 
1 80  PRO n 
1 81  ASN n 
1 82  ILE n 
1 83  THR n 
1 84  ASP n 
1 85  THR n 
1 86  MET n 
1 87  LYS n 
1 88  PHE n 
1 89  PHE n 
1 90  LEU n 
1 91  TYR n 
1 92  VAL n 
1 93  LEU n 
1 94  GLU n 
1 95  MET n 
1 96  VAL n 
1 97  SER n 
1 98  LYS n 
1 99  PRO n 
1 100 MET n 
1 101 ILE n 
1 102 TYR n 
1 103 TRP n 
1 104 GLU n 
1 105 CYS n 
1 106 SER n 
1 107 ASN n 
1 108 ALA n 
1 109 THR n 
1 110 LEU n 
1 111 THR n 
1 112 CYS n 
1 113 GLU n 
1 114 VAL n 
1 115 LEU n 
1 116 GLU n 
1 117 GLY n 
1 118 THR n 
1 119 ASP n 
1 120 VAL n 
1 121 GLU n 
1 122 LEU n 
1 123 LYS n 
1 124 LEU n 
1 125 TYR n 
1 126 GLN n 
1 127 GLY n 
1 128 LYS n 
1 129 GLU n 
1 130 HIS n 
1 131 LEU n 
1 132 ARG n 
1 133 SER n 
1 134 LEU n 
1 135 ARG n 
1 136 GLN n 
1 137 LYS n 
1 138 THR n 
1 139 MET n 
1 140 SER n 
1 141 TYR n 
1 142 GLN n 
1 143 TRP n 
1 144 THR n 
1 145 ASN n 
1 146 LEU n 
1 147 ARG n 
1 148 ALA n 
1 149 PRO n 
1 150 PHE n 
1 151 LYS n 
1 152 CYS n 
1 153 LYS n 
1 154 ALA n 
1 155 VAL n 
1 156 ASN n 
1 157 ARG n 
1 158 VAL n 
1 159 SER n 
1 160 GLN n 
1 161 GLU n 
1 162 SER n 
1 163 GLU n 
1 164 MET n 
1 165 GLU n 
1 166 VAL n 
1 167 VAL n 
1 168 ASN n 
1 169 CYS n 
1 170 PRO n 
1 171 GLU n 
# 
_entity_src_gen.entity_id                          1 
_entity_src_gen.pdbx_src_id                        1 
_entity_src_gen.pdbx_alt_source_flag               sample 
_entity_src_gen.pdbx_seq_type                      ? 
_entity_src_gen.pdbx_beg_seq_num                   ? 
_entity_src_gen.pdbx_end_seq_num                   ? 
_entity_src_gen.gene_src_common_name               human 
_entity_src_gen.gene_src_genus                     Homo 
_entity_src_gen.pdbx_gene_src_gene                 ? 
_entity_src_gen.gene_src_species                   ? 
_entity_src_gen.gene_src_strain                    ? 
_entity_src_gen.gene_src_tissue                    ? 
_entity_src_gen.gene_src_tissue_fraction           ? 
_entity_src_gen.gene_src_details                   ? 
_entity_src_gen.pdbx_gene_src_fragment             ? 
_entity_src_gen.pdbx_gene_src_scientific_name      'Homo sapiens' 
_entity_src_gen.pdbx_gene_src_ncbi_taxonomy_id     9606 
_entity_src_gen.pdbx_gene_src_variant              ? 
_entity_src_gen.pdbx_gene_src_cell_line            ? 
_entity_src_gen.pdbx_gene_src_atcc                 ? 
_entity_src_gen.pdbx_gene_src_organ                ? 
_entity_src_gen.pdbx_gene_src_organelle            ? 
_entity_src_gen.pdbx_gene_src_cell                 ? 
_entity_src_gen.pdbx_gene_src_cellular_location    ? 
_entity_src_gen.host_org_common_name               'Chinese hamster' 
_entity_src_gen.pdbx_host_org_scientific_name      'Cricetulus griseus' 
_entity_src_gen.pdbx_host_org_ncbi_taxonomy_id     10029 
_entity_src_gen.host_org_genus                     Cricetulus 
_entity_src_gen.pdbx_host_org_gene                 ? 
_entity_src_gen.pdbx_host_org_organ                ? 
_entity_src_gen.host_org_species                   ? 
_entity_src_gen.pdbx_host_org_tissue               ? 
_entity_src_gen.pdbx_host_org_tissue_fraction      ? 
_entity_src_gen.pdbx_host_org_strain               ? 
_entity_src_gen.pdbx_host_org_variant              ? 
_entity_src_gen.pdbx_host_org_cell_line            ? 
_entity_src_gen.pdbx_host_org_atcc                 ? 
_entity_src_gen.pdbx_host_org_culture_collection   ? 
_entity_src_gen.pdbx_host_org_cell                 ? 
_entity_src_gen.pdbx_host_org_organelle            ? 
_entity_src_gen.pdbx_host_org_cellular_location    ? 
_entity_src_gen.pdbx_host_org_vector_type          ? 
_entity_src_gen.pdbx_host_org_vector               ? 
_entity_src_gen.host_org_details                   ? 
_entity_src_gen.expression_system_id               ? 
_entity_src_gen.plasmid_name                       ? 
_entity_src_gen.plasmid_details                    ? 
_entity_src_gen.pdbx_description                   ? 
# 
loop_
_chem_comp.id 
_chem_comp.type 
_chem_comp.mon_nstd_flag 
_chem_comp.name 
_chem_comp.pdbx_synonyms 
_chem_comp.formula 
_chem_comp.formula_weight 
ALA 'L-peptide linking'          y ALANINE                                  ? 'C3 H7 N O2'     89.093  
ARG 'L-peptide linking'          y ARGININE                                 ? 'C6 H15 N4 O2 1' 175.209 
ASN 'L-peptide linking'          y ASPARAGINE                               ? 'C4 H8 N2 O3'    132.118 
ASP 'L-peptide linking'          y 'ASPARTIC ACID'                          ? 'C4 H7 N O4'     133.103 
CYS 'L-peptide linking'          y CYSTEINE                                 ? 'C3 H7 N O2 S'   121.158 
GLN 'L-peptide linking'          y GLUTAMINE                                ? 'C5 H10 N2 O3'   146.144 
GLU 'L-peptide linking'          y 'GLUTAMIC ACID'                          ? 'C5 H9 N O4'     147.129 
GLY 'peptide linking'            y GLYCINE                                  ? 'C2 H5 N O2'     75.067  
HIS 'L-peptide linking'          y HISTIDINE                                ? 'C6 H10 N3 O2 1' 156.162 
HOH non-polymer                  . WATER                                    ? 'H2 O'           18.015  
ILE 'L-peptide linking'          y ISOLEUCINE                               ? 'C6 H13 N O2'    131.173 
LEU 'L-peptide linking'          y LEUCINE                                  ? 'C6 H13 N O2'    131.173 
LYS 'L-peptide linking'          y LYSINE                                   ? 'C6 H15 N2 O2 1' 147.195 
MET 'L-peptide linking'          y METHIONINE                               ? 'C5 H11 N O2 S'  149.211 
NAG 'D-saccharide, beta linking' . 2-acetamido-2-deoxy-beta-D-glucopyranose 
;N-acetyl-beta-D-glucosamine; 2-acetamido-2-deoxy-beta-D-glucose; 2-acetamido-2-deoxy-D-glucose; 2-acetamido-2-deoxy-glucose; N-ACETYL-D-GLUCOSAMINE
;
'C8 H15 N O6'    221.208 
PHE 'L-peptide linking'          y PHENYLALANINE                            ? 'C9 H11 N O2'    165.189 
PRO 'L-peptide linking'          y PROLINE                                  ? 'C5 H9 N O2'     115.130 
SER 'L-peptide linking'          y SERINE                                   ? 'C3 H7 N O3'     105.093 
THR 'L-peptide linking'          y THREONINE                                ? 'C4 H9 N O3'     119.119 
TRP 'L-peptide linking'          y TRYPTOPHAN                               ? 'C11 H12 N2 O2'  204.225 
TYR 'L-peptide linking'          y TYROSINE                                 ? 'C9 H11 N O3'    181.189 
VAL 'L-peptide linking'          y VALINE                                   ? 'C5 H11 N O2'    117.146 
# 
loop_
_pdbx_chem_comp_identifier.comp_id 
_pdbx_chem_comp_identifier.type 
_pdbx_chem_comp_identifier.program 
_pdbx_chem_comp_identifier.program_version 
_pdbx_chem_comp_identifier.identifier 
NAG 'CONDENSED IUPAC CARBOHYDRATE SYMBOL' GMML     1.0 DGlcpNAcb                      
NAG 'COMMON NAME'                         GMML     1.0 N-acetyl-b-D-glucopyranosamine 
NAG 'IUPAC CARBOHYDRATE SYMBOL'           PDB-CARE 1.0 b-D-GlcpNAc                    
NAG 'SNFG CARBOHYDRATE SYMBOL'            GMML     1.0 GlcNAc                         
# 
loop_
_pdbx_poly_seq_scheme.asym_id 
_pdbx_poly_seq_scheme.entity_id 
_pdbx_poly_seq_scheme.seq_id 
_pdbx_poly_seq_scheme.mon_id 
_pdbx_poly_seq_scheme.ndb_seq_num 
_pdbx_poly_seq_scheme.pdb_seq_num 
_pdbx_poly_seq_scheme.auth_seq_num 
_pdbx_poly_seq_scheme.pdb_mon_id 
_pdbx_poly_seq_scheme.auth_mon_id 
_pdbx_poly_seq_scheme.pdb_strand_id 
_pdbx_poly_seq_scheme.pdb_ins_code 
_pdbx_poly_seq_scheme.hetero 
A 1 1   PHE 1   1   1   PHE PHE A . n 
A 1 2   SER 2   2   2   SER SER A . n 
A 1 3   GLN 3   3   3   GLN GLN A . n 
A 1 4   GLN 4   4   4   GLN GLN A . n 
A 1 5   ILE 5   5   5   ILE ILE A . n 
A 1 6   TYR 6   6   6   TYR TYR A . n 
A 1 7   GLY 7   7   7   GLY GLY A . n 
A 1 8   VAL 8   8   8   VAL VAL A . n 
A 1 9   VAL 9   9   9   VAL VAL A . n 
A 1 10  TYR 10  10  10  TYR TYR A . n 
A 1 11  GLY 11  11  11  GLY GLY A . n 
A 1 12  ASN 12  12  12  ASN ASN A . n 
A 1 13  VAL 13  13  13  VAL VAL A . n 
A 1 14  THR 14  14  14  THR THR A . n 
A 1 15  PHE 15  15  15  PHE PHE A . n 
A 1 16  HIS 16  16  16  HIS HIS A . n 
A 1 17  VAL 17  17  17  VAL VAL A . n 
A 1 18  PRO 18  18  18  PRO PRO A . n 
A 1 19  SER 19  19  19  SER SER A . n 
A 1 20  ASN 20  20  20  ASN ASN A . n 
A 1 21  VAL 21  21  21  VAL VAL A . n 
A 1 22  PRO 22  22  22  PRO PRO A . n 
A 1 23  LEU 23  23  23  LEU LEU A . n 
A 1 24  LYS 24  24  24  LYS LYS A . n 
A 1 25  GLU 25  25  25  GLU GLU A . n 
A 1 26  VAL 26  26  26  VAL VAL A . n 
A 1 27  LEU 27  27  27  LEU LEU A . n 
A 1 28  TRP 28  28  28  TRP TRP A . n 
A 1 29  LYS 29  29  29  LYS LYS A . n 
A 1 30  LYS 30  30  30  LYS LYS A . n 
A 1 31  GLN 31  31  31  GLN GLN A . n 
A 1 32  LYS 32  32  32  LYS LYS A . n 
A 1 33  ASP 33  33  33  ASP ASP A . n 
A 1 34  LYS 34  34  34  LYS LYS A . n 
A 1 35  VAL 35  35  35  VAL VAL A . n 
A 1 36  ALA 36  36  36  ALA ALA A . n 
A 1 37  GLU 37  37  37  GLU GLU A . n 
A 1 38  LEU 38  38  38  LEU LEU A . n 
A 1 39  GLU 39  39  39  GLU GLU A . n 
A 1 40  ASN 40  40  40  ASN ASN A . n 
A 1 41  SER 41  41  41  SER SER A . n 
A 1 42  GLU 42  42  42  GLU GLU A . n 
A 1 43  PHE 43  43  43  PHE PHE A . n 
A 1 44  ARG 44  44  44  ARG ARG A . n 
A 1 45  ALA 45  45  45  ALA ALA A . n 
A 1 46  PHE 46  46  46  PHE PHE A . n 
A 1 47  SER 47  47  47  SER SER A . n 
A 1 48  SER 48  48  48  SER SER A . n 
A 1 49  PHE 49  49  49  PHE PHE A . n 
A 1 50  LYS 50  50  50  LYS LYS A . n 
A 1 51  ASN 51  51  51  ASN ASN A . n 
A 1 52  ARG 52  52  52  ARG ARG A . n 
A 1 53  VAL 53  53  53  VAL VAL A . n 
A 1 54  TYR 54  54  54  TYR TYR A . n 
A 1 55  LEU 55  55  55  LEU LEU A . n 
A 1 56  ASP 56  56  56  ASP ASP A . n 
A 1 57  THR 57  57  57  THR THR A . n 
A 1 58  VAL 58  58  58  VAL VAL A . n 
A 1 59  SER 59  59  59  SER SER A . n 
A 1 60  GLY 60  60  60  GLY GLY A . n 
A 1 61  SER 61  61  61  SER SER A . n 
A 1 62  LEU 62  62  62  LEU LEU A . n 
A 1 63  THR 63  63  63  THR THR A . n 
A 1 64  ILE 64  64  64  ILE ILE A . n 
A 1 65  TYR 65  65  65  TYR TYR A . n 
A 1 66  ASN 66  66  66  ASN ASN A . n 
A 1 67  LEU 67  67  67  LEU LEU A . n 
A 1 68  THR 68  68  68  THR THR A . n 
A 1 69  SER 69  69  69  SER SER A . n 
A 1 70  SER 70  70  70  SER SER A . n 
A 1 71  ASP 71  71  71  ASP ASP A . n 
A 1 72  GLU 72  72  72  GLU GLU A . n 
A 1 73  ASP 73  73  73  ASP ASP A . n 
A 1 74  GLU 74  74  74  GLU GLU A . n 
A 1 75  TYR 75  75  75  TYR TYR A . n 
A 1 76  GLU 76  76  76  GLU GLU A . n 
A 1 77  MET 77  77  77  MET MET A . n 
A 1 78  GLU 78  78  78  GLU GLU A . n 
A 1 79  SER 79  79  79  SER SER A . n 
A 1 80  PRO 80  80  80  PRO PRO A . n 
A 1 81  ASN 81  81  81  ASN ASN A . n 
A 1 82  ILE 82  82  82  ILE ILE A . n 
A 1 83  THR 83  83  83  THR THR A . n 
A 1 84  ASP 84  84  84  ASP ASP A . n 
A 1 85  THR 85  85  85  THR THR A . n 
A 1 86  MET 86  86  86  MET MET A . n 
A 1 87  LYS 87  87  87  LYS LYS A . n 
A 1 88  PHE 88  88  88  PHE PHE A . n 
A 1 89  PHE 89  89  89  PHE PHE A . n 
A 1 90  LEU 90  90  90  LEU LEU A . n 
A 1 91  TYR 91  91  91  TYR TYR A . n 
A 1 92  VAL 92  92  92  VAL VAL A . n 
A 1 93  LEU 93  93  93  LEU LEU A . n 
A 1 94  GLU 94  94  94  GLU GLU A . n 
A 1 95  MET 95  95  95  MET MET A . n 
A 1 96  VAL 96  96  96  VAL VAL A . n 
A 1 97  SER 97  97  97  SER SER A . n 
A 1 98  LYS 98  98  98  LYS LYS A . n 
A 1 99  PRO 99  99  99  PRO PRO A . n 
A 1 100 MET 100 100 100 MET MET A . n 
A 1 101 ILE 101 101 101 ILE ILE A . n 
A 1 102 TYR 102 102 102 TYR TYR A . n 
A 1 103 TRP 103 103 103 TRP TRP A . n 
A 1 104 GLU 104 104 104 GLU GLU A . n 
A 1 105 CYS 105 105 105 CYS CYS A . n 
A 1 106 SER 106 106 106 SER SER A . n 
A 1 107 ASN 107 107 107 ASN ASN A . n 
A 1 108 ALA 108 108 108 ALA ALA A . n 
A 1 109 THR 109 109 109 THR THR A . n 
A 1 110 LEU 110 110 110 LEU LEU A . n 
A 1 111 THR 111 111 111 THR THR A . n 
A 1 112 CYS 112 112 112 CYS CYS A . n 
A 1 113 GLU 113 113 113 GLU GLU A . n 
A 1 114 VAL 114 114 114 VAL VAL A . n 
A 1 115 LEU 115 115 115 LEU LEU A . n 
A 1 116 GLU 116 116 116 GLU GLU A . n 
A 1 117 GLY 117 117 117 GLY GLY A . n 
A 1 118 THR 118 118 118 THR THR A . n 
A 1 119 ASP 119 119 119 ASP ASP A . n 
A 1 120 VAL 120 120 120 VAL VAL A . n 
A 1 121 GLU 121 121 121 GLU GLU A . n 
A 1 122 LEU 122 122 122 LEU LEU A . n 
A 1 123 LYS 123 123 123 LYS LYS A . n 
A 1 124 LEU 124 124 124 LEU LEU A . n 
A 1 125 TYR 125 125 125 TYR TYR A . n 
A 1 126 GLN 126 126 126 GLN GLN A . n 
A 1 127 GLY 127 127 127 GLY GLY A . n 
A 1 128 LYS 128 128 128 LYS LYS A . n 
A 1 129 GLU 129 129 129 GLU GLU A . n 
A 1 130 HIS 130 130 130 HIS HIS A . n 
A 1 131 LEU 131 131 131 LEU LEU A . n 
A 1 132 ARG 132 132 132 ARG ARG A . n 
A 1 133 SER 133 133 133 SER SER A . n 
A 1 134 LEU 134 134 134 LEU LEU A . n 
A 1 135 ARG 135 135 135 ARG ARG A . n 
A 1 136 GLN 136 136 136 GLN GLN A . n 
A 1 137 LYS 137 137 137 LYS LYS A . n 
A 1 138 THR 138 138 138 THR THR A . n 
A 1 139 MET 139 139 139 MET MET A . n 
A 1 140 SER 140 140 140 SER SER A . n 
A 1 141 TYR 141 141 141 TYR TYR A . n 
A 1 142 GLN 142 142 142 GLN GLN A . n 
A 1 143 TRP 143 143 143 TRP TRP A . n 
A 1 144 THR 144 144 144 THR THR A . n 
A 1 145 ASN 145 145 145 ASN ASN A . n 
A 1 146 LEU 146 146 146 LEU LEU A . n 
A 1 147 ARG 147 147 147 ARG ARG A . n 
A 1 148 ALA 148 148 148 ALA ALA A . n 
A 1 149 PRO 149 149 149 PRO PRO A . n 
A 1 150 PHE 150 150 150 PHE PHE A . n 
A 1 151 LYS 151 151 151 LYS LYS A . n 
A 1 152 CYS 152 152 152 CYS CYS A . n 
A 1 153 LYS 153 153 153 LYS LYS A . n 
A 1 154 ALA 154 154 154 ALA ALA A . n 
A 1 155 VAL 155 155 155 VAL VAL A . n 
A 1 156 ASN 156 156 156 ASN ASN A . n 
A 1 157 ARG 157 157 157 ARG ARG A . n 
A 1 158 VAL 158 158 158 VAL VAL A . n 
A 1 159 SER 159 159 159 SER SER A . n 
A 1 160 GLN 160 160 160 GLN GLN A . n 
A 1 161 GLU 161 161 161 GLU GLU A . n 
A 1 162 SER 162 162 162 SER SER A . n 
A 1 163 GLU 163 163 163 GLU GLU A . n 
A 1 164 MET 164 164 164 MET MET A . n 
A 1 165 GLU 165 165 165 GLU GLU A . n 
A 1 166 VAL 166 166 166 VAL VAL A . n 
A 1 167 VAL 167 167 167 VAL VAL A . n 
A 1 168 ASN 168 168 168 ASN ASN A . n 
A 1 169 CYS 169 169 169 CYS CYS A . n 
A 1 170 PRO 170 170 170 PRO PRO A . n 
A 1 171 GLU 171 171 171 GLU GLU A . n 
# 
loop_
_pdbx_nonpoly_scheme.asym_id 
_pdbx_nonpoly_scheme.entity_id 
_pdbx_nonpoly_scheme.mon_id 
_pdbx_nonpoly_scheme.ndb_seq_num 
_pdbx_nonpoly_scheme.pdb_seq_num 
_pdbx_nonpoly_scheme.auth_seq_num 
_pdbx_nonpoly_scheme.pdb_mon_id 
_pdbx_nonpoly_scheme.auth_mon_id 
_pdbx_nonpoly_scheme.pdb_strand_id 
_pdbx_nonpoly_scheme.pdb_ins_code 
B 2 NAG 1   501 501 NAG NAG A . 
C 2 NAG 1   502 502 NAG NAG A . 
D 2 NAG 1   503 503 NAG NAG A . 
E 3 HOH 1   201 201 HOH HOH A . 
E 3 HOH 2   202 202 HOH HOH A . 
E 3 HOH 3   203 203 HOH HOH A . 
E 3 HOH 4   204 204 HOH HOH A . 
E 3 HOH 5   205 205 HOH HOH A . 
E 3 HOH 6   206 206 HOH HOH A . 
E 3 HOH 7   207 207 HOH HOH A . 
E 3 HOH 8   208 208 HOH HOH A . 
E 3 HOH 9   209 209 HOH HOH A . 
E 3 HOH 10  210 210 HOH HOH A . 
E 3 HOH 11  211 211 HOH HOH A . 
E 3 HOH 12  212 212 HOH HOH A . 
E 3 HOH 13  213 213 HOH HOH A . 
E 3 HOH 14  214 214 HOH HOH A . 
E 3 HOH 15  215 215 HOH HOH A . 
E 3 HOH 16  216 216 HOH HOH A . 
E 3 HOH 17  217 217 HOH HOH A . 
E 3 HOH 18  218 218 HOH HOH A . 
E 3 HOH 19  219 219 HOH HOH A . 
E 3 HOH 20  220 220 HOH HOH A . 
E 3 HOH 21  221 221 HOH HOH A . 
E 3 HOH 22  222 222 HOH HOH A . 
E 3 HOH 23  223 223 HOH HOH A . 
E 3 HOH 24  224 224 HOH HOH A . 
E 3 HOH 25  225 225 HOH HOH A . 
E 3 HOH 26  226 226 HOH HOH A . 
E 3 HOH 27  227 227 HOH HOH A . 
E 3 HOH 28  228 228 HOH HOH A . 
E 3 HOH 29  229 229 HOH HOH A . 
E 3 HOH 30  230 230 HOH HOH A . 
E 3 HOH 31  231 231 HOH HOH A . 
E 3 HOH 32  232 232 HOH HOH A . 
E 3 HOH 33  233 233 HOH HOH A . 
E 3 HOH 34  234 234 HOH HOH A . 
E 3 HOH 35  235 235 HOH HOH A . 
E 3 HOH 36  236 236 HOH HOH A . 
E 3 HOH 37  237 237 HOH HOH A . 
E 3 HOH 38  238 238 HOH HOH A . 
E 3 HOH 39  239 239 HOH HOH A . 
E 3 HOH 40  240 240 HOH HOH A . 
E 3 HOH 41  241 241 HOH HOH A . 
E 3 HOH 42  242 242 HOH HOH A . 
E 3 HOH 43  243 243 HOH HOH A . 
E 3 HOH 44  244 244 HOH HOH A . 
E 3 HOH 45  245 245 HOH HOH A . 
E 3 HOH 46  246 246 HOH HOH A . 
E 3 HOH 47  247 247 HOH HOH A . 
E 3 HOH 48  248 248 HOH HOH A . 
E 3 HOH 49  249 249 HOH HOH A . 
E 3 HOH 50  250 250 HOH HOH A . 
E 3 HOH 51  251 251 HOH HOH A . 
E 3 HOH 52  252 252 HOH HOH A . 
E 3 HOH 53  253 253 HOH HOH A . 
E 3 HOH 54  254 254 HOH HOH A . 
E 3 HOH 55  255 255 HOH HOH A . 
E 3 HOH 56  256 256 HOH HOH A . 
E 3 HOH 57  257 257 HOH HOH A . 
E 3 HOH 58  258 258 HOH HOH A . 
E 3 HOH 59  259 259 HOH HOH A . 
E 3 HOH 60  260 260 HOH HOH A . 
E 3 HOH 61  261 261 HOH HOH A . 
E 3 HOH 62  262 262 HOH HOH A . 
E 3 HOH 63  263 263 HOH HOH A . 
E 3 HOH 64  264 264 HOH HOH A . 
E 3 HOH 65  265 265 HOH HOH A . 
E 3 HOH 66  266 266 HOH HOH A . 
E 3 HOH 67  267 267 HOH HOH A . 
E 3 HOH 68  268 268 HOH HOH A . 
E 3 HOH 69  269 269 HOH HOH A . 
E 3 HOH 70  270 270 HOH HOH A . 
E 3 HOH 71  271 271 HOH HOH A . 
E 3 HOH 72  272 272 HOH HOH A . 
E 3 HOH 73  273 273 HOH HOH A . 
E 3 HOH 74  274 274 HOH HOH A . 
E 3 HOH 75  275 275 HOH HOH A . 
E 3 HOH 76  276 276 HOH HOH A . 
E 3 HOH 77  277 277 HOH HOH A . 
E 3 HOH 78  278 278 HOH HOH A . 
E 3 HOH 79  279 279 HOH HOH A . 
E 3 HOH 80  280 280 HOH HOH A . 
E 3 HOH 81  281 281 HOH HOH A . 
E 3 HOH 82  282 282 HOH HOH A . 
E 3 HOH 83  283 283 HOH HOH A . 
E 3 HOH 84  284 284 HOH HOH A . 
E 3 HOH 85  285 285 HOH HOH A . 
E 3 HOH 86  286 286 HOH HOH A . 
E 3 HOH 87  287 287 HOH HOH A . 
E 3 HOH 88  288 288 HOH HOH A . 
E 3 HOH 89  289 289 HOH HOH A . 
E 3 HOH 90  290 290 HOH HOH A . 
E 3 HOH 91  291 291 HOH HOH A . 
E 3 HOH 92  292 292 HOH HOH A . 
E 3 HOH 93  293 293 HOH HOH A . 
E 3 HOH 94  294 294 HOH HOH A . 
E 3 HOH 95  295 295 HOH HOH A . 
E 3 HOH 96  296 296 HOH HOH A . 
E 3 HOH 97  297 297 HOH HOH A . 
E 3 HOH 98  298 298 HOH HOH A . 
E 3 HOH 99  299 299 HOH HOH A . 
E 3 HOH 100 300 300 HOH HOH A . 
E 3 HOH 101 301 301 HOH HOH A . 
E 3 HOH 102 302 302 HOH HOH A . 
E 3 HOH 103 303 303 HOH HOH A . 
E 3 HOH 104 304 304 HOH HOH A . 
E 3 HOH 105 305 305 HOH HOH A . 
E 3 HOH 106 306 306 HOH HOH A . 
E 3 HOH 107 307 307 HOH HOH A . 
E 3 HOH 108 308 308 HOH HOH A . 
E 3 HOH 109 309 309 HOH HOH A . 
E 3 HOH 110 310 310 HOH HOH A . 
E 3 HOH 111 311 311 HOH HOH A . 
E 3 HOH 112 312 312 HOH HOH A . 
E 3 HOH 113 313 313 HOH HOH A . 
E 3 HOH 114 314 314 HOH HOH A . 
E 3 HOH 115 315 315 HOH HOH A . 
E 3 HOH 116 316 316 HOH HOH A . 
E 3 HOH 117 317 317 HOH HOH A . 
E 3 HOH 118 318 318 HOH HOH A . 
E 3 HOH 119 319 319 HOH HOH A . 
E 3 HOH 120 320 320 HOH HOH A . 
E 3 HOH 121 321 321 HOH HOH A . 
E 3 HOH 122 322 322 HOH HOH A . 
E 3 HOH 123 323 323 HOH HOH A . 
E 3 HOH 124 324 324 HOH HOH A . 
E 3 HOH 125 325 325 HOH HOH A . 
E 3 HOH 126 326 326 HOH HOH A . 
E 3 HOH 127 327 327 HOH HOH A . 
E 3 HOH 128 328 328 HOH HOH A . 
E 3 HOH 129 329 329 HOH HOH A . 
E 3 HOH 130 330 330 HOH HOH A . 
E 3 HOH 131 331 331 HOH HOH A . 
E 3 HOH 132 332 332 HOH HOH A . 
E 3 HOH 133 333 333 HOH HOH A . 
E 3 HOH 134 334 334 HOH HOH A . 
E 3 HOH 135 335 335 HOH HOH A . 
E 3 HOH 136 336 336 HOH HOH A . 
E 3 HOH 137 337 337 HOH HOH A . 
E 3 HOH 138 338 338 HOH HOH A . 
E 3 HOH 139 339 339 HOH HOH A . 
E 3 HOH 140 340 340 HOH HOH A . 
E 3 HOH 141 341 341 HOH HOH A . 
E 3 HOH 142 342 342 HOH HOH A . 
E 3 HOH 143 343 343 HOH HOH A . 
E 3 HOH 144 344 344 HOH HOH A . 
E 3 HOH 145 345 345 HOH HOH A . 
E 3 HOH 146 346 346 HOH HOH A . 
E 3 HOH 147 347 347 HOH HOH A . 
E 3 HOH 148 348 348 HOH HOH A . 
E 3 HOH 149 349 349 HOH HOH A . 
E 3 HOH 150 350 350 HOH HOH A . 
E 3 HOH 151 351 351 HOH HOH A . 
E 3 HOH 152 352 352 HOH HOH A . 
E 3 HOH 153 353 353 HOH HOH A . 
E 3 HOH 154 354 354 HOH HOH A . 
E 3 HOH 155 355 355 HOH HOH A . 
E 3 HOH 156 356 356 HOH HOH A . 
E 3 HOH 157 357 357 HOH HOH A . 
E 3 HOH 158 358 358 HOH HOH A . 
E 3 HOH 159 359 359 HOH HOH A . 
E 3 HOH 160 360 360 HOH HOH A . 
E 3 HOH 161 361 361 HOH HOH A . 
E 3 HOH 162 362 362 HOH HOH A . 
E 3 HOH 163 363 363 HOH HOH A . 
E 3 HOH 164 364 364 HOH HOH A . 
E 3 HOH 165 365 365 HOH HOH A . 
E 3 HOH 166 366 366 HOH HOH A . 
E 3 HOH 167 367 367 HOH HOH A . 
E 3 HOH 168 368 368 HOH HOH A . 
E 3 HOH 169 369 369 HOH HOH A . 
E 3 HOH 170 370 370 HOH HOH A . 
E 3 HOH 171 371 371 HOH HOH A . 
E 3 HOH 172 372 372 HOH HOH A . 
E 3 HOH 173 373 373 HOH HOH A . 
E 3 HOH 174 374 374 HOH HOH A . 
E 3 HOH 175 375 375 HOH HOH A . 
E 3 HOH 176 376 376 HOH HOH A . 
E 3 HOH 177 377 377 HOH HOH A . 
E 3 HOH 178 378 378 HOH HOH A . 
E 3 HOH 179 379 379 HOH HOH A . 
E 3 HOH 180 380 380 HOH HOH A . 
E 3 HOH 181 381 381 HOH HOH A . 
E 3 HOH 182 382 382 HOH HOH A . 
E 3 HOH 183 383 383 HOH HOH A . 
E 3 HOH 184 384 384 HOH HOH A . 
E 3 HOH 185 385 385 HOH HOH A . 
E 3 HOH 186 386 386 HOH HOH A . 
E 3 HOH 187 387 387 HOH HOH A . 
E 3 HOH 188 388 388 HOH HOH A . 
E 3 HOH 189 389 389 HOH HOH A . 
E 3 HOH 190 390 390 HOH HOH A . 
E 3 HOH 191 391 391 HOH HOH A . 
E 3 HOH 192 392 392 HOH HOH A . 
E 3 HOH 193 393 393 HOH HOH A . 
E 3 HOH 194 394 394 HOH HOH A . 
E 3 HOH 195 395 395 HOH HOH A . 
E 3 HOH 196 396 396 HOH HOH A . 
E 3 HOH 197 397 397 HOH HOH A . 
# 
loop_
_software.name 
_software.classification 
_software.version 
_software.citation_id 
_software.pdbx_ordinal 
DENZO     'data reduction' .     ? 1 
SCALEPACK 'data scaling'   .     ? 2 
AMoRE     phasing          .     ? 3 
X-PLOR    refinement       3.851 ? 4 
# 
_cell.entry_id           1CCZ 
_cell.length_a           116.430 
_cell.length_b           116.430 
_cell.length_c           51.520 
_cell.angle_alpha        90.00 
_cell.angle_beta         90.00 
_cell.angle_gamma        120.00 
_cell.Z_PDB              6 
_cell.pdbx_unique_axis   ? 
# 
_symmetry.entry_id                         1CCZ 
_symmetry.space_group_name_H-M             'P 32 2 1' 
_symmetry.pdbx_full_space_group_name_H-M   ? 
_symmetry.cell_setting                     ? 
_symmetry.Int_Tables_number                154 
# 
_exptl.entry_id          1CCZ 
_exptl.method            'X-RAY DIFFRACTION' 
_exptl.crystals_number   2 
# 
_exptl_crystal.id                    1 
_exptl_crystal.density_meas          ? 
_exptl_crystal.density_Matthews      4.38 
_exptl_crystal.density_percent_sol   71.7 
_exptl_crystal.description           ? 
# 
_exptl_crystal_grow.crystal_id      1 
_exptl_crystal_grow.method          ? 
_exptl_crystal_grow.temp            ? 
_exptl_crystal_grow.temp_details    ? 
_exptl_crystal_grow.pH              4.6 
_exptl_crystal_grow.pdbx_details    '0.1M SODIUM ACETATE PH 4.6, 2.0 M SODIUM CHLORIDE' 
_exptl_crystal_grow.pdbx_pH_range   ? 
# 
_diffrn.id                     1 
_diffrn.ambient_temp           100 
_diffrn.ambient_temp_details   ? 
_diffrn.crystal_id             1 
# 
_diffrn_detector.diffrn_id              1 
_diffrn_detector.detector               'IMAGE PLATE' 
_diffrn_detector.type                   'MAR scanner 345 mm plate' 
_diffrn_detector.pdbx_collection_date   1997-11 
_diffrn_detector.details                ? 
# 
_diffrn_radiation.diffrn_id                        1 
_diffrn_radiation.wavelength_id                    1 
_diffrn_radiation.pdbx_monochromatic_or_laue_m_l   M 
_diffrn_radiation.monochromator                    ? 
_diffrn_radiation.pdbx_diffrn_protocol             MAD 
_diffrn_radiation.pdbx_scattering_type             x-ray 
# 
loop_
_diffrn_radiation_wavelength.id 
_diffrn_radiation_wavelength.wavelength 
_diffrn_radiation_wavelength.wt 
1 0.8983 1.0 
2 0.946  1.0 
# 
_diffrn_source.diffrn_id                   1 
_diffrn_source.source                      SYNCHROTRON 
_diffrn_source.type                        'ESRF BEAMLINE BM14' 
_diffrn_source.pdbx_synchrotron_site       ESRF 
_diffrn_source.pdbx_synchrotron_beamline   BM14 
_diffrn_source.pdbx_wavelength             ? 
_diffrn_source.pdbx_wavelength_list        0.8983,0.946 
# 
_reflns.entry_id                     1CCZ 
_reflns.observed_criterion_sigma_I   ? 
_reflns.observed_criterion_sigma_F   ? 
_reflns.d_resolution_low             30.0 
_reflns.d_resolution_high            1.80 
_reflns.number_obs                   187375 
_reflns.number_all                   ? 
_reflns.percent_possible_obs         100.0 
_reflns.pdbx_Rmerge_I_obs            0.09 
_reflns.pdbx_Rsym_value              ? 
_reflns.pdbx_netI_over_sigmaI        15.9 
_reflns.B_iso_Wilson_estimate        14.7 
_reflns.pdbx_redundancy              5.0 
_reflns.R_free_details               ? 
_reflns.pdbx_ordinal                 1 
_reflns.pdbx_diffrn_id               1 
# 
_reflns_shell.d_res_high             1.8 
_reflns_shell.d_res_low              1.86 
_reflns_shell.percent_possible_all   100.0 
_reflns_shell.Rmerge_I_obs           0.423 
_reflns_shell.pdbx_Rsym_value        ? 
_reflns_shell.meanI_over_sigI_obs    2.3 
_reflns_shell.pdbx_redundancy        ? 
_reflns_shell.percent_possible_obs   ? 
_reflns_shell.number_unique_all      ? 
_reflns_shell.pdbx_ordinal           1 
_reflns_shell.pdbx_diffrn_id         1 
# 
_refine.entry_id                                 1CCZ 
_refine.ls_number_reflns_obs                     35955 
_refine.ls_number_reflns_all                     ? 
_refine.pdbx_ls_sigma_I                          ? 
_refine.pdbx_ls_sigma_F                          0.0 
_refine.pdbx_data_cutoff_high_absF               ? 
_refine.pdbx_data_cutoff_low_absF                ? 
_refine.pdbx_data_cutoff_high_rms_absF           ? 
_refine.ls_d_res_low                             15.0 
_refine.ls_d_res_high                            1.8 
_refine.ls_percent_reflns_obs                    96.3 
_refine.ls_R_factor_obs                          ? 
_refine.ls_R_factor_all                          ? 
_refine.ls_R_factor_R_work                       0.2018 
_refine.ls_R_factor_R_free                       0.243 
_refine.ls_R_factor_R_free_error                 0.006 
_refine.ls_R_factor_R_free_error_details         ? 
_refine.ls_percent_reflns_R_free                 5.0 
_refine.ls_number_reflns_R_free                  1785 
_refine.ls_number_parameters                     ? 
_refine.ls_number_restraints                     ? 
_refine.occupancy_min                            ? 
_refine.occupancy_max                            ? 
_refine.B_iso_mean                               33.9 
_refine.aniso_B[1][1]                            1.56 
_refine.aniso_B[2][2]                            1.56 
_refine.aniso_B[3][3]                            -3.12 
_refine.aniso_B[1][2]                            2.00 
_refine.aniso_B[1][3]                            0.00 
_refine.aniso_B[2][3]                            0.00 
_refine.solvent_model_details                    ? 
_refine.solvent_model_param_ksol                 ? 
_refine.solvent_model_param_bsol                 ? 
_refine.pdbx_ls_cross_valid_method               THROUGHOUT 
_refine.details                                  ? 
_refine.pdbx_starting_model                      'PDB ENTRY 1HNG' 
_refine.pdbx_method_to_determine_struct          'MOLECULAR REPLACEMENT' 
_refine.pdbx_isotropic_thermal_model             RESTRAINED 
_refine.pdbx_stereochemistry_target_values       ? 
_refine.pdbx_stereochem_target_val_spec_case     ? 
_refine.pdbx_R_Free_selection_details            RANDOM 
_refine.pdbx_overall_ESU_R                       ? 
_refine.pdbx_overall_ESU_R_Free                  ? 
_refine.overall_SU_ML                            ? 
_refine.overall_SU_B                             ? 
_refine.ls_redundancy_reflns_obs                 ? 
_refine.pdbx_refine_id                           'X-RAY DIFFRACTION' 
_refine.pdbx_diffrn_id                           1 
_refine.pdbx_TLS_residual_ADP_flag               ? 
_refine.correlation_coeff_Fo_to_Fc               ? 
_refine.correlation_coeff_Fo_to_Fc_free          ? 
_refine.pdbx_solvent_vdw_probe_radii             ? 
_refine.pdbx_solvent_ion_probe_radii             ? 
_refine.pdbx_solvent_shrinkage_radii             ? 
_refine.pdbx_overall_phase_error                 ? 
_refine.overall_SU_R_Cruickshank_DPI             ? 
_refine.pdbx_overall_SU_R_free_Cruickshank_DPI   ? 
_refine.pdbx_overall_SU_R_Blow_DPI               ? 
_refine.pdbx_overall_SU_R_free_Blow_DPI          ? 
# 
_refine_analyze.entry_id                        1CCZ 
_refine_analyze.Luzzati_coordinate_error_obs    0.25 
_refine_analyze.Luzzati_sigma_a_obs             0.29 
_refine_analyze.Luzzati_d_res_low_obs           5.0 
_refine_analyze.Luzzati_coordinate_error_free   0.29 
_refine_analyze.Luzzati_sigma_a_free            0.28 
_refine_analyze.Luzzati_d_res_low_free          ? 
_refine_analyze.number_disordered_residues      ? 
_refine_analyze.occupancy_sum_hydrogen          ? 
_refine_analyze.occupancy_sum_non_hydrogen      ? 
_refine_analyze.pdbx_refine_id                  'X-RAY DIFFRACTION' 
# 
_refine_hist.pdbx_refine_id                   'X-RAY DIFFRACTION' 
_refine_hist.cycle_id                         LAST 
_refine_hist.pdbx_number_atoms_protein        1398 
_refine_hist.pdbx_number_atoms_nucleic_acid   0 
_refine_hist.pdbx_number_atoms_ligand         42 
_refine_hist.number_atoms_solvent             197 
_refine_hist.number_atoms_total               1637 
_refine_hist.d_res_high                       1.8 
_refine_hist.d_res_low                        15.0 
# 
loop_
_refine_ls_restr.type 
_refine_ls_restr.dev_ideal 
_refine_ls_restr.dev_ideal_target 
_refine_ls_restr.weight 
_refine_ls_restr.number 
_refine_ls_restr.pdbx_refine_id 
_refine_ls_restr.pdbx_restraint_function 
x_bond_d                0.011 ?    ? ? 'X-RAY DIFFRACTION' ? 
x_bond_d_na             ?     ?    ? ? 'X-RAY DIFFRACTION' ? 
x_bond_d_prot           ?     ?    ? ? 'X-RAY DIFFRACTION' ? 
x_angle_d               ?     ?    ? ? 'X-RAY DIFFRACTION' ? 
x_angle_d_na            ?     ?    ? ? 'X-RAY DIFFRACTION' ? 
x_angle_d_prot          ?     ?    ? ? 'X-RAY DIFFRACTION' ? 
x_angle_deg             1.6   ?    ? ? 'X-RAY DIFFRACTION' ? 
x_angle_deg_na          ?     ?    ? ? 'X-RAY DIFFRACTION' ? 
x_angle_deg_prot        ?     ?    ? ? 'X-RAY DIFFRACTION' ? 
x_dihedral_angle_d      28.5  ?    ? ? 'X-RAY DIFFRACTION' ? 
x_dihedral_angle_d_na   ?     ?    ? ? 'X-RAY DIFFRACTION' ? 
x_dihedral_angle_d_prot ?     ?    ? ? 'X-RAY DIFFRACTION' ? 
x_improper_angle_d      0.88  ?    ? ? 'X-RAY DIFFRACTION' ? 
x_improper_angle_d_na   ?     ?    ? ? 'X-RAY DIFFRACTION' ? 
x_improper_angle_d_prot ?     ?    ? ? 'X-RAY DIFFRACTION' ? 
x_mcbond_it             2.19  1.50 ? ? 'X-RAY DIFFRACTION' ? 
x_mcangle_it            3.71  2.00 ? ? 'X-RAY DIFFRACTION' ? 
x_scbond_it             3.70  2.00 ? ? 'X-RAY DIFFRACTION' ? 
x_scangle_it            5.86  2.50 ? ? 'X-RAY DIFFRACTION' ? 
# 
_refine_ls_shell.pdbx_total_number_of_bins_used   8 
_refine_ls_shell.d_res_high                       1.8 
_refine_ls_shell.d_res_low                        1.88 
_refine_ls_shell.number_reflns_R_work             3902 
_refine_ls_shell.R_factor_R_work                  0.3347 
_refine_ls_shell.percent_reflns_obs               88.8 
_refine_ls_shell.R_factor_R_free                  0.3452 
_refine_ls_shell.R_factor_R_free_error            0.021 
_refine_ls_shell.percent_reflns_R_free            4.7 
_refine_ls_shell.number_reflns_R_free             193 
_refine_ls_shell.redundancy_reflns_obs            ? 
_refine_ls_shell.pdbx_refine_id                   'X-RAY DIFFRACTION' 
_refine_ls_shell.number_reflns_all                ? 
_refine_ls_shell.R_factor_all                     ? 
# 
loop_
_pdbx_xplor_file.serial_no 
_pdbx_xplor_file.param_file 
_pdbx_xplor_file.topol_file 
_pdbx_xplor_file.pdbx_refine_id 
1 PARHCSDX.PRO TOPHCSDX.PRO 'X-RAY DIFFRACTION' 
2 PARAM3.CHO   TOPH3.CHO    'X-RAY DIFFRACTION' 
3 PARAM11.WAT  TOPH11.WAT   'X-RAY DIFFRACTION' 
# 
_struct.entry_id                  1CCZ 
_struct.title                     
'CRYSTAL STRUCTURE OF THE CD2-BINDING DOMAIN OF CD58 (LYMPHOCYTE FUNCTION-ASSOCIATED ANTIGEN 3) AT 1.8-A RESOLUTION' 
_struct.pdbx_model_details        ? 
_struct.pdbx_CASP_flag            ? 
_struct.pdbx_model_type_details   ? 
# 
_struct_keywords.entry_id        1CCZ 
_struct_keywords.pdbx_keywords   GLYCOPROTEIN 
_struct_keywords.text            'CD58, LFA-3, GLYCOPROTEIN' 
# 
loop_
_struct_asym.id 
_struct_asym.pdbx_blank_PDB_chainid_flag 
_struct_asym.pdbx_modified 
_struct_asym.entity_id 
_struct_asym.details 
A N N 1 ? 
B N N 2 ? 
C N N 2 ? 
D N N 2 ? 
E N N 3 ? 
# 
_struct_ref.id                         1 
_struct_ref.db_name                    UNP 
_struct_ref.db_code                    LFA3_HUMAN 
_struct_ref.entity_id                  1 
_struct_ref.pdbx_db_accession          P19256 
_struct_ref.pdbx_db_isoform            ? 
_struct_ref.pdbx_seq_one_letter_code   ? 
_struct_ref.pdbx_align_begin           ? 
# 
_struct_ref_seq.align_id                      1 
_struct_ref_seq.ref_id                        1 
_struct_ref_seq.pdbx_PDB_id_code              1CCZ 
_struct_ref_seq.pdbx_strand_id                A 
_struct_ref_seq.seq_align_beg                 1 
_struct_ref_seq.pdbx_seq_align_beg_ins_code   ? 
_struct_ref_seq.seq_align_end                 94 
_struct_ref_seq.pdbx_seq_align_end_ins_code   ? 
_struct_ref_seq.pdbx_db_accession             P19256 
_struct_ref_seq.db_align_beg                  29 
_struct_ref_seq.pdbx_db_align_beg_ins_code    ? 
_struct_ref_seq.db_align_end                  122 
_struct_ref_seq.pdbx_db_align_end_ins_code    ? 
_struct_ref_seq.pdbx_auth_seq_align_beg       1 
_struct_ref_seq.pdbx_auth_seq_align_end       94 
# 
_pdbx_struct_assembly.id                   1 
_pdbx_struct_assembly.details              author_defined_assembly 
_pdbx_struct_assembly.method_details       ? 
_pdbx_struct_assembly.oligomeric_details   monomeric 
_pdbx_struct_assembly.oligomeric_count     1 
# 
_pdbx_struct_assembly_gen.assembly_id       1 
_pdbx_struct_assembly_gen.oper_expression   1 
_pdbx_struct_assembly_gen.asym_id_list      A,B,C,D,E 
# 
_pdbx_struct_oper_list.id                   1 
_pdbx_struct_oper_list.type                 'identity operation' 
_pdbx_struct_oper_list.name                 1_555 
_pdbx_struct_oper_list.symmetry_operation   x,y,z 
_pdbx_struct_oper_list.matrix[1][1]         1.0000000000 
_pdbx_struct_oper_list.matrix[1][2]         0.0000000000 
_pdbx_struct_oper_list.matrix[1][3]         0.0000000000 
_pdbx_struct_oper_list.vector[1]            0.0000000000 
_pdbx_struct_oper_list.matrix[2][1]         0.0000000000 
_pdbx_struct_oper_list.matrix[2][2]         1.0000000000 
_pdbx_struct_oper_list.matrix[2][3]         0.0000000000 
_pdbx_struct_oper_list.vector[2]            0.0000000000 
_pdbx_struct_oper_list.matrix[3][1]         0.0000000000 
_pdbx_struct_oper_list.matrix[3][2]         0.0000000000 
_pdbx_struct_oper_list.matrix[3][3]         1.0000000000 
_pdbx_struct_oper_list.vector[3]            0.0000000000 
# 
_struct_biol.id   1 
# 
loop_
_struct_conf.conf_type_id 
_struct_conf.id 
_struct_conf.pdbx_PDB_helix_id 
_struct_conf.beg_label_comp_id 
_struct_conf.beg_label_asym_id 
_struct_conf.beg_label_seq_id 
_struct_conf.pdbx_beg_PDB_ins_code 
_struct_conf.end_label_comp_id 
_struct_conf.end_label_asym_id 
_struct_conf.end_label_seq_id 
_struct_conf.pdbx_end_PDB_ins_code 
_struct_conf.beg_auth_comp_id 
_struct_conf.beg_auth_asym_id 
_struct_conf.beg_auth_seq_id 
_struct_conf.end_auth_comp_id 
_struct_conf.end_auth_asym_id 
_struct_conf.end_auth_seq_id 
_struct_conf.pdbx_PDB_helix_class 
_struct_conf.details 
_struct_conf.pdbx_PDB_helix_length 
HELX_P HELX_P1 H1 PHE A 46 ? LYS A 50 ? PHE A 46 LYS A 50 5 ? 5 
HELX_P HELX_P2 H2 THR A 68 ? GLU A 72 ? THR A 68 GLU A 72 5 ? 5 
# 
_struct_conf_type.id          HELX_P 
_struct_conf_type.criteria    ? 
_struct_conf_type.reference   ? 
# 
loop_
_struct_conn.id 
_struct_conn.conn_type_id 
_struct_conn.pdbx_leaving_atom_flag 
_struct_conn.pdbx_PDB_id 
_struct_conn.ptnr1_label_asym_id 
_struct_conn.ptnr1_label_comp_id 
_struct_conn.ptnr1_label_seq_id 
_struct_conn.ptnr1_label_atom_id 
_struct_conn.pdbx_ptnr1_label_alt_id 
_struct_conn.pdbx_ptnr1_PDB_ins_code 
_struct_conn.pdbx_ptnr1_standard_comp_id 
_struct_conn.ptnr1_symmetry 
_struct_conn.ptnr2_label_asym_id 
_struct_conn.ptnr2_label_comp_id 
_struct_conn.ptnr2_label_seq_id 
_struct_conn.ptnr2_label_atom_id 
_struct_conn.pdbx_ptnr2_label_alt_id 
_struct_conn.pdbx_ptnr2_PDB_ins_code 
_struct_conn.ptnr1_auth_asym_id 
_struct_conn.ptnr1_auth_comp_id 
_struct_conn.ptnr1_auth_seq_id 
_struct_conn.ptnr2_auth_asym_id 
_struct_conn.ptnr2_auth_comp_id 
_struct_conn.ptnr2_auth_seq_id 
_struct_conn.ptnr2_symmetry 
_struct_conn.pdbx_ptnr3_label_atom_id 
_struct_conn.pdbx_ptnr3_label_seq_id 
_struct_conn.pdbx_ptnr3_label_comp_id 
_struct_conn.pdbx_ptnr3_label_asym_id 
_struct_conn.pdbx_ptnr3_label_alt_id 
_struct_conn.pdbx_ptnr3_PDB_ins_code 
_struct_conn.details 
_struct_conn.pdbx_dist_value 
_struct_conn.pdbx_value_order 
_struct_conn.pdbx_role 
disulf1 disulf ?   ? A CYS 105 SG  ? ? ? 1_555 A CYS 169 SG ? ? A CYS 105 A CYS 169 1_555 ? ? ? ? ? ? ? 2.034 ? ?               
disulf2 disulf ?   ? A CYS 112 SG  ? ? ? 1_555 A CYS 152 SG ? ? A CYS 112 A CYS 152 1_555 ? ? ? ? ? ? ? 2.004 ? ?               
covale1 covale one ? A ASN 12  ND2 ? ? ? 1_555 B NAG .   C1 ? ? A ASN 12  A NAG 501 1_555 ? ? ? ? ? ? ? 1.449 ? N-Glycosylation 
covale2 covale one ? A ASN 66  ND2 ? ? ? 1_555 C NAG .   C1 ? ? A ASN 66  A NAG 502 1_555 ? ? ? ? ? ? ? 1.450 ? N-Glycosylation 
covale3 covale one ? A ASN 107 ND2 ? ? ? 1_555 D NAG .   C1 ? ? A ASN 107 A NAG 503 1_555 ? ? ? ? ? ? ? 1.444 ? N-Glycosylation 
# 
loop_
_struct_conn_type.id 
_struct_conn_type.criteria 
_struct_conn_type.reference 
disulf ? ? 
covale ? ? 
# 
loop_
_pdbx_modification_feature.ordinal 
_pdbx_modification_feature.label_comp_id 
_pdbx_modification_feature.label_asym_id 
_pdbx_modification_feature.label_seq_id 
_pdbx_modification_feature.label_alt_id 
_pdbx_modification_feature.modified_residue_label_comp_id 
_pdbx_modification_feature.modified_residue_label_asym_id 
_pdbx_modification_feature.modified_residue_label_seq_id 
_pdbx_modification_feature.modified_residue_label_alt_id 
_pdbx_modification_feature.auth_comp_id 
_pdbx_modification_feature.auth_asym_id 
_pdbx_modification_feature.auth_seq_id 
_pdbx_modification_feature.PDB_ins_code 
_pdbx_modification_feature.symmetry 
_pdbx_modification_feature.modified_residue_auth_comp_id 
_pdbx_modification_feature.modified_residue_auth_asym_id 
_pdbx_modification_feature.modified_residue_auth_seq_id 
_pdbx_modification_feature.modified_residue_PDB_ins_code 
_pdbx_modification_feature.modified_residue_symmetry 
_pdbx_modification_feature.comp_id_linking_atom 
_pdbx_modification_feature.modified_residue_id_linking_atom 
_pdbx_modification_feature.modified_residue_id 
_pdbx_modification_feature.ref_pcm_id 
_pdbx_modification_feature.ref_comp_id 
_pdbx_modification_feature.type 
_pdbx_modification_feature.category 
1 NAG B .   ? ASN A 12  ? NAG A 501 ? 1_555 ASN A 12  ? 1_555 C1 ND2 ASN 1 NAG N-Glycosylation Carbohydrate       
2 NAG C .   ? ASN A 66  ? NAG A 502 ? 1_555 ASN A 66  ? 1_555 C1 ND2 ASN 1 NAG N-Glycosylation Carbohydrate       
3 NAG D .   ? ASN A 107 ? NAG A 503 ? 1_555 ASN A 107 ? 1_555 C1 ND2 ASN 1 NAG N-Glycosylation Carbohydrate       
4 CYS A 105 ? CYS A 169 ? CYS A 105 ? 1_555 CYS A 169 ? 1_555 SG SG  .   . .   None            'Disulfide bridge' 
5 CYS A 112 ? CYS A 152 ? CYS A 112 ? 1_555 CYS A 152 ? 1_555 SG SG  .   . .   None            'Disulfide bridge' 
# 
loop_
_struct_sheet.id 
_struct_sheet.type 
_struct_sheet.number_strands 
_struct_sheet.details 
A ? 6 ? 
B ? 3 ? 
C ? 2 ? 
D ? 2 ? 
E ? 2 ? 
# 
loop_
_struct_sheet_order.sheet_id 
_struct_sheet_order.range_id_1 
_struct_sheet_order.range_id_2 
_struct_sheet_order.offset 
_struct_sheet_order.sense 
A 1 2 ? parallel      
A 2 3 ? anti-parallel 
A 3 4 ? anti-parallel 
A 4 5 ? anti-parallel 
A 5 6 ? anti-parallel 
B 1 2 ? anti-parallel 
B 2 3 ? anti-parallel 
C 1 2 ? anti-parallel 
D 1 2 ? anti-parallel 
E 1 2 ? anti-parallel 
# 
loop_
_struct_sheet_range.sheet_id 
_struct_sheet_range.id 
_struct_sheet_range.beg_label_comp_id 
_struct_sheet_range.beg_label_asym_id 
_struct_sheet_range.beg_label_seq_id 
_struct_sheet_range.pdbx_beg_PDB_ins_code 
_struct_sheet_range.end_label_comp_id 
_struct_sheet_range.end_label_asym_id 
_struct_sheet_range.end_label_seq_id 
_struct_sheet_range.pdbx_end_PDB_ins_code 
_struct_sheet_range.beg_auth_comp_id 
_struct_sheet_range.beg_auth_asym_id 
_struct_sheet_range.beg_auth_seq_id 
_struct_sheet_range.end_auth_comp_id 
_struct_sheet_range.end_auth_asym_id 
_struct_sheet_range.end_auth_seq_id 
A 1 SER A 2   ? VAL A 8   ? SER A 2   VAL A 8   
A 2 MET A 86  ? LEU A 93  ? MET A 86  LEU A 93  
A 3 ASP A 73  ? GLU A 78  ? ASP A 73  GLU A 78  
A 4 VAL A 26  ? LYS A 30  ? VAL A 26  LYS A 30  
A 5 ASP A 33  ? GLU A 39  ? ASP A 33  GLU A 39  
A 6 GLU A 42  ? ALA A 45  ? GLU A 42  ALA A 45  
B 1 VAL A 13  ? PHE A 15  ? VAL A 13  PHE A 15  
B 2 LEU A 62  ? ILE A 64  ? LEU A 62  ILE A 64  
B 3 VAL A 53  ? LEU A 55  ? VAL A 53  LEU A 55  
C 1 MET A 100 ? GLU A 104 ? MET A 100 GLU A 104 
C 2 THR A 109 ? GLU A 113 ? THR A 109 GLU A 113 
D 1 LEU A 124 ? GLN A 126 ? LEU A 124 GLN A 126 
D 2 GLU A 129 ? ARG A 132 ? GLU A 129 ARG A 132 
E 1 PHE A 150 ? ASN A 156 ? PHE A 150 ASN A 156 
E 2 SER A 159 ? GLU A 165 ? SER A 159 GLU A 165 
# 
loop_
_pdbx_struct_sheet_hbond.sheet_id 
_pdbx_struct_sheet_hbond.range_id_1 
_pdbx_struct_sheet_hbond.range_id_2 
_pdbx_struct_sheet_hbond.range_1_label_atom_id 
_pdbx_struct_sheet_hbond.range_1_label_comp_id 
_pdbx_struct_sheet_hbond.range_1_label_asym_id 
_pdbx_struct_sheet_hbond.range_1_label_seq_id 
_pdbx_struct_sheet_hbond.range_1_PDB_ins_code 
_pdbx_struct_sheet_hbond.range_1_auth_atom_id 
_pdbx_struct_sheet_hbond.range_1_auth_comp_id 
_pdbx_struct_sheet_hbond.range_1_auth_asym_id 
_pdbx_struct_sheet_hbond.range_1_auth_seq_id 
_pdbx_struct_sheet_hbond.range_2_label_atom_id 
_pdbx_struct_sheet_hbond.range_2_label_comp_id 
_pdbx_struct_sheet_hbond.range_2_label_asym_id 
_pdbx_struct_sheet_hbond.range_2_label_seq_id 
_pdbx_struct_sheet_hbond.range_2_PDB_ins_code 
_pdbx_struct_sheet_hbond.range_2_auth_atom_id 
_pdbx_struct_sheet_hbond.range_2_auth_comp_id 
_pdbx_struct_sheet_hbond.range_2_auth_asym_id 
_pdbx_struct_sheet_hbond.range_2_auth_seq_id 
A 1 2 O GLN A 3   ? O GLN A 3   N LYS A 87  ? N LYS A 87  
A 2 3 O MET A 86  ? O MET A 86  N MET A 77  ? N MET A 77  
A 3 4 O GLU A 76  ? O GLU A 76  N LYS A 29  ? N LYS A 29  
A 4 5 O VAL A 26  ? O VAL A 26  N LEU A 38  ? N LEU A 38  
A 5 6 O GLU A 37  ? O GLU A 37  N ARG A 44  ? N ARG A 44  
B 1 2 O VAL A 13  ? O VAL A 13  N ILE A 64  ? N ILE A 64  
B 2 3 O THR A 63  ? O THR A 63  N TYR A 54  ? N TYR A 54  
C 1 2 O MET A 100 ? O MET A 100 N GLU A 113 ? N GLU A 113 
D 1 2 O LEU A 124 ? O LEU A 124 N ARG A 132 ? N ARG A 132 
E 1 2 O PHE A 150 ? O PHE A 150 N GLU A 165 ? N GLU A 165 
# 
_pdbx_entry_details.entry_id                   1CCZ 
_pdbx_entry_details.compound_details           ? 
_pdbx_entry_details.source_details             ? 
_pdbx_entry_details.nonpolymer_details         ? 
_pdbx_entry_details.sequence_details           ? 
_pdbx_entry_details.has_ligand_of_interest     ? 
_pdbx_entry_details.has_protein_modification   Y 
# 
_pdbx_validate_rmsd_angle.id                         1 
_pdbx_validate_rmsd_angle.PDB_model_num              1 
_pdbx_validate_rmsd_angle.auth_atom_id_1             CA 
_pdbx_validate_rmsd_angle.auth_asym_id_1             A 
_pdbx_validate_rmsd_angle.auth_comp_id_1             LEU 
_pdbx_validate_rmsd_angle.auth_seq_id_1              110 
_pdbx_validate_rmsd_angle.PDB_ins_code_1             ? 
_pdbx_validate_rmsd_angle.label_alt_id_1             ? 
_pdbx_validate_rmsd_angle.auth_atom_id_2             CB 
_pdbx_validate_rmsd_angle.auth_asym_id_2             A 
_pdbx_validate_rmsd_angle.auth_comp_id_2             LEU 
_pdbx_validate_rmsd_angle.auth_seq_id_2              110 
_pdbx_validate_rmsd_angle.PDB_ins_code_2             ? 
_pdbx_validate_rmsd_angle.label_alt_id_2             ? 
_pdbx_validate_rmsd_angle.auth_atom_id_3             CG 
_pdbx_validate_rmsd_angle.auth_asym_id_3             A 
_pdbx_validate_rmsd_angle.auth_comp_id_3             LEU 
_pdbx_validate_rmsd_angle.auth_seq_id_3              110 
_pdbx_validate_rmsd_angle.PDB_ins_code_3             ? 
_pdbx_validate_rmsd_angle.label_alt_id_3             ? 
_pdbx_validate_rmsd_angle.angle_value                129.20 
_pdbx_validate_rmsd_angle.angle_target_value         115.30 
_pdbx_validate_rmsd_angle.angle_deviation            13.90 
_pdbx_validate_rmsd_angle.angle_standard_deviation   2.30 
_pdbx_validate_rmsd_angle.linker_flag                N 
# 
loop_
_pdbx_validate_torsion.id 
_pdbx_validate_torsion.PDB_model_num 
_pdbx_validate_torsion.auth_comp_id 
_pdbx_validate_torsion.auth_asym_id 
_pdbx_validate_torsion.auth_seq_id 
_pdbx_validate_torsion.PDB_ins_code 
_pdbx_validate_torsion.label_alt_id 
_pdbx_validate_torsion.phi 
_pdbx_validate_torsion.psi 
1 1 TYR A 10  ? ? 69.30   -6.93   
2 1 PRO A 18  ? ? -37.07  113.08  
3 1 ASN A 20  ? ? -129.80 -99.57  
4 1 GLN A 31  ? ? 74.13   -116.92 
5 1 SER A 47  ? ? 45.08   -131.38 
6 1 ASP A 73  ? ? 177.23  -179.57 
7 1 ALA A 108 ? ? 39.45   47.67   
# 
loop_
_pdbx_struct_mod_residue.id 
_pdbx_struct_mod_residue.label_asym_id 
_pdbx_struct_mod_residue.label_comp_id 
_pdbx_struct_mod_residue.label_seq_id 
_pdbx_struct_mod_residue.auth_asym_id 
_pdbx_struct_mod_residue.auth_comp_id 
_pdbx_struct_mod_residue.auth_seq_id 
_pdbx_struct_mod_residue.PDB_ins_code 
_pdbx_struct_mod_residue.parent_comp_id 
_pdbx_struct_mod_residue.details 
1 A ASN 12  A ASN 12  ? ASN 'GLYCOSYLATION SITE' 
2 A ASN 66  A ASN 66  ? ASN 'GLYCOSYLATION SITE' 
3 A ASN 107 A ASN 107 ? ASN 'GLYCOSYLATION SITE' 
# 
loop_
_chem_comp_atom.comp_id 
_chem_comp_atom.atom_id 
_chem_comp_atom.type_symbol 
_chem_comp_atom.pdbx_aromatic_flag 
_chem_comp_atom.pdbx_stereo_config 
_chem_comp_atom.pdbx_ordinal 
ALA N    N N N 1   
ALA CA   C N S 2   
ALA C    C N N 3   
ALA O    O N N 4   
ALA CB   C N N 5   
ALA OXT  O N N 6   
ALA H    H N N 7   
ALA H2   H N N 8   
ALA HA   H N N 9   
ALA HB1  H N N 10  
ALA HB2  H N N 11  
ALA HB3  H N N 12  
ALA HXT  H N N 13  
ARG N    N N N 14  
ARG CA   C N S 15  
ARG C    C N N 16  
ARG O    O N N 17  
ARG CB   C N N 18  
ARG CG   C N N 19  
ARG CD   C N N 20  
ARG NE   N N N 21  
ARG CZ   C N N 22  
ARG NH1  N N N 23  
ARG NH2  N N N 24  
ARG OXT  O N N 25  
ARG H    H N N 26  
ARG H2   H N N 27  
ARG HA   H N N 28  
ARG HB2  H N N 29  
ARG HB3  H N N 30  
ARG HG2  H N N 31  
ARG HG3  H N N 32  
ARG HD2  H N N 33  
ARG HD3  H N N 34  
ARG HE   H N N 35  
ARG HH11 H N N 36  
ARG HH12 H N N 37  
ARG HH21 H N N 38  
ARG HH22 H N N 39  
ARG HXT  H N N 40  
ASN N    N N N 41  
ASN CA   C N S 42  
ASN C    C N N 43  
ASN O    O N N 44  
ASN CB   C N N 45  
ASN CG   C N N 46  
ASN OD1  O N N 47  
ASN ND2  N N N 48  
ASN OXT  O N N 49  
ASN H    H N N 50  
ASN H2   H N N 51  
ASN HA   H N N 52  
ASN HB2  H N N 53  
ASN HB3  H N N 54  
ASN HD21 H N N 55  
ASN HD22 H N N 56  
ASN HXT  H N N 57  
ASP N    N N N 58  
ASP CA   C N S 59  
ASP C    C N N 60  
ASP O    O N N 61  
ASP CB   C N N 62  
ASP CG   C N N 63  
ASP OD1  O N N 64  
ASP OD2  O N N 65  
ASP OXT  O N N 66  
ASP H    H N N 67  
ASP H2   H N N 68  
ASP HA   H N N 69  
ASP HB2  H N N 70  
ASP HB3  H N N 71  
ASP HD2  H N N 72  
ASP HXT  H N N 73  
CYS N    N N N 74  
CYS CA   C N R 75  
CYS C    C N N 76  
CYS O    O N N 77  
CYS CB   C N N 78  
CYS SG   S N N 79  
CYS OXT  O N N 80  
CYS H    H N N 81  
CYS H2   H N N 82  
CYS HA   H N N 83  
CYS HB2  H N N 84  
CYS HB3  H N N 85  
CYS HG   H N N 86  
CYS HXT  H N N 87  
GLN N    N N N 88  
GLN CA   C N S 89  
GLN C    C N N 90  
GLN O    O N N 91  
GLN CB   C N N 92  
GLN CG   C N N 93  
GLN CD   C N N 94  
GLN OE1  O N N 95  
GLN NE2  N N N 96  
GLN OXT  O N N 97  
GLN H    H N N 98  
GLN H2   H N N 99  
GLN HA   H N N 100 
GLN HB2  H N N 101 
GLN HB3  H N N 102 
GLN HG2  H N N 103 
GLN HG3  H N N 104 
GLN HE21 H N N 105 
GLN HE22 H N N 106 
GLN HXT  H N N 107 
GLU N    N N N 108 
GLU CA   C N S 109 
GLU C    C N N 110 
GLU O    O N N 111 
GLU CB   C N N 112 
GLU CG   C N N 113 
GLU CD   C N N 114 
GLU OE1  O N N 115 
GLU OE2  O N N 116 
GLU OXT  O N N 117 
GLU H    H N N 118 
GLU H2   H N N 119 
GLU HA   H N N 120 
GLU HB2  H N N 121 
GLU HB3  H N N 122 
GLU HG2  H N N 123 
GLU HG3  H N N 124 
GLU HE2  H N N 125 
GLU HXT  H N N 126 
GLY N    N N N 127 
GLY CA   C N N 128 
GLY C    C N N 129 
GLY O    O N N 130 
GLY OXT  O N N 131 
GLY H    H N N 132 
GLY H2   H N N 133 
GLY HA2  H N N 134 
GLY HA3  H N N 135 
GLY HXT  H N N 136 
HIS N    N N N 137 
HIS CA   C N S 138 
HIS C    C N N 139 
HIS O    O N N 140 
HIS CB   C N N 141 
HIS CG   C Y N 142 
HIS ND1  N Y N 143 
HIS CD2  C Y N 144 
HIS CE1  C Y N 145 
HIS NE2  N Y N 146 
HIS OXT  O N N 147 
HIS H    H N N 148 
HIS H2   H N N 149 
HIS HA   H N N 150 
HIS HB2  H N N 151 
HIS HB3  H N N 152 
HIS HD1  H N N 153 
HIS HD2  H N N 154 
HIS HE1  H N N 155 
HIS HE2  H N N 156 
HIS HXT  H N N 157 
HOH O    O N N 158 
HOH H1   H N N 159 
HOH H2   H N N 160 
ILE N    N N N 161 
ILE CA   C N S 162 
ILE C    C N N 163 
ILE O    O N N 164 
ILE CB   C N S 165 
ILE CG1  C N N 166 
ILE CG2  C N N 167 
ILE CD1  C N N 168 
ILE OXT  O N N 169 
ILE H    H N N 170 
ILE H2   H N N 171 
ILE HA   H N N 172 
ILE HB   H N N 173 
ILE HG12 H N N 174 
ILE HG13 H N N 175 
ILE HG21 H N N 176 
ILE HG22 H N N 177 
ILE HG23 H N N 178 
ILE HD11 H N N 179 
ILE HD12 H N N 180 
ILE HD13 H N N 181 
ILE HXT  H N N 182 
LEU N    N N N 183 
LEU CA   C N S 184 
LEU C    C N N 185 
LEU O    O N N 186 
LEU CB   C N N 187 
LEU CG   C N N 188 
LEU CD1  C N N 189 
LEU CD2  C N N 190 
LEU OXT  O N N 191 
LEU H    H N N 192 
LEU H2   H N N 193 
LEU HA   H N N 194 
LEU HB2  H N N 195 
LEU HB3  H N N 196 
LEU HG   H N N 197 
LEU HD11 H N N 198 
LEU HD12 H N N 199 
LEU HD13 H N N 200 
LEU HD21 H N N 201 
LEU HD22 H N N 202 
LEU HD23 H N N 203 
LEU HXT  H N N 204 
LYS N    N N N 205 
LYS CA   C N S 206 
LYS C    C N N 207 
LYS O    O N N 208 
LYS CB   C N N 209 
LYS CG   C N N 210 
LYS CD   C N N 211 
LYS CE   C N N 212 
LYS NZ   N N N 213 
LYS OXT  O N N 214 
LYS H    H N N 215 
LYS H2   H N N 216 
LYS HA   H N N 217 
LYS HB2  H N N 218 
LYS HB3  H N N 219 
LYS HG2  H N N 220 
LYS HG3  H N N 221 
LYS HD2  H N N 222 
LYS HD3  H N N 223 
LYS HE2  H N N 224 
LYS HE3  H N N 225 
LYS HZ1  H N N 226 
LYS HZ2  H N N 227 
LYS HZ3  H N N 228 
LYS HXT  H N N 229 
MET N    N N N 230 
MET CA   C N S 231 
MET C    C N N 232 
MET O    O N N 233 
MET CB   C N N 234 
MET CG   C N N 235 
MET SD   S N N 236 
MET CE   C N N 237 
MET OXT  O N N 238 
MET H    H N N 239 
MET H2   H N N 240 
MET HA   H N N 241 
MET HB2  H N N 242 
MET HB3  H N N 243 
MET HG2  H N N 244 
MET HG3  H N N 245 
MET HE1  H N N 246 
MET HE2  H N N 247 
MET HE3  H N N 248 
MET HXT  H N N 249 
NAG C1   C N R 250 
NAG C2   C N R 251 
NAG C3   C N R 252 
NAG C4   C N S 253 
NAG C5   C N R 254 
NAG C6   C N N 255 
NAG C7   C N N 256 
NAG C8   C N N 257 
NAG N2   N N N 258 
NAG O1   O N N 259 
NAG O3   O N N 260 
NAG O4   O N N 261 
NAG O5   O N N 262 
NAG O6   O N N 263 
NAG O7   O N N 264 
NAG H1   H N N 265 
NAG H2   H N N 266 
NAG H3   H N N 267 
NAG H4   H N N 268 
NAG H5   H N N 269 
NAG H61  H N N 270 
NAG H62  H N N 271 
NAG H81  H N N 272 
NAG H82  H N N 273 
NAG H83  H N N 274 
NAG HN2  H N N 275 
NAG HO1  H N N 276 
NAG HO3  H N N 277 
NAG HO4  H N N 278 
NAG HO6  H N N 279 
PHE N    N N N 280 
PHE CA   C N S 281 
PHE C    C N N 282 
PHE O    O N N 283 
PHE CB   C N N 284 
PHE CG   C Y N 285 
PHE CD1  C Y N 286 
PHE CD2  C Y N 287 
PHE CE1  C Y N 288 
PHE CE2  C Y N 289 
PHE CZ   C Y N 290 
PHE OXT  O N N 291 
PHE H    H N N 292 
PHE H2   H N N 293 
PHE HA   H N N 294 
PHE HB2  H N N 295 
PHE HB3  H N N 296 
PHE HD1  H N N 297 
PHE HD2  H N N 298 
PHE HE1  H N N 299 
PHE HE2  H N N 300 
PHE HZ   H N N 301 
PHE HXT  H N N 302 
PRO N    N N N 303 
PRO CA   C N S 304 
PRO C    C N N 305 
PRO O    O N N 306 
PRO CB   C N N 307 
PRO CG   C N N 308 
PRO CD   C N N 309 
PRO OXT  O N N 310 
PRO H    H N N 311 
PRO HA   H N N 312 
PRO HB2  H N N 313 
PRO HB3  H N N 314 
PRO HG2  H N N 315 
PRO HG3  H N N 316 
PRO HD2  H N N 317 
PRO HD3  H N N 318 
PRO HXT  H N N 319 
SER N    N N N 320 
SER CA   C N S 321 
SER C    C N N 322 
SER O    O N N 323 
SER CB   C N N 324 
SER OG   O N N 325 
SER OXT  O N N 326 
SER H    H N N 327 
SER H2   H N N 328 
SER HA   H N N 329 
SER HB2  H N N 330 
SER HB3  H N N 331 
SER HG   H N N 332 
SER HXT  H N N 333 
THR N    N N N 334 
THR CA   C N S 335 
THR C    C N N 336 
THR O    O N N 337 
THR CB   C N R 338 
THR OG1  O N N 339 
THR CG2  C N N 340 
THR OXT  O N N 341 
THR H    H N N 342 
THR H2   H N N 343 
THR HA   H N N 344 
THR HB   H N N 345 
THR HG1  H N N 346 
THR HG21 H N N 347 
THR HG22 H N N 348 
THR HG23 H N N 349 
THR HXT  H N N 350 
TRP N    N N N 351 
TRP CA   C N S 352 
TRP C    C N N 353 
TRP O    O N N 354 
TRP CB   C N N 355 
TRP CG   C Y N 356 
TRP CD1  C Y N 357 
TRP CD2  C Y N 358 
TRP NE1  N Y N 359 
TRP CE2  C Y N 360 
TRP CE3  C Y N 361 
TRP CZ2  C Y N 362 
TRP CZ3  C Y N 363 
TRP CH2  C Y N 364 
TRP OXT  O N N 365 
TRP H    H N N 366 
TRP H2   H N N 367 
TRP HA   H N N 368 
TRP HB2  H N N 369 
TRP HB3  H N N 370 
TRP HD1  H N N 371 
TRP HE1  H N N 372 
TRP HE3  H N N 373 
TRP HZ2  H N N 374 
TRP HZ3  H N N 375 
TRP HH2  H N N 376 
TRP HXT  H N N 377 
TYR N    N N N 378 
TYR CA   C N S 379 
TYR C    C N N 380 
TYR O    O N N 381 
TYR CB   C N N 382 
TYR CG   C Y N 383 
TYR CD1  C Y N 384 
TYR CD2  C Y N 385 
TYR CE1  C Y N 386 
TYR CE2  C Y N 387 
TYR CZ   C Y N 388 
TYR OH   O N N 389 
TYR OXT  O N N 390 
TYR H    H N N 391 
TYR H2   H N N 392 
TYR HA   H N N 393 
TYR HB2  H N N 394 
TYR HB3  H N N 395 
TYR HD1  H N N 396 
TYR HD2  H N N 397 
TYR HE1  H N N 398 
TYR HE2  H N N 399 
TYR HH   H N N 400 
TYR HXT  H N N 401 
VAL N    N N N 402 
VAL CA   C N S 403 
VAL C    C N N 404 
VAL O    O N N 405 
VAL CB   C N N 406 
VAL CG1  C N N 407 
VAL CG2  C N N 408 
VAL OXT  O N N 409 
VAL H    H N N 410 
VAL H2   H N N 411 
VAL HA   H N N 412 
VAL HB   H N N 413 
VAL HG11 H N N 414 
VAL HG12 H N N 415 
VAL HG13 H N N 416 
VAL HG21 H N N 417 
VAL HG22 H N N 418 
VAL HG23 H N N 419 
VAL HXT  H N N 420 
# 
loop_
_chem_comp_bond.comp_id 
_chem_comp_bond.atom_id_1 
_chem_comp_bond.atom_id_2 
_chem_comp_bond.value_order 
_chem_comp_bond.pdbx_aromatic_flag 
_chem_comp_bond.pdbx_stereo_config 
_chem_comp_bond.pdbx_ordinal 
ALA N   CA   sing N N 1   
ALA N   H    sing N N 2   
ALA N   H2   sing N N 3   
ALA CA  C    sing N N 4   
ALA CA  CB   sing N N 5   
ALA CA  HA   sing N N 6   
ALA C   O    doub N N 7   
ALA C   OXT  sing N N 8   
ALA CB  HB1  sing N N 9   
ALA CB  HB2  sing N N 10  
ALA CB  HB3  sing N N 11  
ALA OXT HXT  sing N N 12  
ARG N   CA   sing N N 13  
ARG N   H    sing N N 14  
ARG N   H2   sing N N 15  
ARG CA  C    sing N N 16  
ARG CA  CB   sing N N 17  
ARG CA  HA   sing N N 18  
ARG C   O    doub N N 19  
ARG C   OXT  sing N N 20  
ARG CB  CG   sing N N 21  
ARG CB  HB2  sing N N 22  
ARG CB  HB3  sing N N 23  
ARG CG  CD   sing N N 24  
ARG CG  HG2  sing N N 25  
ARG CG  HG3  sing N N 26  
ARG CD  NE   sing N N 27  
ARG CD  HD2  sing N N 28  
ARG CD  HD3  sing N N 29  
ARG NE  CZ   sing N N 30  
ARG NE  HE   sing N N 31  
ARG CZ  NH1  sing N N 32  
ARG CZ  NH2  doub N N 33  
ARG NH1 HH11 sing N N 34  
ARG NH1 HH12 sing N N 35  
ARG NH2 HH21 sing N N 36  
ARG NH2 HH22 sing N N 37  
ARG OXT HXT  sing N N 38  
ASN N   CA   sing N N 39  
ASN N   H    sing N N 40  
ASN N   H2   sing N N 41  
ASN CA  C    sing N N 42  
ASN CA  CB   sing N N 43  
ASN CA  HA   sing N N 44  
ASN C   O    doub N N 45  
ASN C   OXT  sing N N 46  
ASN CB  CG   sing N N 47  
ASN CB  HB2  sing N N 48  
ASN CB  HB3  sing N N 49  
ASN CG  OD1  doub N N 50  
ASN CG  ND2  sing N N 51  
ASN ND2 HD21 sing N N 52  
ASN ND2 HD22 sing N N 53  
ASN OXT HXT  sing N N 54  
ASP N   CA   sing N N 55  
ASP N   H    sing N N 56  
ASP N   H2   sing N N 57  
ASP CA  C    sing N N 58  
ASP CA  CB   sing N N 59  
ASP CA  HA   sing N N 60  
ASP C   O    doub N N 61  
ASP C   OXT  sing N N 62  
ASP CB  CG   sing N N 63  
ASP CB  HB2  sing N N 64  
ASP CB  HB3  sing N N 65  
ASP CG  OD1  doub N N 66  
ASP CG  OD2  sing N N 67  
ASP OD2 HD2  sing N N 68  
ASP OXT HXT  sing N N 69  
CYS N   CA   sing N N 70  
CYS N   H    sing N N 71  
CYS N   H2   sing N N 72  
CYS CA  C    sing N N 73  
CYS CA  CB   sing N N 74  
CYS CA  HA   sing N N 75  
CYS C   O    doub N N 76  
CYS C   OXT  sing N N 77  
CYS CB  SG   sing N N 78  
CYS CB  HB2  sing N N 79  
CYS CB  HB3  sing N N 80  
CYS SG  HG   sing N N 81  
CYS OXT HXT  sing N N 82  
GLN N   CA   sing N N 83  
GLN N   H    sing N N 84  
GLN N   H2   sing N N 85  
GLN CA  C    sing N N 86  
GLN CA  CB   sing N N 87  
GLN CA  HA   sing N N 88  
GLN C   O    doub N N 89  
GLN C   OXT  sing N N 90  
GLN CB  CG   sing N N 91  
GLN CB  HB2  sing N N 92  
GLN CB  HB3  sing N N 93  
GLN CG  CD   sing N N 94  
GLN CG  HG2  sing N N 95  
GLN CG  HG3  sing N N 96  
GLN CD  OE1  doub N N 97  
GLN CD  NE2  sing N N 98  
GLN NE2 HE21 sing N N 99  
GLN NE2 HE22 sing N N 100 
GLN OXT HXT  sing N N 101 
GLU N   CA   sing N N 102 
GLU N   H    sing N N 103 
GLU N   H2   sing N N 104 
GLU CA  C    sing N N 105 
GLU CA  CB   sing N N 106 
GLU CA  HA   sing N N 107 
GLU C   O    doub N N 108 
GLU C   OXT  sing N N 109 
GLU CB  CG   sing N N 110 
GLU CB  HB2  sing N N 111 
GLU CB  HB3  sing N N 112 
GLU CG  CD   sing N N 113 
GLU CG  HG2  sing N N 114 
GLU CG  HG3  sing N N 115 
GLU CD  OE1  doub N N 116 
GLU CD  OE2  sing N N 117 
GLU OE2 HE2  sing N N 118 
GLU OXT HXT  sing N N 119 
GLY N   CA   sing N N 120 
GLY N   H    sing N N 121 
GLY N   H2   sing N N 122 
GLY CA  C    sing N N 123 
GLY CA  HA2  sing N N 124 
GLY CA  HA3  sing N N 125 
GLY C   O    doub N N 126 
GLY C   OXT  sing N N 127 
GLY OXT HXT  sing N N 128 
HIS N   CA   sing N N 129 
HIS N   H    sing N N 130 
HIS N   H2   sing N N 131 
HIS CA  C    sing N N 132 
HIS CA  CB   sing N N 133 
HIS CA  HA   sing N N 134 
HIS C   O    doub N N 135 
HIS C   OXT  sing N N 136 
HIS CB  CG   sing N N 137 
HIS CB  HB2  sing N N 138 
HIS CB  HB3  sing N N 139 
HIS CG  ND1  sing Y N 140 
HIS CG  CD2  doub Y N 141 
HIS ND1 CE1  doub Y N 142 
HIS ND1 HD1  sing N N 143 
HIS CD2 NE2  sing Y N 144 
HIS CD2 HD2  sing N N 145 
HIS CE1 NE2  sing Y N 146 
HIS CE1 HE1  sing N N 147 
HIS NE2 HE2  sing N N 148 
HIS OXT HXT  sing N N 149 
HOH O   H1   sing N N 150 
HOH O   H2   sing N N 151 
ILE N   CA   sing N N 152 
ILE N   H    sing N N 153 
ILE N   H2   sing N N 154 
ILE CA  C    sing N N 155 
ILE CA  CB   sing N N 156 
ILE CA  HA   sing N N 157 
ILE C   O    doub N N 158 
ILE C   OXT  sing N N 159 
ILE CB  CG1  sing N N 160 
ILE CB  CG2  sing N N 161 
ILE CB  HB   sing N N 162 
ILE CG1 CD1  sing N N 163 
ILE CG1 HG12 sing N N 164 
ILE CG1 HG13 sing N N 165 
ILE CG2 HG21 sing N N 166 
ILE CG2 HG22 sing N N 167 
ILE CG2 HG23 sing N N 168 
ILE CD1 HD11 sing N N 169 
ILE CD1 HD12 sing N N 170 
ILE CD1 HD13 sing N N 171 
ILE OXT HXT  sing N N 172 
LEU N   CA   sing N N 173 
LEU N   H    sing N N 174 
LEU N   H2   sing N N 175 
LEU CA  C    sing N N 176 
LEU CA  CB   sing N N 177 
LEU CA  HA   sing N N 178 
LEU C   O    doub N N 179 
LEU C   OXT  sing N N 180 
LEU CB  CG   sing N N 181 
LEU CB  HB2  sing N N 182 
LEU CB  HB3  sing N N 183 
LEU CG  CD1  sing N N 184 
LEU CG  CD2  sing N N 185 
LEU CG  HG   sing N N 186 
LEU CD1 HD11 sing N N 187 
LEU CD1 HD12 sing N N 188 
LEU CD1 HD13 sing N N 189 
LEU CD2 HD21 sing N N 190 
LEU CD2 HD22 sing N N 191 
LEU CD2 HD23 sing N N 192 
LEU OXT HXT  sing N N 193 
LYS N   CA   sing N N 194 
LYS N   H    sing N N 195 
LYS N   H2   sing N N 196 
LYS CA  C    sing N N 197 
LYS CA  CB   sing N N 198 
LYS CA  HA   sing N N 199 
LYS C   O    doub N N 200 
LYS C   OXT  sing N N 201 
LYS CB  CG   sing N N 202 
LYS CB  HB2  sing N N 203 
LYS CB  HB3  sing N N 204 
LYS CG  CD   sing N N 205 
LYS CG  HG2  sing N N 206 
LYS CG  HG3  sing N N 207 
LYS CD  CE   sing N N 208 
LYS CD  HD2  sing N N 209 
LYS CD  HD3  sing N N 210 
LYS CE  NZ   sing N N 211 
LYS CE  HE2  sing N N 212 
LYS CE  HE3  sing N N 213 
LYS NZ  HZ1  sing N N 214 
LYS NZ  HZ2  sing N N 215 
LYS NZ  HZ3  sing N N 216 
LYS OXT HXT  sing N N 217 
MET N   CA   sing N N 218 
MET N   H    sing N N 219 
MET N   H2   sing N N 220 
MET CA  C    sing N N 221 
MET CA  CB   sing N N 222 
MET CA  HA   sing N N 223 
MET C   O    doub N N 224 
MET C   OXT  sing N N 225 
MET CB  CG   sing N N 226 
MET CB  HB2  sing N N 227 
MET CB  HB3  sing N N 228 
MET CG  SD   sing N N 229 
MET CG  HG2  sing N N 230 
MET CG  HG3  sing N N 231 
MET SD  CE   sing N N 232 
MET CE  HE1  sing N N 233 
MET CE  HE2  sing N N 234 
MET CE  HE3  sing N N 235 
MET OXT HXT  sing N N 236 
NAG C1  C2   sing N N 237 
NAG C1  O1   sing N N 238 
NAG C1  O5   sing N N 239 
NAG C1  H1   sing N N 240 
NAG C2  C3   sing N N 241 
NAG C2  N2   sing N N 242 
NAG C2  H2   sing N N 243 
NAG C3  C4   sing N N 244 
NAG C3  O3   sing N N 245 
NAG C3  H3   sing N N 246 
NAG C4  C5   sing N N 247 
NAG C4  O4   sing N N 248 
NAG C4  H4   sing N N 249 
NAG C5  C6   sing N N 250 
NAG C5  O5   sing N N 251 
NAG C5  H5   sing N N 252 
NAG C6  O6   sing N N 253 
NAG C6  H61  sing N N 254 
NAG C6  H62  sing N N 255 
NAG C7  C8   sing N N 256 
NAG C7  N2   sing N N 257 
NAG C7  O7   doub N N 258 
NAG C8  H81  sing N N 259 
NAG C8  H82  sing N N 260 
NAG C8  H83  sing N N 261 
NAG N2  HN2  sing N N 262 
NAG O1  HO1  sing N N 263 
NAG O3  HO3  sing N N 264 
NAG O4  HO4  sing N N 265 
NAG O6  HO6  sing N N 266 
PHE N   CA   sing N N 267 
PHE N   H    sing N N 268 
PHE N   H2   sing N N 269 
PHE CA  C    sing N N 270 
PHE CA  CB   sing N N 271 
PHE CA  HA   sing N N 272 
PHE C   O    doub N N 273 
PHE C   OXT  sing N N 274 
PHE CB  CG   sing N N 275 
PHE CB  HB2  sing N N 276 
PHE CB  HB3  sing N N 277 
PHE CG  CD1  doub Y N 278 
PHE CG  CD2  sing Y N 279 
PHE CD1 CE1  sing Y N 280 
PHE CD1 HD1  sing N N 281 
PHE CD2 CE2  doub Y N 282 
PHE CD2 HD2  sing N N 283 
PHE CE1 CZ   doub Y N 284 
PHE CE1 HE1  sing N N 285 
PHE CE2 CZ   sing Y N 286 
PHE CE2 HE2  sing N N 287 
PHE CZ  HZ   sing N N 288 
PHE OXT HXT  sing N N 289 
PRO N   CA   sing N N 290 
PRO N   CD   sing N N 291 
PRO N   H    sing N N 292 
PRO CA  C    sing N N 293 
PRO CA  CB   sing N N 294 
PRO CA  HA   sing N N 295 
PRO C   O    doub N N 296 
PRO C   OXT  sing N N 297 
PRO CB  CG   sing N N 298 
PRO CB  HB2  sing N N 299 
PRO CB  HB3  sing N N 300 
PRO CG  CD   sing N N 301 
PRO CG  HG2  sing N N 302 
PRO CG  HG3  sing N N 303 
PRO CD  HD2  sing N N 304 
PRO CD  HD3  sing N N 305 
PRO OXT HXT  sing N N 306 
SER N   CA   sing N N 307 
SER N   H    sing N N 308 
SER N   H2   sing N N 309 
SER CA  C    sing N N 310 
SER CA  CB   sing N N 311 
SER CA  HA   sing N N 312 
SER C   O    doub N N 313 
SER C   OXT  sing N N 314 
SER CB  OG   sing N N 315 
SER CB  HB2  sing N N 316 
SER CB  HB3  sing N N 317 
SER OG  HG   sing N N 318 
SER OXT HXT  sing N N 319 
THR N   CA   sing N N 320 
THR N   H    sing N N 321 
THR N   H2   sing N N 322 
THR CA  C    sing N N 323 
THR CA  CB   sing N N 324 
THR CA  HA   sing N N 325 
THR C   O    doub N N 326 
THR C   OXT  sing N N 327 
THR CB  OG1  sing N N 328 
THR CB  CG2  sing N N 329 
THR CB  HB   sing N N 330 
THR OG1 HG1  sing N N 331 
THR CG2 HG21 sing N N 332 
THR CG2 HG22 sing N N 333 
THR CG2 HG23 sing N N 334 
THR OXT HXT  sing N N 335 
TRP N   CA   sing N N 336 
TRP N   H    sing N N 337 
TRP N   H2   sing N N 338 
TRP CA  C    sing N N 339 
TRP CA  CB   sing N N 340 
TRP CA  HA   sing N N 341 
TRP C   O    doub N N 342 
TRP C   OXT  sing N N 343 
TRP CB  CG   sing N N 344 
TRP CB  HB2  sing N N 345 
TRP CB  HB3  sing N N 346 
TRP CG  CD1  doub Y N 347 
TRP CG  CD2  sing Y N 348 
TRP CD1 NE1  sing Y N 349 
TRP CD1 HD1  sing N N 350 
TRP CD2 CE2  doub Y N 351 
TRP CD2 CE3  sing Y N 352 
TRP NE1 CE2  sing Y N 353 
TRP NE1 HE1  sing N N 354 
TRP CE2 CZ2  sing Y N 355 
TRP CE3 CZ3  doub Y N 356 
TRP CE3 HE3  sing N N 357 
TRP CZ2 CH2  doub Y N 358 
TRP CZ2 HZ2  sing N N 359 
TRP CZ3 CH2  sing Y N 360 
TRP CZ3 HZ3  sing N N 361 
TRP CH2 HH2  sing N N 362 
TRP OXT HXT  sing N N 363 
TYR N   CA   sing N N 364 
TYR N   H    sing N N 365 
TYR N   H2   sing N N 366 
TYR CA  C    sing N N 367 
TYR CA  CB   sing N N 368 
TYR CA  HA   sing N N 369 
TYR C   O    doub N N 370 
TYR C   OXT  sing N N 371 
TYR CB  CG   sing N N 372 
TYR CB  HB2  sing N N 373 
TYR CB  HB3  sing N N 374 
TYR CG  CD1  doub Y N 375 
TYR CG  CD2  sing Y N 376 
TYR CD1 CE1  sing Y N 377 
TYR CD1 HD1  sing N N 378 
TYR CD2 CE2  doub Y N 379 
TYR CD2 HD2  sing N N 380 
TYR CE1 CZ   doub Y N 381 
TYR CE1 HE1  sing N N 382 
TYR CE2 CZ   sing Y N 383 
TYR CE2 HE2  sing N N 384 
TYR CZ  OH   sing N N 385 
TYR OH  HH   sing N N 386 
TYR OXT HXT  sing N N 387 
VAL N   CA   sing N N 388 
VAL N   H    sing N N 389 
VAL N   H2   sing N N 390 
VAL CA  C    sing N N 391 
VAL CA  CB   sing N N 392 
VAL CA  HA   sing N N 393 
VAL C   O    doub N N 394 
VAL C   OXT  sing N N 395 
VAL CB  CG1  sing N N 396 
VAL CB  CG2  sing N N 397 
VAL CB  HB   sing N N 398 
VAL CG1 HG11 sing N N 399 
VAL CG1 HG12 sing N N 400 
VAL CG1 HG13 sing N N 401 
VAL CG2 HG21 sing N N 402 
VAL CG2 HG22 sing N N 403 
VAL CG2 HG23 sing N N 404 
VAL OXT HXT  sing N N 405 
# 
_pdbx_initial_refinement_model.id               1 
_pdbx_initial_refinement_model.entity_id_list   ? 
_pdbx_initial_refinement_model.type             'experimental model' 
_pdbx_initial_refinement_model.source_name      PDB 
_pdbx_initial_refinement_model.accession_code   1HNG 
_pdbx_initial_refinement_model.details          'PDB ENTRY 1HNG' 
# 
_atom_sites.entry_id                    1CCZ 
_atom_sites.fract_transf_matrix[1][1]   0.00688376 
_atom_sites.fract_transf_matrix[1][2]   -0.00712788 
_atom_sites.fract_transf_matrix[1][3]   -0.00041203 
_atom_sites.fract_transf_matrix[2][1]   0.00686895 
_atom_sites.fract_transf_matrix[2][2]   -0.00067735 
_atom_sites.fract_transf_matrix[2][3]   0.00712078 
_atom_sites.fract_transf_matrix[3][1]   -0.01162979 
_atom_sites.fract_transf_matrix[3][2]   -0.01181502 
_atom_sites.fract_transf_matrix[3][3]   0.01009462 
_atom_sites.fract_transf_vector[1]      0.369795 
_atom_sites.fract_transf_vector[2]      0.513894 
_atom_sites.fract_transf_vector[3]      0.350521 
# 
loop_
_atom_type.symbol 
C 
N 
O 
S 
# 
loop_
_atom_site.group_PDB 
_atom_site.id 
_atom_site.type_symbol 
_atom_site.label_atom_id 
_atom_site.label_alt_id 
_atom_site.label_comp_id 
_atom_site.label_asym_id 
_atom_site.label_entity_id 
_atom_site.label_seq_id 
_atom_site.pdbx_PDB_ins_code 
_atom_site.Cartn_x 
_atom_site.Cartn_y 
_atom_site.Cartn_z 
_atom_site.occupancy 
_atom_site.B_iso_or_equiv 
_atom_site.pdbx_formal_charge 
_atom_site.auth_seq_id 
_atom_site.auth_comp_id 
_atom_site.auth_asym_id 
_atom_site.auth_atom_id 
_atom_site.pdbx_PDB_model_num 
ATOM   1    N N   . PHE A 1 1   ? -19.082 1.134   10.278  1.00 80.52 ? 1   PHE A N   1 
ATOM   2    C CA  . PHE A 1 1   ? -18.244 1.269   9.048   1.00 79.37 ? 1   PHE A CA  1 
ATOM   3    C C   . PHE A 1 1   ? -16.752 1.103   9.367   1.00 79.06 ? 1   PHE A C   1 
ATOM   4    O O   . PHE A 1 1   ? -16.258 1.597   10.393  1.00 79.17 ? 1   PHE A O   1 
ATOM   5    C CB  . PHE A 1 1   ? -18.501 2.636   8.398   1.00 79.23 ? 1   PHE A CB  1 
ATOM   6    C CG  . PHE A 1 1   ? -17.796 2.840   7.071   1.00 79.48 ? 1   PHE A CG  1 
ATOM   7    C CD1 . PHE A 1 1   ? -16.433 3.134   7.020   1.00 77.97 ? 1   PHE A CD1 1 
ATOM   8    C CD2 . PHE A 1 1   ? -18.511 2.803   5.872   1.00 79.55 ? 1   PHE A CD2 1 
ATOM   9    C CE1 . PHE A 1 1   ? -15.801 3.390   5.803   1.00 77.09 ? 1   PHE A CE1 1 
ATOM   10   C CE2 . PHE A 1 1   ? -17.882 3.059   4.647   1.00 78.43 ? 1   PHE A CE2 1 
ATOM   11   C CZ  . PHE A 1 1   ? -16.529 3.353   4.616   1.00 77.10 ? 1   PHE A CZ  1 
ATOM   12   N N   . SER A 1 2   ? -16.058 0.386   8.479   1.00 76.78 ? 2   SER A N   1 
ATOM   13   C CA  . SER A 1 2   ? -14.619 0.112   8.580   1.00 72.40 ? 2   SER A CA  1 
ATOM   14   C C   . SER A 1 2   ? -14.078 -0.034  7.153   1.00 68.96 ? 2   SER A C   1 
ATOM   15   O O   . SER A 1 2   ? -14.746 -0.602  6.289   1.00 70.56 ? 2   SER A O   1 
ATOM   16   C CB  . SER A 1 2   ? -14.373 -1.179  9.364   1.00 71.89 ? 2   SER A CB  1 
ATOM   17   O OG  . SER A 1 2   ? -13.176 -1.103  10.110  1.00 72.35 ? 2   SER A OG  1 
ATOM   18   N N   . GLN A 1 3   ? -12.884 0.474   6.891   1.00 62.50 ? 3   GLN A N   1 
ATOM   19   C CA  . GLN A 1 3   ? -12.347 0.373   5.546   1.00 56.41 ? 3   GLN A CA  1 
ATOM   20   C C   . GLN A 1 3   ? -10.845 0.291   5.582   1.00 53.93 ? 3   GLN A C   1 
ATOM   21   O O   . GLN A 1 3   ? -10.200 0.965   6.391   1.00 52.52 ? 3   GLN A O   1 
ATOM   22   C CB  . GLN A 1 3   ? -12.759 1.578   4.726   1.00 56.39 ? 3   GLN A CB  1 
ATOM   23   C CG  . GLN A 1 3   ? -13.704 1.262   3.615   1.00 62.30 ? 3   GLN A CG  1 
ATOM   24   C CD  . GLN A 1 3   ? -13.187 1.752   2.277   1.00 67.90 ? 3   GLN A CD  1 
ATOM   25   O OE1 . GLN A 1 3   ? -12.726 0.962   1.459   1.00 71.67 ? 3   GLN A OE1 1 
ATOM   26   N NE2 . GLN A 1 3   ? -13.257 3.066   2.048   1.00 69.52 ? 3   GLN A NE2 1 
ATOM   27   N N   . GLN A 1 4   ? -10.296 -0.551  4.709   1.00 49.97 ? 4   GLN A N   1 
ATOM   28   C CA  . GLN A 1 4   ? -8.853  -0.732  4.615   1.00 46.41 ? 4   GLN A CA  1 
ATOM   29   C C   . GLN A 1 4   ? -8.385  0.138   3.464   1.00 43.02 ? 4   GLN A C   1 
ATOM   30   O O   . GLN A 1 4   ? -8.908  0.029   2.352   1.00 43.49 ? 4   GLN A O   1 
ATOM   31   C CB  . GLN A 1 4   ? -8.526  -2.191  4.334   1.00 48.48 ? 4   GLN A CB  1 
ATOM   32   C CG  . GLN A 1 4   ? -9.010  -3.128  5.412   1.00 54.65 ? 4   GLN A CG  1 
ATOM   33   C CD  . GLN A 1 4   ? -7.996  -3.282  6.525   1.00 59.95 ? 4   GLN A CD  1 
ATOM   34   O OE1 . GLN A 1 4   ? -8.249  -2.904  7.679   1.00 63.52 ? 4   GLN A OE1 1 
ATOM   35   N NE2 . GLN A 1 4   ? -6.835  -3.844  6.188   1.00 64.36 ? 4   GLN A NE2 1 
ATOM   36   N N   . ILE A 1 5   ? -7.420  1.015   3.731   1.00 38.39 ? 5   ILE A N   1 
ATOM   37   C CA  . ILE A 1 5   ? -6.915  1.910   2.690   1.00 35.66 ? 5   ILE A CA  1 
ATOM   38   C C   . ILE A 1 5   ? -5.404  1.756   2.581   1.00 33.64 ? 5   ILE A C   1 
ATOM   39   O O   . ILE A 1 5   ? -4.692  1.709   3.584   1.00 33.78 ? 5   ILE A O   1 
ATOM   40   C CB  . ILE A 1 5   ? -7.282  3.407   2.993   1.00 35.40 ? 5   ILE A CB  1 
ATOM   41   C CG1 . ILE A 1 5   ? -8.789  3.545   3.236   1.00 32.68 ? 5   ILE A CG1 1 
ATOM   42   C CG2 . ILE A 1 5   ? -6.888  4.293   1.820   1.00 34.38 ? 5   ILE A CG2 1 
ATOM   43   C CD1 . ILE A 1 5   ? -9.617  3.537   1.971   1.00 32.12 ? 5   ILE A CD1 1 
ATOM   44   N N   . TYR A 1 6   ? -4.922  1.676   1.348   1.00 32.13 ? 6   TYR A N   1 
ATOM   45   C CA  . TYR A 1 6   ? -3.504  1.506   1.094   1.00 33.29 ? 6   TYR A CA  1 
ATOM   46   C C   . TYR A 1 6   ? -2.931  2.696   0.350   1.00 31.66 ? 6   TYR A C   1 
ATOM   47   O O   . TYR A 1 6   ? -3.318  2.971   -0.777  1.00 34.00 ? 6   TYR A O   1 
ATOM   48   C CB  . TYR A 1 6   ? -3.297  0.212   0.301   1.00 33.26 ? 6   TYR A CB  1 
ATOM   49   C CG  . TYR A 1 6   ? -3.865  -0.980  1.036   1.00 34.07 ? 6   TYR A CG  1 
ATOM   50   C CD1 . TYR A 1 6   ? -3.167  -1.556  2.100   1.00 33.36 ? 6   TYR A CD1 1 
ATOM   51   C CD2 . TYR A 1 6   ? -5.137  -1.476  0.729   1.00 32.18 ? 6   TYR A CD2 1 
ATOM   52   C CE1 . TYR A 1 6   ? -3.716  -2.582  2.853   1.00 37.29 ? 6   TYR A CE1 1 
ATOM   53   C CE2 . TYR A 1 6   ? -5.701  -2.510  1.477   1.00 35.37 ? 6   TYR A CE2 1 
ATOM   54   C CZ  . TYR A 1 6   ? -4.989  -3.058  2.546   1.00 37.56 ? 6   TYR A CZ  1 
ATOM   55   O OH  . TYR A 1 6   ? -5.554  -4.051  3.335   1.00 41.18 ? 6   TYR A OH  1 
ATOM   56   N N   . GLY A 1 7   ? -2.016  3.410   0.992   1.00 29.41 ? 7   GLY A N   1 
ATOM   57   C CA  . GLY A 1 7   ? -1.428  4.565   0.346   1.00 28.47 ? 7   GLY A CA  1 
ATOM   58   C C   . GLY A 1 7   ? 0.057   4.393   0.139   1.00 28.58 ? 7   GLY A C   1 
ATOM   59   O O   . GLY A 1 7   ? 0.670   3.492   0.708   1.00 28.29 ? 7   GLY A O   1 
ATOM   60   N N   . VAL A 1 8   ? 0.641   5.263   -0.679  1.00 29.21 ? 8   VAL A N   1 
ATOM   61   C CA  . VAL A 1 8   ? 2.064   5.202   -0.963  1.00 30.53 ? 8   VAL A CA  1 
ATOM   62   C C   . VAL A 1 8   ? 2.786   6.363   -0.329  1.00 31.23 ? 8   VAL A C   1 
ATOM   63   O O   . VAL A 1 8   ? 2.264   7.476   -0.297  1.00 30.68 ? 8   VAL A O   1 
ATOM   64   C CB  . VAL A 1 8   ? 2.328   5.267   -2.457  1.00 31.63 ? 8   VAL A CB  1 
ATOM   65   C CG1 . VAL A 1 8   ? 3.788   4.971   -2.738  1.00 34.55 ? 8   VAL A CG1 1 
ATOM   66   C CG2 . VAL A 1 8   ? 1.459   4.283   -3.154  1.00 33.75 ? 8   VAL A CG2 1 
ATOM   67   N N   . VAL A 1 9   ? 3.986   6.094   0.174   1.00 32.29 ? 9   VAL A N   1 
ATOM   68   C CA  . VAL A 1 9   ? 4.800   7.123   0.796   1.00 35.01 ? 9   VAL A CA  1 
ATOM   69   C C   . VAL A 1 9   ? 4.872   8.265   -0.205  1.00 36.95 ? 9   VAL A C   1 
ATOM   70   O O   . VAL A 1 9   ? 4.995   8.032   -1.411  1.00 35.55 ? 9   VAL A O   1 
ATOM   71   C CB  . VAL A 1 9   ? 6.222   6.609   1.105   1.00 33.91 ? 9   VAL A CB  1 
ATOM   72   C CG1 . VAL A 1 9   ? 6.881   7.489   2.130   1.00 37.34 ? 9   VAL A CG1 1 
ATOM   73   C CG2 . VAL A 1 9   ? 6.156   5.236   1.642   1.00 36.38 ? 9   VAL A CG2 1 
ATOM   74   N N   . TYR A 1 10  ? 4.761   9.491   0.305   1.00 40.49 ? 10  TYR A N   1 
ATOM   75   C CA  . TYR A 1 10  ? 4.782   10.726  -0.492  1.00 42.55 ? 10  TYR A CA  1 
ATOM   76   C C   . TYR A 1 10  ? 3.551   10.926  -1.375  1.00 41.60 ? 10  TYR A C   1 
ATOM   77   O O   . TYR A 1 10  ? 3.395   11.979  -1.983  1.00 45.22 ? 10  TYR A O   1 
ATOM   78   C CB  . TYR A 1 10  ? 6.060   10.816  -1.346  1.00 46.29 ? 10  TYR A CB  1 
ATOM   79   C CG  . TYR A 1 10  ? 7.323   10.562  -0.556  1.00 50.42 ? 10  TYR A CG  1 
ATOM   80   C CD1 . TYR A 1 10  ? 7.445   11.011  0.768   1.00 54.08 ? 10  TYR A CD1 1 
ATOM   81   C CD2 . TYR A 1 10  ? 8.361   9.808   -1.093  1.00 53.32 ? 10  TYR A CD2 1 
ATOM   82   C CE1 . TYR A 1 10  ? 8.571   10.702  1.544   1.00 55.37 ? 10  TYR A CE1 1 
ATOM   83   C CE2 . TYR A 1 10  ? 9.490   9.490   -0.333  1.00 56.72 ? 10  TYR A CE2 1 
ATOM   84   C CZ  . TYR A 1 10  ? 9.586   9.932   0.985   1.00 58.07 ? 10  TYR A CZ  1 
ATOM   85   O OH  . TYR A 1 10  ? 10.667  9.549   1.750   1.00 60.72 ? 10  TYR A OH  1 
ATOM   86   N N   . GLY A 1 11  ? 2.674   9.930   -1.448  1.00 38.99 ? 11  GLY A N   1 
ATOM   87   C CA  . GLY A 1 11  ? 1.462   10.081  -2.241  1.00 36.20 ? 11  GLY A CA  1 
ATOM   88   C C   . GLY A 1 11  ? 0.321   10.596  -1.369  1.00 34.65 ? 11  GLY A C   1 
ATOM   89   O O   . GLY A 1 11  ? 0.547   11.201  -0.319  1.00 33.48 ? 11  GLY A O   1 
ATOM   90   N N   . ASN A 1 12  ? -0.911  10.358  -1.784  1.00 33.75 ? 12  ASN A N   1 
ATOM   91   C CA  . ASN A 1 12  ? -2.042  10.808  -0.990  1.00 35.45 ? 12  ASN A CA  1 
ATOM   92   C C   . ASN A 1 12  ? -3.180  9.806   -1.069  1.00 34.41 ? 12  ASN A C   1 
ATOM   93   O O   . ASN A 1 12  ? -3.180  8.926   -1.923  1.00 34.81 ? 12  ASN A O   1 
ATOM   94   C CB  . ASN A 1 12  ? -2.520  12.158  -1.498  1.00 41.62 ? 12  ASN A CB  1 
ATOM   95   C CG  . ASN A 1 12  ? -2.999  12.095  -2.923  1.00 47.65 ? 12  ASN A CG  1 
ATOM   96   O OD1 . ASN A 1 12  ? -4.050  11.518  -3.191  1.00 48.23 ? 12  ASN A OD1 1 
ATOM   97   N ND2 . ASN A 1 12  ? -2.240  12.674  -3.848  1.00 55.73 ? 12  ASN A ND2 1 
ATOM   98   N N   . VAL A 1 13  ? -4.140  9.935   -0.166  1.00 31.14 ? 13  VAL A N   1 
ATOM   99   C CA  . VAL A 1 13  ? -5.295  9.058   -0.165  1.00 29.85 ? 13  VAL A CA  1 
ATOM   100  C C   . VAL A 1 13  ? -6.490  9.886   0.247   1.00 31.62 ? 13  VAL A C   1 
ATOM   101  O O   . VAL A 1 13  ? -6.342  10.944  0.856   1.00 30.55 ? 13  VAL A O   1 
ATOM   102  C CB  . VAL A 1 13  ? -5.193  7.915   0.872   1.00 29.30 ? 13  VAL A CB  1 
ATOM   103  C CG1 . VAL A 1 13  ? -4.211  6.875   0.413   1.00 29.61 ? 13  VAL A CG1 1 
ATOM   104  C CG2 . VAL A 1 13  ? -4.813  8.485   2.235   1.00 26.19 ? 13  VAL A CG2 1 
ATOM   105  N N   . THR A 1 14  ? -7.676  9.399   -0.090  1.00 31.10 ? 14  THR A N   1 
ATOM   106  C CA  . THR A 1 14  ? -8.902  10.066  0.293   1.00 31.38 ? 14  THR A CA  1 
ATOM   107  C C   . THR A 1 14  ? -9.789  9.041   0.997   1.00 32.75 ? 14  THR A C   1 
ATOM   108  O O   . THR A 1 14  ? -10.000 7.944   0.481   1.00 34.77 ? 14  THR A O   1 
ATOM   109  C CB  . THR A 1 14  ? -9.631  10.619  -0.927  1.00 31.26 ? 14  THR A CB  1 
ATOM   110  O OG1 . THR A 1 14  ? -8.864  11.694  -1.470  1.00 31.99 ? 14  THR A OG1 1 
ATOM   111  C CG2 . THR A 1 14  ? -11.017 11.126  -0.541  1.00 29.31 ? 14  THR A CG2 1 
ATOM   112  N N   . PHE A 1 15  ? -10.258 9.382   2.196   1.00 33.47 ? 15  PHE A N   1 
ATOM   113  C CA  . PHE A 1 15  ? -11.142 8.516   2.962   1.00 33.73 ? 15  PHE A CA  1 
ATOM   114  C C   . PHE A 1 15  ? -12.532 8.968   2.527   1.00 37.80 ? 15  PHE A C   1 
ATOM   115  O O   . PHE A 1 15  ? -13.034 9.995   2.991   1.00 37.69 ? 15  PHE A O   1 
ATOM   116  C CB  . PHE A 1 15  ? -10.953 8.745   4.462   1.00 30.42 ? 15  PHE A CB  1 
ATOM   117  C CG  . PHE A 1 15  ? -9.585  8.348   4.985   1.00 30.69 ? 15  PHE A CG  1 
ATOM   118  C CD1 . PHE A 1 15  ? -8.828  7.368   4.354   1.00 33.24 ? 15  PHE A CD1 1 
ATOM   119  C CD2 . PHE A 1 15  ? -9.057  8.958   6.116   1.00 29.55 ? 15  PHE A CD2 1 
ATOM   120  C CE1 . PHE A 1 15  ? -7.561  7.003   4.847   1.00 32.15 ? 15  PHE A CE1 1 
ATOM   121  C CE2 . PHE A 1 15  ? -7.800  8.606   6.618   1.00 29.73 ? 15  PHE A CE2 1 
ATOM   122  C CZ  . PHE A 1 15  ? -7.050  7.628   5.985   1.00 30.14 ? 15  PHE A CZ  1 
ATOM   123  N N   . HIS A 1 16  ? -13.130 8.216   1.604   1.00 41.68 ? 16  HIS A N   1 
ATOM   124  C CA  . HIS A 1 16  ? -14.451 8.546   1.074   1.00 45.52 ? 16  HIS A CA  1 
ATOM   125  C C   . HIS A 1 16  ? -15.576 8.205   2.036   1.00 47.30 ? 16  HIS A C   1 
ATOM   126  O O   . HIS A 1 16  ? -15.716 7.060   2.481   1.00 47.31 ? 16  HIS A O   1 
ATOM   127  C CB  . HIS A 1 16  ? -14.674 7.839   -0.260  1.00 46.43 ? 16  HIS A CB  1 
ATOM   128  C CG  . HIS A 1 16  ? -13.756 8.314   -1.348  1.00 50.91 ? 16  HIS A CG  1 
ATOM   129  N ND1 . HIS A 1 16  ? -13.956 9.497   -2.025  1.00 53.34 ? 16  HIS A ND1 1 
ATOM   130  C CD2 . HIS A 1 16  ? -12.620 7.772   -1.852  1.00 52.71 ? 16  HIS A CD2 1 
ATOM   131  C CE1 . HIS A 1 16  ? -12.982 9.670   -2.905  1.00 54.19 ? 16  HIS A CE1 1 
ATOM   132  N NE2 . HIS A 1 16  ? -12.157 8.636   -2.819  1.00 53.70 ? 16  HIS A NE2 1 
ATOM   133  N N   . VAL A 1 17  ? -16.370 9.219   2.357   1.00 48.33 ? 17  VAL A N   1 
ATOM   134  C CA  . VAL A 1 17  ? -17.474 9.059   3.276   1.00 50.66 ? 17  VAL A CA  1 
ATOM   135  C C   . VAL A 1 17  ? -18.773 9.261   2.523   1.00 56.87 ? 17  VAL A C   1 
ATOM   136  O O   . VAL A 1 17  ? -18.927 10.249  1.807   1.00 58.44 ? 17  VAL A O   1 
ATOM   137  C CB  . VAL A 1 17  ? -17.399 10.095  4.407   1.00 46.60 ? 17  VAL A CB  1 
ATOM   138  C CG1 . VAL A 1 17  ? -18.676 10.080  5.216   1.00 47.25 ? 17  VAL A CG1 1 
ATOM   139  C CG2 . VAL A 1 17  ? -16.222 9.797   5.300   1.00 44.98 ? 17  VAL A CG2 1 
ATOM   140  N N   . PRO A 1 18  ? -19.713 8.303   2.652   1.00 62.36 ? 18  PRO A N   1 
ATOM   141  C CA  . PRO A 1 18  ? -21.041 8.317   2.012   1.00 66.85 ? 18  PRO A CA  1 
ATOM   142  C C   . PRO A 1 18  ? -21.668 9.725   1.944   1.00 71.72 ? 18  PRO A C   1 
ATOM   143  O O   . PRO A 1 18  ? -22.030 10.314  2.970   1.00 72.65 ? 18  PRO A O   1 
ATOM   144  C CB  . PRO A 1 18  ? -21.872 7.376   2.891   1.00 64.94 ? 18  PRO A CB  1 
ATOM   145  C CG  . PRO A 1 18  ? -20.877 6.697   3.841   1.00 65.25 ? 18  PRO A CG  1 
ATOM   146  C CD  . PRO A 1 18  ? -19.495 7.075   3.434   1.00 62.02 ? 18  PRO A CD  1 
ATOM   147  N N   . SER A 1 19  ? -21.816 10.255  0.737   1.00 76.14 ? 19  SER A N   1 
ATOM   148  C CA  . SER A 1 19  ? -22.362 11.595  0.582   1.00 82.38 ? 19  SER A CA  1 
ATOM   149  C C   . SER A 1 19  ? -23.856 11.667  0.278   1.00 86.61 ? 19  SER A C   1 
ATOM   150  O O   . SER A 1 19  ? -24.286 11.381  -0.841  1.00 89.12 ? 19  SER A O   1 
ATOM   151  C CB  . SER A 1 19  ? -21.583 12.349  -0.507  1.00 82.94 ? 19  SER A CB  1 
ATOM   152  O OG  . SER A 1 19  ? -22.235 13.558  -0.867  1.00 82.99 ? 19  SER A OG  1 
ATOM   153  N N   . ASN A 1 20  ? -24.642 12.044  1.290   1.00 90.06 ? 20  ASN A N   1 
ATOM   154  C CA  . ASN A 1 20  ? -26.095 12.219  1.147   1.00 91.79 ? 20  ASN A CA  1 
ATOM   155  C C   . ASN A 1 20  ? -26.454 13.600  1.729   1.00 91.44 ? 20  ASN A C   1 
ATOM   156  O O   . ASN A 1 20  ? -26.265 14.626  1.056   1.00 91.09 ? 20  ASN A O   1 
ATOM   157  C CB  . ASN A 1 20  ? -26.886 11.093  1.860   1.00 92.44 ? 20  ASN A CB  1 
ATOM   158  C CG  . ASN A 1 20  ? -26.220 10.613  3.142   1.00 94.16 ? 20  ASN A CG  1 
ATOM   159  O OD1 . ASN A 1 20  ? -25.235 9.868   3.112   1.00 94.94 ? 20  ASN A OD1 1 
ATOM   160  N ND2 . ASN A 1 20  ? -26.766 11.030  4.278   1.00 94.65 ? 20  ASN A ND2 1 
ATOM   161  N N   . VAL A 1 21  ? -26.948 13.627  2.970   1.00 90.06 ? 21  VAL A N   1 
ATOM   162  C CA  . VAL A 1 21  ? -27.297 14.886  3.647   1.00 86.69 ? 21  VAL A CA  1 
ATOM   163  C C   . VAL A 1 21  ? -26.015 15.633  4.034   1.00 84.79 ? 21  VAL A C   1 
ATOM   164  O O   . VAL A 1 21  ? -25.216 15.123  4.828   1.00 86.19 ? 21  VAL A O   1 
ATOM   165  C CB  . VAL A 1 21  ? -28.111 14.633  4.949   1.00 85.29 ? 21  VAL A CB  1 
ATOM   166  C CG1 . VAL A 1 21  ? -27.390 13.623  5.841   1.00 83.68 ? 21  VAL A CG1 1 
ATOM   167  C CG2 . VAL A 1 21  ? -28.310 15.941  5.700   1.00 84.61 ? 21  VAL A CG2 1 
ATOM   168  N N   . PRO A 1 22  ? -25.797 16.846  3.480   1.00 81.32 ? 22  PRO A N   1 
ATOM   169  C CA  . PRO A 1 22  ? -24.572 17.577  3.842   1.00 76.76 ? 22  PRO A CA  1 
ATOM   170  C C   . PRO A 1 22  ? -24.340 17.645  5.360   1.00 71.38 ? 22  PRO A C   1 
ATOM   171  O O   . PRO A 1 22  ? -25.280 17.703  6.166   1.00 71.07 ? 22  PRO A O   1 
ATOM   172  C CB  . PRO A 1 22  ? -24.767 18.968  3.224   1.00 77.99 ? 22  PRO A CB  1 
ATOM   173  C CG  . PRO A 1 22  ? -25.747 18.764  2.122   1.00 79.61 ? 22  PRO A CG  1 
ATOM   174  C CD  . PRO A 1 22  ? -26.630 17.595  2.521   1.00 80.77 ? 22  PRO A CD  1 
ATOM   175  N N   . LEU A 1 23  ? -23.070 17.618  5.733   1.00 63.06 ? 23  LEU A N   1 
ATOM   176  C CA  . LEU A 1 23  ? -22.678 17.677  7.120   1.00 53.89 ? 23  LEU A CA  1 
ATOM   177  C C   . LEU A 1 23  ? -22.531 19.144  7.473   1.00 47.79 ? 23  LEU A C   1 
ATOM   178  O O   . LEU A 1 23  ? -22.111 19.936  6.632   1.00 48.79 ? 23  LEU A O   1 
ATOM   179  C CB  . LEU A 1 23  ? -21.338 16.967  7.286   1.00 55.61 ? 23  LEU A CB  1 
ATOM   180  C CG  . LEU A 1 23  ? -21.411 15.436  7.214   1.00 59.84 ? 23  LEU A CG  1 
ATOM   181  C CD1 . LEU A 1 23  ? -21.868 14.982  5.832   1.00 60.69 ? 23  LEU A CD1 1 
ATOM   182  C CD2 . LEU A 1 23  ? -20.039 14.851  7.540   1.00 62.05 ? 23  LEU A CD2 1 
ATOM   183  N N   . LYS A 1 24  ? -22.895 19.521  8.695   1.00 38.77 ? 24  LYS A N   1 
ATOM   184  C CA  . LYS A 1 24  ? -22.722 20.904  9.105   1.00 34.60 ? 24  LYS A CA  1 
ATOM   185  C C   . LYS A 1 24  ? -21.332 20.973  9.699   1.00 31.08 ? 24  LYS A C   1 
ATOM   186  O O   . LYS A 1 24  ? -20.591 21.920  9.465   1.00 31.49 ? 24  LYS A O   1 
ATOM   187  C CB  . LYS A 1 24  ? -23.749 21.320  10.157  1.00 37.07 ? 24  LYS A CB  1 
ATOM   188  C CG  . LYS A 1 24  ? -24.861 22.185  9.611   1.00 43.76 ? 24  LYS A CG  1 
ATOM   189  C CD  . LYS A 1 24  ? -25.941 21.305  9.003   1.00 48.83 ? 24  LYS A CD  1 
ATOM   190  C CE  . LYS A 1 24  ? -26.718 22.023  7.903   1.00 54.16 ? 24  LYS A CE  1 
ATOM   191  N NZ  . LYS A 1 24  ? -26.991 23.469  8.216   1.00 58.49 ? 24  LYS A NZ  1 
ATOM   192  N N   . GLU A 1 25  ? -20.985 19.959  10.483  1.00 26.57 ? 25  GLU A N   1 
ATOM   193  C CA  . GLU A 1 25  ? -19.683 19.892  11.113  1.00 23.15 ? 25  GLU A CA  1 
ATOM   194  C C   . GLU A 1 25  ? -19.149 18.472  10.993  1.00 24.09 ? 25  GLU A C   1 
ATOM   195  O O   . GLU A 1 25  ? -19.917 17.525  10.847  1.00 22.50 ? 25  GLU A O   1 
ATOM   196  C CB  . GLU A 1 25  ? -19.781 20.294  12.580  1.00 21.26 ? 25  GLU A CB  1 
ATOM   197  C CG  . GLU A 1 25  ? -20.344 21.689  12.782  1.00 21.21 ? 25  GLU A CG  1 
ATOM   198  C CD  . GLU A 1 25  ? -20.498 22.034  14.247  1.00 24.17 ? 25  GLU A CD  1 
ATOM   199  O OE1 . GLU A 1 25  ? -21.498 21.594  14.867  1.00 25.16 ? 25  GLU A OE1 1 
ATOM   200  O OE2 . GLU A 1 25  ? -19.614 22.734  14.791  1.00 21.80 ? 25  GLU A OE2 1 
ATOM   201  N N   . VAL A 1 26  ? -17.826 18.332  11.031  1.00 25.74 ? 26  VAL A N   1 
ATOM   202  C CA  . VAL A 1 26  ? -17.201 17.020  10.926  1.00 24.48 ? 26  VAL A CA  1 
ATOM   203  C C   . VAL A 1 26  ? -15.871 17.053  11.636  1.00 23.11 ? 26  VAL A C   1 
ATOM   204  O O   . VAL A 1 26  ? -15.188 18.066  11.632  1.00 23.36 ? 26  VAL A O   1 
ATOM   205  C CB  . VAL A 1 26  ? -16.991 16.583  9.435   1.00 26.70 ? 26  VAL A CB  1 
ATOM   206  C CG1 . VAL A 1 26  ? -16.063 17.513  8.733   1.00 29.44 ? 26  VAL A CG1 1 
ATOM   207  C CG2 . VAL A 1 26  ? -16.400 15.206  9.386   1.00 30.35 ? 26  VAL A CG2 1 
ATOM   208  N N   . LEU A 1 27  ? -15.516 15.951  12.278  1.00 22.71 ? 27  LEU A N   1 
ATOM   209  C CA  . LEU A 1 27  ? -14.246 15.861  12.983  1.00 25.39 ? 27  LEU A CA  1 
ATOM   210  C C   . LEU A 1 27  ? -13.541 14.543  12.592  1.00 28.51 ? 27  LEU A C   1 
ATOM   211  O O   . LEU A 1 27  ? -14.174 13.474  12.553  1.00 27.76 ? 27  LEU A O   1 
ATOM   212  C CB  . LEU A 1 27  ? -14.479 15.888  14.496  1.00 26.84 ? 27  LEU A CB  1 
ATOM   213  C CG  . LEU A 1 27  ? -13.257 15.716  15.399  1.00 29.60 ? 27  LEU A CG  1 
ATOM   214  C CD1 . LEU A 1 27  ? -12.271 16.848  15.168  1.00 33.37 ? 27  LEU A CD1 1 
ATOM   215  C CD2 . LEU A 1 27  ? -13.693 15.711  16.847  1.00 34.34 ? 27  LEU A CD2 1 
ATOM   216  N N   . TRP A 1 28  ? -12.243 14.636  12.282  1.00 25.95 ? 28  TRP A N   1 
ATOM   217  C CA  . TRP A 1 28  ? -11.453 13.472  11.919  1.00 24.78 ? 28  TRP A CA  1 
ATOM   218  C C   . TRP A 1 28  ? -10.380 13.291  12.962  1.00 26.89 ? 28  TRP A C   1 
ATOM   219  O O   . TRP A 1 28  ? -9.703  14.264  13.364  1.00 25.74 ? 28  TRP A O   1 
ATOM   220  C CB  . TRP A 1 28  ? -10.791 13.659  10.562  1.00 23.18 ? 28  TRP A CB  1 
ATOM   221  C CG  . TRP A 1 28  ? -11.700 13.339  9.443   1.00 23.10 ? 28  TRP A CG  1 
ATOM   222  C CD1 . TRP A 1 28  ? -12.475 14.216  8.741   1.00 22.37 ? 28  TRP A CD1 1 
ATOM   223  C CD2 . TRP A 1 28  ? -11.919 12.044  8.856   1.00 23.68 ? 28  TRP A CD2 1 
ATOM   224  N NE1 . TRP A 1 28  ? -13.158 13.553  7.751   1.00 25.61 ? 28  TRP A NE1 1 
ATOM   225  C CE2 . TRP A 1 28  ? -12.837 12.220  7.797   1.00 23.95 ? 28  TRP A CE2 1 
ATOM   226  C CE3 . TRP A 1 28  ? -11.426 10.758  9.121   1.00 21.85 ? 28  TRP A CE3 1 
ATOM   227  C CZ2 . TRP A 1 28  ? -13.276 11.156  6.998   1.00 24.14 ? 28  TRP A CZ2 1 
ATOM   228  C CZ3 . TRP A 1 28  ? -11.865 9.699   8.327   1.00 22.17 ? 28  TRP A CZ3 1 
ATOM   229  C CH2 . TRP A 1 28  ? -12.780 9.907   7.279   1.00 22.45 ? 28  TRP A CH2 1 
ATOM   230  N N   . LYS A 1 29  ? -10.238 12.044  13.414  1.00 26.05 ? 29  LYS A N   1 
ATOM   231  C CA  . LYS A 1 29  ? -9.239  11.709  14.411  1.00 27.99 ? 29  LYS A CA  1 
ATOM   232  C C   . LYS A 1 29  ? -8.363  10.573  13.905  1.00 27.98 ? 29  LYS A C   1 
ATOM   233  O O   . LYS A 1 29  ? -8.819  9.728   13.133  1.00 27.53 ? 29  LYS A O   1 
ATOM   234  C CB  . LYS A 1 29  ? -9.905  11.280  15.716  1.00 28.60 ? 29  LYS A CB  1 
ATOM   235  C CG  . LYS A 1 29  ? -10.498 12.419  16.527  1.00 32.72 ? 29  LYS A CG  1 
ATOM   236  C CD  . LYS A 1 29  ? -11.352 11.870  17.659  1.00 35.50 ? 29  LYS A CD  1 
ATOM   237  C CE  . LYS A 1 29  ? -11.767 12.966  18.642  1.00 40.83 ? 29  LYS A CE  1 
ATOM   238  N NZ  . LYS A 1 29  ? -12.670 12.438  19.713  1.00 43.19 ? 29  LYS A NZ  1 
ATOM   239  N N   . LYS A 1 30  ? -7.106  10.594  14.336  1.00 29.77 ? 30  LYS A N   1 
ATOM   240  C CA  . LYS A 1 30  ? -6.114  9.570   14.010  1.00 32.95 ? 30  LYS A CA  1 
ATOM   241  C C   . LYS A 1 30  ? -5.898  8.962   15.385  1.00 35.38 ? 30  LYS A C   1 
ATOM   242  O O   . LYS A 1 30  ? -5.192  9.530   16.225  1.00 32.36 ? 30  LYS A O   1 
ATOM   243  C CB  . LYS A 1 30  ? -4.826  10.211  13.511  1.00 32.38 ? 30  LYS A CB  1 
ATOM   244  C CG  . LYS A 1 30  ? -3.671  9.245   13.272  1.00 34.73 ? 30  LYS A CG  1 
ATOM   245  C CD  . LYS A 1 30  ? -2.421  10.032  12.902  1.00 36.61 ? 30  LYS A CD  1 
ATOM   246  C CE  . LYS A 1 30  ? -1.372  9.169   12.237  1.00 38.49 ? 30  LYS A CE  1 
ATOM   247  N NZ  . LYS A 1 30  ? -0.588  8.450   13.268  1.00 41.91 ? 30  LYS A NZ  1 
ATOM   248  N N   . GLN A 1 31  ? -6.528  7.816   15.611  1.00 39.41 ? 31  GLN A N   1 
ATOM   249  C CA  . GLN A 1 31  ? -6.459  7.180   16.909  1.00 45.72 ? 31  GLN A CA  1 
ATOM   250  C C   . GLN A 1 31  ? -7.376  8.068   17.750  1.00 46.65 ? 31  GLN A C   1 
ATOM   251  O O   . GLN A 1 31  ? -8.564  8.199   17.457  1.00 44.40 ? 31  GLN A O   1 
ATOM   252  C CB  . GLN A 1 31  ? -5.029  7.215   17.474  1.00 51.15 ? 31  GLN A CB  1 
ATOM   253  C CG  . GLN A 1 31  ? -4.154  6.024   17.084  1.00 60.01 ? 31  GLN A CG  1 
ATOM   254  C CD  . GLN A 1 31  ? -4.810  4.674   17.368  1.00 64.75 ? 31  GLN A CD  1 
ATOM   255  O OE1 . GLN A 1 31  ? -6.009  4.481   17.117  1.00 68.34 ? 31  GLN A OE1 1 
ATOM   256  N NE2 . GLN A 1 31  ? -4.025  3.731   17.889  1.00 66.51 ? 31  GLN A NE2 1 
ATOM   257  N N   . LYS A 1 32  ? -6.827  8.721   18.763  1.00 46.42 ? 32  LYS A N   1 
ATOM   258  C CA  . LYS A 1 32  ? -7.668  9.564   19.585  1.00 49.29 ? 32  LYS A CA  1 
ATOM   259  C C   . LYS A 1 32  ? -7.336  11.035  19.438  1.00 47.61 ? 32  LYS A C   1 
ATOM   260  O O   . LYS A 1 32  ? -7.932  11.870  20.107  1.00 47.38 ? 32  LYS A O   1 
ATOM   261  C CB  . LYS A 1 32  ? -7.547  9.145   21.054  1.00 53.47 ? 32  LYS A CB  1 
ATOM   262  C CG  . LYS A 1 32  ? -8.340  7.898   21.404  1.00 56.34 ? 32  LYS A CG  1 
ATOM   263  C CD  . LYS A 1 32  ? -9.834  8.130   21.242  1.00 60.74 ? 32  LYS A CD  1 
ATOM   264  C CE  . LYS A 1 32  ? -10.583 6.810   21.035  1.00 65.09 ? 32  LYS A CE  1 
ATOM   265  N NZ  . LYS A 1 32  ? -10.777 6.027   22.301  1.00 65.87 ? 32  LYS A NZ  1 
ATOM   266  N N   . ASP A 1 33  ? -6.397  11.365  18.564  1.00 45.52 ? 33  ASP A N   1 
ATOM   267  C CA  . ASP A 1 33  ? -6.025  12.758  18.393  1.00 45.82 ? 33  ASP A CA  1 
ATOM   268  C C   . ASP A 1 33  ? -6.665  13.364  17.160  1.00 43.94 ? 33  ASP A C   1 
ATOM   269  O O   . ASP A 1 33  ? -6.909  12.669  16.176  1.00 43.94 ? 33  ASP A O   1 
ATOM   270  C CB  . ASP A 1 33  ? -4.512  12.879  18.345  1.00 49.97 ? 33  ASP A CB  1 
ATOM   271  C CG  . ASP A 1 33  ? -3.854  12.139  19.485  1.00 57.39 ? 33  ASP A CG  1 
ATOM   272  O OD1 . ASP A 1 33  ? -4.049  12.543  20.656  1.00 59.14 ? 33  ASP A OD1 1 
ATOM   273  O OD2 . ASP A 1 33  ? -3.157  11.137  19.218  1.00 62.10 ? 33  ASP A OD2 1 
ATOM   274  N N   . LYS A 1 34  ? -6.952  14.664  17.236  1.00 41.02 ? 34  LYS A N   1 
ATOM   275  C CA  . LYS A 1 34  ? -7.600  15.384  16.151  1.00 37.79 ? 34  LYS A CA  1 
ATOM   276  C C   . LYS A 1 34  ? -6.690  15.554  14.955  1.00 33.85 ? 34  LYS A C   1 
ATOM   277  O O   . LYS A 1 34  ? -5.506  15.831  15.091  1.00 33.90 ? 34  LYS A O   1 
ATOM   278  C CB  . LYS A 1 34  ? -8.067  16.763  16.634  1.00 41.30 ? 34  LYS A CB  1 
ATOM   279  C CG  . LYS A 1 34  ? -9.284  16.734  17.552  1.00 42.40 ? 34  LYS A CG  1 
ATOM   280  C CD  . LYS A 1 34  ? -10.074 18.043  17.477  1.00 46.68 ? 34  LYS A CD  1 
ATOM   281  C CE  . LYS A 1 34  ? -9.503  19.133  18.376  1.00 44.56 ? 34  LYS A CE  1 
ATOM   282  N NZ  . LYS A 1 34  ? -10.361 20.365  18.322  1.00 45.78 ? 34  LYS A NZ  1 
ATOM   283  N N   . VAL A 1 35  ? -7.272  15.399  13.778  1.00 29.61 ? 35  VAL A N   1 
ATOM   284  C CA  . VAL A 1 35  ? -6.545  15.528  12.528  1.00 27.65 ? 35  VAL A CA  1 
ATOM   285  C C   . VAL A 1 35  ? -6.992  16.825  11.843  1.00 25.92 ? 35  VAL A C   1 
ATOM   286  O O   . VAL A 1 35  ? -6.184  17.666  11.490  1.00 24.88 ? 35  VAL A O   1 
ATOM   287  C CB  . VAL A 1 35  ? -6.856  14.300  11.605  1.00 26.90 ? 35  VAL A CB  1 
ATOM   288  C CG1 . VAL A 1 35  ? -6.477  14.594  10.159  1.00 26.32 ? 35  VAL A CG1 1 
ATOM   289  C CG2 . VAL A 1 35  ? -6.131  13.075  12.119  1.00 27.79 ? 35  VAL A CG2 1 
ATOM   290  N N   . ALA A 1 36  ? -8.298  16.974  11.670  1.00 24.77 ? 36  ALA A N   1 
ATOM   291  C CA  . ALA A 1 36  ? -8.857  18.141  11.014  1.00 25.11 ? 36  ALA A CA  1 
ATOM   292  C C   . ALA A 1 36  ? -10.323 18.206  11.374  1.00 26.09 ? 36  ALA A C   1 
ATOM   293  O O   . ALA A 1 36  ? -10.913 17.198  11.782  1.00 24.62 ? 36  ALA A O   1 
ATOM   294  C CB  . ALA A 1 36  ? -8.722  18.001  9.514   1.00 25.34 ? 36  ALA A CB  1 
ATOM   295  N N   . GLU A 1 37  ? -10.921 19.378  11.188  1.00 25.18 ? 37  GLU A N   1 
ATOM   296  C CA  . GLU A 1 37  ? -12.331 19.560  11.507  1.00 24.20 ? 37  GLU A CA  1 
ATOM   297  C C   . GLU A 1 37  ? -12.983 20.706  10.745  1.00 23.26 ? 37  GLU A C   1 
ATOM   298  O O   . GLU A 1 37  ? -12.302 21.581  10.229  1.00 23.12 ? 37  GLU A O   1 
ATOM   299  C CB  . GLU A 1 37  ? -12.473 19.827  13.012  1.00 23.61 ? 37  GLU A CB  1 
ATOM   300  C CG  . GLU A 1 37  ? -12.038 21.208  13.392  1.00 24.59 ? 37  GLU A CG  1 
ATOM   301  C CD  . GLU A 1 37  ? -11.875 21.410  14.882  1.00 28.25 ? 37  GLU A CD  1 
ATOM   302  O OE1 . GLU A 1 37  ? -11.822 20.431  15.643  1.00 34.26 ? 37  GLU A OE1 1 
ATOM   303  O OE2 . GLU A 1 37  ? -11.792 22.572  15.304  1.00 30.39 ? 37  GLU A OE2 1 
ATOM   304  N N   . LEU A 1 38  ? -14.307 20.643  10.643  1.00 24.55 ? 38  LEU A N   1 
ATOM   305  C CA  . LEU A 1 38  ? -15.150 21.693  10.069  1.00 24.79 ? 38  LEU A CA  1 
ATOM   306  C C   . LEU A 1 38  ? -16.035 21.919  11.299  1.00 25.19 ? 38  LEU A C   1 
ATOM   307  O O   . LEU A 1 38  ? -16.916 21.113  11.604  1.00 23.07 ? 38  LEU A O   1 
ATOM   308  C CB  . LEU A 1 38  ? -15.999 21.190  8.907   1.00 26.73 ? 38  LEU A CB  1 
ATOM   309  C CG  . LEU A 1 38  ? -15.258 21.051  7.575   1.00 35.62 ? 38  LEU A CG  1 
ATOM   310  C CD1 . LEU A 1 38  ? -16.212 20.525  6.516   1.00 37.16 ? 38  LEU A CD1 1 
ATOM   311  C CD2 . LEU A 1 38  ? -14.682 22.402  7.153   1.00 37.81 ? 38  LEU A CD2 1 
ATOM   312  N N   . GLU A 1 39  ? -15.748 22.990  12.028  1.00 23.91 ? 39  GLU A N   1 
ATOM   313  C CA  . GLU A 1 39  ? -16.454 23.313  13.259  1.00 25.33 ? 39  GLU A CA  1 
ATOM   314  C C   . GLU A 1 39  ? -16.888 24.784  13.311  1.00 27.17 ? 39  GLU A C   1 
ATOM   315  O O   . GLU A 1 39  ? -16.059 25.678  13.147  1.00 26.16 ? 39  GLU A O   1 
ATOM   316  C CB  . GLU A 1 39  ? -15.528 23.013  14.445  1.00 23.90 ? 39  GLU A CB  1 
ATOM   317  C CG  . GLU A 1 39  ? -16.179 23.136  15.814  1.00 26.79 ? 39  GLU A CG  1 
ATOM   318  C CD  . GLU A 1 39  ? -15.241 22.760  16.931  1.00 27.05 ? 39  GLU A CD  1 
ATOM   319  O OE1 . GLU A 1 39  ? -15.066 21.548  17.170  1.00 27.35 ? 39  GLU A OE1 1 
ATOM   320  O OE2 . GLU A 1 39  ? -14.671 23.672  17.563  1.00 27.61 ? 39  GLU A OE2 1 
ATOM   321  N N   . ASN A 1 40  ? -18.179 25.027  13.546  1.00 26.86 ? 40  ASN A N   1 
ATOM   322  C CA  . ASN A 1 40  ? -18.681 26.389  13.640  1.00 26.86 ? 40  ASN A CA  1 
ATOM   323  C C   . ASN A 1 40  ? -18.299 27.127  12.376  1.00 29.66 ? 40  ASN A C   1 
ATOM   324  O O   . ASN A 1 40  ? -17.860 28.282  12.446  1.00 28.64 ? 40  ASN A O   1 
ATOM   325  C CB  . ASN A 1 40  ? -18.044 27.121  14.822  1.00 27.30 ? 40  ASN A CB  1 
ATOM   326  C CG  . ASN A 1 40  ? -18.348 26.473  16.150  1.00 32.92 ? 40  ASN A CG  1 
ATOM   327  O OD1 . ASN A 1 40  ? -19.505 26.165  16.446  1.00 31.30 ? 40  ASN A OD1 1 
ATOM   328  N ND2 . ASN A 1 40  ? -17.306 26.268  16.971  1.00 32.61 ? 40  ASN A ND2 1 
ATOM   329  N N   . SER A 1 41  ? -18.422 26.454  11.233  1.00 28.30 ? 41  SER A N   1 
ATOM   330  C CA  . SER A 1 41  ? -18.110 27.065  9.931   1.00 29.38 ? 41  SER A CA  1 
ATOM   331  C C   . SER A 1 41  ? -16.660 27.423  9.660   1.00 29.38 ? 41  SER A C   1 
ATOM   332  O O   . SER A 1 41  ? -16.359 28.193  8.742   1.00 30.64 ? 41  SER A O   1 
ATOM   333  C CB  . SER A 1 41  ? -18.947 28.321  9.742   1.00 32.78 ? 41  SER A CB  1 
ATOM   334  O OG  . SER A 1 41  ? -20.321 27.978  9.705   1.00 39.27 ? 41  SER A OG  1 
ATOM   335  N N   . GLU A 1 42  ? -15.759 26.885  10.462  1.00 26.19 ? 42  GLU A N   1 
ATOM   336  C CA  . GLU A 1 42  ? -14.359 27.155  10.263  1.00 26.25 ? 42  GLU A CA  1 
ATOM   337  C C   . GLU A 1 42  ? -13.609 25.861  10.066  1.00 26.64 ? 42  GLU A C   1 
ATOM   338  O O   . GLU A 1 42  ? -13.943 24.841  10.659  1.00 27.05 ? 42  GLU A O   1 
ATOM   339  C CB  . GLU A 1 42  ? -13.789 27.866  11.469  1.00 28.29 ? 42  GLU A CB  1 
ATOM   340  C CG  . GLU A 1 42  ? -14.557 29.079  11.881  1.00 30.62 ? 42  GLU A CG  1 
ATOM   341  C CD  . GLU A 1 42  ? -13.851 29.794  12.981  1.00 35.83 ? 42  GLU A CD  1 
ATOM   342  O OE1 . GLU A 1 42  ? -13.731 29.206  14.076  1.00 38.97 ? 42  GLU A OE1 1 
ATOM   343  O OE2 . GLU A 1 42  ? -13.391 30.934  12.753  1.00 42.42 ? 42  GLU A OE2 1 
ATOM   344  N N   . PHE A 1 43  ? -12.578 25.905  9.239   1.00 26.31 ? 43  PHE A N   1 
ATOM   345  C CA  . PHE A 1 43  ? -11.782 24.724  9.013   1.00 24.76 ? 43  PHE A CA  1 
ATOM   346  C C   . PHE A 1 43  ? -10.447 24.858  9.706   1.00 25.66 ? 43  PHE A C   1 
ATOM   347  O O   . PHE A 1 43  ? -9.869  25.946  9.775   1.00 28.70 ? 43  PHE A O   1 
ATOM   348  C CB  . PHE A 1 43  ? -11.527 24.506  7.531   1.00 23.82 ? 43  PHE A CB  1 
ATOM   349  C CG  . PHE A 1 43  ? -10.417 23.540  7.275   1.00 26.24 ? 43  PHE A CG  1 
ATOM   350  C CD1 . PHE A 1 43  ? -10.653 22.174  7.302   1.00 23.95 ? 43  PHE A CD1 1 
ATOM   351  C CD2 . PHE A 1 43  ? -9.119  23.992  7.063   1.00 28.43 ? 43  PHE A CD2 1 
ATOM   352  C CE1 . PHE A 1 43  ? -9.611  21.266  7.123   1.00 27.36 ? 43  PHE A CE1 1 
ATOM   353  C CE2 . PHE A 1 43  ? -8.060  23.084  6.881   1.00 31.26 ? 43  PHE A CE2 1 
ATOM   354  C CZ  . PHE A 1 43  ? -8.309  21.719  6.912   1.00 27.53 ? 43  PHE A CZ  1 
ATOM   355  N N   . ARG A 1 44  ? -9.957  23.755  10.253  1.00 27.01 ? 44  ARG A N   1 
ATOM   356  C CA  . ARG A 1 44  ? -8.639  23.778  10.844  1.00 28.20 ? 44  ARG A CA  1 
ATOM   357  C C   . ARG A 1 44  ? -8.082  22.370  10.922  1.00 28.08 ? 44  ARG A C   1 
ATOM   358  O O   . ARG A 1 44  ? -8.828  21.404  11.083  1.00 25.10 ? 44  ARG A O   1 
ATOM   359  C CB  . ARG A 1 44  ? -8.650  24.502  12.202  1.00 32.62 ? 44  ARG A CB  1 
ATOM   360  C CG  . ARG A 1 44  ? -8.984  23.679  13.400  1.00 40.45 ? 44  ARG A CG  1 
ATOM   361  C CD  . ARG A 1 44  ? -9.067  24.553  14.649  1.00 48.11 ? 44  ARG A CD  1 
ATOM   362  N NE  . ARG A 1 44  ? -9.591  25.893  14.381  1.00 54.29 ? 44  ARG A NE  1 
ATOM   363  C CZ  . ARG A 1 44  ? -10.875 26.250  14.503  1.00 56.95 ? 44  ARG A CZ  1 
ATOM   364  N NH1 . ARG A 1 44  ? -11.792 25.370  14.889  1.00 56.60 ? 44  ARG A NH1 1 
ATOM   365  N NH2 . ARG A 1 44  ? -11.245 27.499  14.245  1.00 57.84 ? 44  ARG A NH2 1 
ATOM   366  N N   . ALA A 1 45  ? -6.771  22.266  10.719  1.00 28.27 ? 45  ALA A N   1 
ATOM   367  C CA  . ALA A 1 45  ? -6.082  20.984  10.770  1.00 29.42 ? 45  ALA A CA  1 
ATOM   368  C C   . ALA A 1 45  ? -5.130  21.054  11.967  1.00 31.00 ? 45  ALA A C   1 
ATOM   369  O O   . ALA A 1 45  ? -4.828  22.137  12.460  1.00 31.83 ? 45  ALA A O   1 
ATOM   370  C CB  . ALA A 1 45  ? -5.321  20.739  9.471   1.00 25.54 ? 45  ALA A CB  1 
ATOM   371  N N   . PHE A 1 46  ? -4.665  19.908  12.441  1.00 31.28 ? 46  PHE A N   1 
ATOM   372  C CA  . PHE A 1 46  ? -3.795  19.891  13.598  1.00 32.22 ? 46  PHE A CA  1 
ATOM   373  C C   . PHE A 1 46  ? -2.517  19.121  13.381  1.00 34.42 ? 46  PHE A C   1 
ATOM   374  O O   . PHE A 1 46  ? -2.419  18.280  12.496  1.00 33.00 ? 46  PHE A O   1 
ATOM   375  C CB  . PHE A 1 46  ? -4.522  19.280  14.796  1.00 32.33 ? 46  PHE A CB  1 
ATOM   376  C CG  . PHE A 1 46  ? -5.867  19.876  15.057  1.00 34.43 ? 46  PHE A CG  1 
ATOM   377  C CD1 . PHE A 1 46  ? -6.989  19.418  14.375  1.00 34.00 ? 46  PHE A CD1 1 
ATOM   378  C CD2 . PHE A 1 46  ? -6.015  20.916  15.964  1.00 36.15 ? 46  PHE A CD2 1 
ATOM   379  C CE1 . PHE A 1 46  ? -8.240  19.989  14.588  1.00 33.96 ? 46  PHE A CE1 1 
ATOM   380  C CE2 . PHE A 1 46  ? -7.266  21.495  16.185  1.00 36.38 ? 46  PHE A CE2 1 
ATOM   381  C CZ  . PHE A 1 46  ? -8.376  21.030  15.493  1.00 35.17 ? 46  PHE A CZ  1 
ATOM   382  N N   . SER A 1 47  ? -1.546  19.421  14.230  1.00 36.69 ? 47  SER A N   1 
ATOM   383  C CA  . SER A 1 47  ? -0.245  18.775  14.212  1.00 38.32 ? 47  SER A CA  1 
ATOM   384  C C   . SER A 1 47  ? 0.363   18.628  12.833  1.00 38.45 ? 47  SER A C   1 
ATOM   385  O O   . SER A 1 47  ? 0.403   19.585  12.058  1.00 38.60 ? 47  SER A O   1 
ATOM   386  C CB  . SER A 1 47  ? -0.358  17.410  14.881  1.00 39.16 ? 47  SER A CB  1 
ATOM   387  O OG  . SER A 1 47  ? -1.231  17.492  15.990  1.00 46.86 ? 47  SER A OG  1 
ATOM   388  N N   . SER A 1 48  ? 0.832   17.419  12.529  1.00 39.87 ? 48  SER A N   1 
ATOM   389  C CA  . SER A 1 48  ? 1.470   17.135  11.245  1.00 40.54 ? 48  SER A CA  1 
ATOM   390  C C   . SER A 1 48  ? 0.552   17.286  10.046  1.00 40.04 ? 48  SER A C   1 
ATOM   391  O O   . SER A 1 48  ? 1.018   17.279  8.907   1.00 41.08 ? 48  SER A O   1 
ATOM   392  C CB  . SER A 1 48  ? 2.044   15.715  11.236  1.00 40.13 ? 48  SER A CB  1 
ATOM   393  O OG  . SER A 1 48  ? 1.100   14.791  11.744  1.00 42.95 ? 48  SER A OG  1 
ATOM   394  N N   . PHE A 1 49  ? -0.748  17.432  10.278  1.00 36.25 ? 49  PHE A N   1 
ATOM   395  C CA  . PHE A 1 49  ? -1.644  17.544  9.143   1.00 32.70 ? 49  PHE A CA  1 
ATOM   396  C C   . PHE A 1 49  ? -1.906  18.952  8.638   1.00 31.50 ? 49  PHE A C   1 
ATOM   397  O O   . PHE A 1 49  ? -2.526  19.125  7.590   1.00 29.86 ? 49  PHE A O   1 
ATOM   398  C CB  . PHE A 1 49  ? -2.941  16.805  9.463   1.00 32.08 ? 49  PHE A CB  1 
ATOM   399  C CG  . PHE A 1 49  ? -2.731  15.342  9.687   1.00 30.30 ? 49  PHE A CG  1 
ATOM   400  C CD1 . PHE A 1 49  ? -2.718  14.459  8.611   1.00 30.48 ? 49  PHE A CD1 1 
ATOM   401  C CD2 . PHE A 1 49  ? -2.476  14.848  10.967  1.00 28.89 ? 49  PHE A CD2 1 
ATOM   402  C CE1 . PHE A 1 49  ? -2.447  13.101  8.809   1.00 29.89 ? 49  PHE A CE1 1 
ATOM   403  C CE2 . PHE A 1 49  ? -2.205  13.499  11.177  1.00 30.02 ? 49  PHE A CE2 1 
ATOM   404  C CZ  . PHE A 1 49  ? -2.191  12.620  10.088  1.00 29.99 ? 49  PHE A CZ  1 
ATOM   405  N N   . LYS A 1 50  ? -1.433  19.964  9.364   1.00 32.71 ? 50  LYS A N   1 
ATOM   406  C CA  . LYS A 1 50  ? -1.629  21.339  8.912   1.00 33.78 ? 50  LYS A CA  1 
ATOM   407  C C   . LYS A 1 50  ? -0.958  21.480  7.568   1.00 33.80 ? 50  LYS A C   1 
ATOM   408  O O   . LYS A 1 50  ? 0.161   21.026  7.384   1.00 36.26 ? 50  LYS A O   1 
ATOM   409  C CB  . LYS A 1 50  ? -0.988  22.326  9.877   1.00 34.19 ? 50  LYS A CB  1 
ATOM   410  C CG  . LYS A 1 50  ? -1.902  22.803  10.968  1.00 40.80 ? 50  LYS A CG  1 
ATOM   411  C CD  . LYS A 1 50  ? -1.306  22.503  12.327  1.00 44.75 ? 50  LYS A CD  1 
ATOM   412  C CE  . LYS A 1 50  ? -0.861  23.766  13.015  1.00 45.23 ? 50  LYS A CE  1 
ATOM   413  N NZ  . LYS A 1 50  ? -2.048  24.589  13.343  1.00 49.20 ? 50  LYS A NZ  1 
ATOM   414  N N   . ASN A 1 51  ? -1.650  22.081  6.618   1.00 37.11 ? 51  ASN A N   1 
ATOM   415  C CA  . ASN A 1 51  ? -1.083  22.294  5.300   1.00 41.11 ? 51  ASN A CA  1 
ATOM   416  C C   . ASN A 1 51  ? -1.008  21.064  4.408   1.00 40.01 ? 51  ASN A C   1 
ATOM   417  O O   . ASN A 1 51  ? -0.489  21.152  3.298   1.00 39.03 ? 51  ASN A O   1 
ATOM   418  C CB  . ASN A 1 51  ? 0.313   22.924  5.422   1.00 48.27 ? 51  ASN A CB  1 
ATOM   419  C CG  . ASN A 1 51  ? 0.282   24.289  6.111   1.00 55.04 ? 51  ASN A CG  1 
ATOM   420  O OD1 . ASN A 1 51  ? -0.463  25.182  5.702   1.00 59.50 ? 51  ASN A OD1 1 
ATOM   421  N ND2 . ASN A 1 51  ? 1.092   24.452  7.162   1.00 57.19 ? 51  ASN A ND2 1 
ATOM   422  N N   . ARG A 1 52  ? -1.503  19.915  4.867   1.00 37.91 ? 52  ARG A N   1 
ATOM   423  C CA  . ARG A 1 52  ? -1.474  18.753  3.990   1.00 35.56 ? 52  ARG A CA  1 
ATOM   424  C C   . ARG A 1 52  ? -2.696  17.858  4.013   1.00 35.72 ? 52  ARG A C   1 
ATOM   425  O O   . ARG A 1 52  ? -2.587  16.658  3.771   1.00 35.64 ? 52  ARG A O   1 
ATOM   426  C CB  . ARG A 1 52  ? -0.220  17.915  4.213   1.00 33.84 ? 52  ARG A CB  1 
ATOM   427  C CG  . ARG A 1 52  ? -0.025  17.407  5.597   1.00 34.93 ? 52  ARG A CG  1 
ATOM   428  C CD  . ARG A 1 52  ? 0.936   16.262  5.570   1.00 30.74 ? 52  ARG A CD  1 
ATOM   429  N NE  . ARG A 1 52  ? 1.013   15.613  6.870   1.00 32.31 ? 52  ARG A NE  1 
ATOM   430  C CZ  . ARG A 1 52  ? 0.957   14.300  7.045   1.00 31.57 ? 52  ARG A CZ  1 
ATOM   431  N NH1 . ARG A 1 52  ? 0.820   13.508  5.994   1.00 31.53 ? 52  ARG A NH1 1 
ATOM   432  N NH2 . ARG A 1 52  ? 1.047   13.785  8.262   1.00 32.59 ? 52  ARG A NH2 1 
ATOM   433  N N   . VAL A 1 53  ? -3.855  18.440  4.313   1.00 32.38 ? 53  VAL A N   1 
ATOM   434  C CA  . VAL A 1 53  ? -5.117  17.699  4.284   1.00 31.48 ? 53  VAL A CA  1 
ATOM   435  C C   . VAL A 1 53  ? -6.183  18.582  3.623   1.00 32.06 ? 53  VAL A C   1 
ATOM   436  O O   . VAL A 1 53  ? -6.077  19.806  3.621   1.00 34.63 ? 53  VAL A O   1 
ATOM   437  C CB  . VAL A 1 53  ? -5.633  17.296  5.712   1.00 29.70 ? 53  VAL A CB  1 
ATOM   438  C CG1 . VAL A 1 53  ? -4.629  16.418  6.422   1.00 26.04 ? 53  VAL A CG1 1 
ATOM   439  C CG2 . VAL A 1 53  ? -5.925  18.526  6.533   1.00 27.39 ? 53  VAL A CG2 1 
ATOM   440  N N   . TYR A 1 54  ? -7.179  17.963  3.012   1.00 30.22 ? 54  TYR A N   1 
ATOM   441  C CA  . TYR A 1 54  ? -8.278  18.713  2.443   1.00 28.74 ? 54  TYR A CA  1 
ATOM   442  C C   . TYR A 1 54  ? -9.554  18.028  2.938   1.00 30.17 ? 54  TYR A C   1 
ATOM   443  O O   . TYR A 1 54  ? -9.695  16.808  2.858   1.00 31.14 ? 54  TYR A O   1 
ATOM   444  C CB  . TYR A 1 54  ? -8.262  18.708  0.933   1.00 28.97 ? 54  TYR A CB  1 
ATOM   445  C CG  . TYR A 1 54  ? -9.614  19.115  0.382   1.00 30.62 ? 54  TYR A CG  1 
ATOM   446  C CD1 . TYR A 1 54  ? -10.106 20.409  0.583   1.00 27.48 ? 54  TYR A CD1 1 
ATOM   447  C CD2 . TYR A 1 54  ? -10.424 18.199  -0.308  1.00 29.50 ? 54  TYR A CD2 1 
ATOM   448  C CE1 . TYR A 1 54  ? -11.359 20.780  0.114   1.00 27.64 ? 54  TYR A CE1 1 
ATOM   449  C CE2 . TYR A 1 54  ? -11.672 18.561  -0.777  1.00 27.96 ? 54  TYR A CE2 1 
ATOM   450  C CZ  . TYR A 1 54  ? -12.131 19.857  -0.561  1.00 29.78 ? 54  TYR A CZ  1 
ATOM   451  O OH  . TYR A 1 54  ? -13.368 20.226  -1.018  1.00 33.37 ? 54  TYR A OH  1 
ATOM   452  N N   . LEU A 1 55  ? -10.494 18.815  3.439   1.00 29.08 ? 55  LEU A N   1 
ATOM   453  C CA  . LEU A 1 55  ? -11.726 18.262  3.974   1.00 28.36 ? 55  LEU A CA  1 
ATOM   454  C C   . LEU A 1 55  ? -12.937 18.678  3.156   1.00 30.55 ? 55  LEU A C   1 
ATOM   455  O O   . LEU A 1 55  ? -13.288 19.864  3.110   1.00 31.45 ? 55  LEU A O   1 
ATOM   456  C CB  . LEU A 1 55  ? -11.882 18.734  5.421   1.00 28.77 ? 55  LEU A CB  1 
ATOM   457  C CG  . LEU A 1 55  ? -12.950 18.133  6.331   1.00 33.03 ? 55  LEU A CG  1 
ATOM   458  C CD1 . LEU A 1 55  ? -13.092 16.633  6.087   1.00 35.14 ? 55  LEU A CD1 1 
ATOM   459  C CD2 . LEU A 1 55  ? -12.545 18.400  7.770   1.00 33.68 ? 55  LEU A CD2 1 
ATOM   460  N N   . ASP A 1 56  ? -13.573 17.710  2.505   1.00 29.80 ? 56  ASP A N   1 
ATOM   461  C CA  . ASP A 1 56  ? -14.768 17.989  1.710   1.00 33.61 ? 56  ASP A CA  1 
ATOM   462  C C   . ASP A 1 56  ? -15.894 18.439  2.648   1.00 33.27 ? 56  ASP A C   1 
ATOM   463  O O   . ASP A 1 56  ? -16.368 17.681  3.488   1.00 33.63 ? 56  ASP A O   1 
ATOM   464  C CB  . ASP A 1 56  ? -15.186 16.734  0.926   1.00 36.43 ? 56  ASP A CB  1 
ATOM   465  C CG  . ASP A 1 56  ? -16.296 17.010  -0.087  1.00 41.34 ? 56  ASP A CG  1 
ATOM   466  O OD1 . ASP A 1 56  ? -16.642 18.185  -0.344  1.00 45.16 ? 56  ASP A OD1 1 
ATOM   467  O OD2 . ASP A 1 56  ? -16.823 16.033  -0.635  1.00 47.44 ? 56  ASP A OD2 1 
ATOM   468  N N   . THR A 1 57  ? -16.326 19.677  2.503   1.00 34.60 ? 57  THR A N   1 
ATOM   469  C CA  . THR A 1 57  ? -17.362 20.217  3.372   1.00 40.20 ? 57  THR A CA  1 
ATOM   470  C C   . THR A 1 57  ? -18.740 19.638  3.126   1.00 41.53 ? 57  THR A C   1 
ATOM   471  O O   . THR A 1 57  ? -19.654 19.836  3.931   1.00 44.80 ? 57  THR A O   1 
ATOM   472  C CB  . THR A 1 57  ? -17.473 21.709  3.196   1.00 40.76 ? 57  THR A CB  1 
ATOM   473  O OG1 . THR A 1 57  ? -17.914 21.969  1.859   1.00 46.06 ? 57  THR A OG1 1 
ATOM   474  C CG2 . THR A 1 57  ? -16.115 22.378  3.423   1.00 44.07 ? 57  THR A CG2 1 
ATOM   475  N N   . VAL A 1 58  ? -18.896 18.930  2.017   1.00 42.38 ? 58  VAL A N   1 
ATOM   476  C CA  . VAL A 1 58  ? -20.186 18.343  1.685   1.00 43.47 ? 58  VAL A CA  1 
ATOM   477  C C   . VAL A 1 58  ? -20.376 16.942  2.249   1.00 43.17 ? 58  VAL A C   1 
ATOM   478  O O   . VAL A 1 58  ? -21.366 16.664  2.938   1.00 43.67 ? 58  VAL A O   1 
ATOM   479  C CB  . VAL A 1 58  ? -20.364 18.279  0.170   1.00 45.22 ? 58  VAL A CB  1 
ATOM   480  C CG1 . VAL A 1 58  ? -21.662 17.594  -0.172  1.00 45.69 ? 58  VAL A CG1 1 
ATOM   481  C CG2 . VAL A 1 58  ? -20.330 19.672  -0.399  1.00 45.24 ? 58  VAL A CG2 1 
ATOM   482  N N   . SER A 1 59  ? -19.412 16.069  1.952   1.00 42.70 ? 59  SER A N   1 
ATOM   483  C CA  . SER A 1 59  ? -19.443 14.666  2.377   1.00 38.67 ? 59  SER A CA  1 
ATOM   484  C C   . SER A 1 59  ? -18.654 14.418  3.636   1.00 36.96 ? 59  SER A C   1 
ATOM   485  O O   . SER A 1 59  ? -18.892 13.439  4.334   1.00 37.19 ? 59  SER A O   1 
ATOM   486  C CB  . SER A 1 59  ? -18.854 13.791  1.289   1.00 35.94 ? 59  SER A CB  1 
ATOM   487  O OG  . SER A 1 59  ? -17.522 14.204  1.027   1.00 37.19 ? 59  SER A OG  1 
ATOM   488  N N   . GLY A 1 60  ? -17.700 15.301  3.907   1.00 34.47 ? 60  GLY A N   1 
ATOM   489  C CA  . GLY A 1 60  ? -16.860 15.139  5.073   1.00 32.25 ? 60  GLY A CA  1 
ATOM   490  C C   . GLY A 1 60  ? -15.643 14.292  4.750   1.00 31.89 ? 60  GLY A C   1 
ATOM   491  O O   . GLY A 1 60  ? -14.861 13.986  5.633   1.00 35.62 ? 60  GLY A O   1 
ATOM   492  N N   . SER A 1 61  ? -15.480 13.917  3.485   1.00 31.36 ? 61  SER A N   1 
ATOM   493  C CA  . SER A 1 61  ? -14.338 13.104  3.042   1.00 31.01 ? 61  SER A CA  1 
ATOM   494  C C   . SER A 1 61  ? -13.017 13.810  3.305   1.00 29.66 ? 61  SER A C   1 
ATOM   495  O O   . SER A 1 61  ? -12.874 14.998  3.022   1.00 29.66 ? 61  SER A O   1 
ATOM   496  C CB  . SER A 1 61  ? -14.433 12.808  1.536   1.00 32.25 ? 61  SER A CB  1 
ATOM   497  O OG  . SER A 1 61  ? -15.390 11.805  1.259   1.00 35.35 ? 61  SER A OG  1 
ATOM   498  N N   . LEU A 1 62  ? -12.046 13.063  3.823   1.00 29.19 ? 62  LEU A N   1 
ATOM   499  C CA  . LEU A 1 62  ? -10.724 13.609  4.128   1.00 27.56 ? 62  LEU A CA  1 
ATOM   500  C C   . LEU A 1 62  ? -9.667  13.140  3.140   1.00 29.62 ? 62  LEU A C   1 
ATOM   501  O O   . LEU A 1 62  ? -9.598  11.948  2.828   1.00 28.95 ? 62  LEU A O   1 
ATOM   502  C CB  . LEU A 1 62  ? -10.282 13.182  5.533   1.00 24.55 ? 62  LEU A CB  1 
ATOM   503  C CG  . LEU A 1 62  ? -8.903  13.656  5.995   1.00 22.90 ? 62  LEU A CG  1 
ATOM   504  C CD1 . LEU A 1 62  ? -8.963  15.150  6.203   1.00 25.67 ? 62  LEU A CD1 1 
ATOM   505  C CD2 . LEU A 1 62  ? -8.502  12.978  7.275   1.00 22.00 ? 62  LEU A CD2 1 
ATOM   506  N N   . THR A 1 63  ? -8.858  14.074  2.642   1.00 27.93 ? 63  THR A N   1 
ATOM   507  C CA  . THR A 1 63  ? -7.761  13.737  1.751   1.00 26.85 ? 63  THR A CA  1 
ATOM   508  C C   . THR A 1 63  ? -6.481  14.126  2.483   1.00 27.18 ? 63  THR A C   1 
ATOM   509  O O   . THR A 1 63  ? -6.368  15.243  2.970   1.00 26.61 ? 63  THR A O   1 
ATOM   510  C CB  . THR A 1 63  ? -7.830  14.499  0.422   1.00 27.06 ? 63  THR A CB  1 
ATOM   511  O OG1 . THR A 1 63  ? -8.958  14.041  -0.325  1.00 28.91 ? 63  THR A OG1 1 
ATOM   512  C CG2 . THR A 1 63  ? -6.567  14.236  -0.413  1.00 28.04 ? 63  THR A CG2 1 
ATOM   513  N N   . ILE A 1 64  ? -5.542  13.189  2.598   1.00 25.36 ? 64  ILE A N   1 
ATOM   514  C CA  . ILE A 1 64  ? -4.259  13.440  3.254   1.00 27.64 ? 64  ILE A CA  1 
ATOM   515  C C   . ILE A 1 64  ? -3.166  13.428  2.175   1.00 31.95 ? 64  ILE A C   1 
ATOM   516  O O   . ILE A 1 64  ? -3.052  12.469  1.409   1.00 33.20 ? 64  ILE A O   1 
ATOM   517  C CB  . ILE A 1 64  ? -3.930  12.347  4.281   1.00 26.50 ? 64  ILE A CB  1 
ATOM   518  C CG1 . ILE A 1 64  ? -5.065  12.226  5.288   1.00 24.99 ? 64  ILE A CG1 1 
ATOM   519  C CG2 . ILE A 1 64  ? -2.612  12.671  4.978   1.00 25.93 ? 64  ILE A CG2 1 
ATOM   520  C CD1 . ILE A 1 64  ? -4.884  11.116  6.297   1.00 25.76 ? 64  ILE A CD1 1 
ATOM   521  N N   . TYR A 1 65  ? -2.373  14.493  2.106   1.00 32.23 ? 65  TYR A N   1 
ATOM   522  C CA  . TYR A 1 65  ? -1.314  14.584  1.106   1.00 32.93 ? 65  TYR A CA  1 
ATOM   523  C C   . TYR A 1 65  ? 0.038   14.271  1.705   1.00 35.17 ? 65  TYR A C   1 
ATOM   524  O O   . TYR A 1 65  ? 0.217   14.292  2.929   1.00 33.91 ? 65  TYR A O   1 
ATOM   525  C CB  . TYR A 1 65  ? -1.275  15.985  0.484   1.00 29.28 ? 65  TYR A CB  1 
ATOM   526  C CG  . TYR A 1 65  ? -2.567  16.380  -0.187  1.00 27.51 ? 65  TYR A CG  1 
ATOM   527  C CD1 . TYR A 1 65  ? -2.838  15.993  -1.500  1.00 24.29 ? 65  TYR A CD1 1 
ATOM   528  C CD2 . TYR A 1 65  ? -3.528  17.138  0.496   1.00 26.87 ? 65  TYR A CD2 1 
ATOM   529  C CE1 . TYR A 1 65  ? -4.034  16.347  -2.124  1.00 25.78 ? 65  TYR A CE1 1 
ATOM   530  C CE2 . TYR A 1 65  ? -4.733  17.502  -0.117  1.00 26.31 ? 65  TYR A CE2 1 
ATOM   531  C CZ  . TYR A 1 65  ? -4.976  17.105  -1.420  1.00 28.70 ? 65  TYR A CZ  1 
ATOM   532  O OH  . TYR A 1 65  ? -6.153  17.467  -2.026  1.00 30.78 ? 65  TYR A OH  1 
ATOM   533  N N   . ASN A 1 66  ? 0.986   13.964  0.823   1.00 39.75 ? 66  ASN A N   1 
ATOM   534  C CA  . ASN A 1 66  ? 2.344   13.663  1.230   1.00 42.54 ? 66  ASN A CA  1 
ATOM   535  C C   . ASN A 1 66  ? 2.473   12.665  2.385   1.00 38.68 ? 66  ASN A C   1 
ATOM   536  O O   . ASN A 1 66  ? 3.073   12.961  3.425   1.00 36.96 ? 66  ASN A O   1 
ATOM   537  C CB  . ASN A 1 66  ? 3.045   14.965  1.585   1.00 54.17 ? 66  ASN A CB  1 
ATOM   538  C CG  . ASN A 1 66  ? 4.503   14.932  1.237   1.00 68.39 ? 66  ASN A CG  1 
ATOM   539  O OD1 . ASN A 1 66  ? 4.906   14.350  0.220   1.00 67.05 ? 66  ASN A OD1 1 
ATOM   540  N ND2 . ASN A 1 66  ? 5.308   15.549  2.091   1.00 80.70 ? 66  ASN A ND2 1 
ATOM   541  N N   . LEU A 1 67  ? 1.931   11.471  2.172   1.00 35.31 ? 67  LEU A N   1 
ATOM   542  C CA  . LEU A 1 67  ? 1.942   10.417  3.175   1.00 33.70 ? 67  LEU A CA  1 
ATOM   543  C C   . LEU A 1 67  ? 3.316   10.047  3.688   1.00 35.25 ? 67  LEU A C   1 
ATOM   544  O O   . LEU A 1 67  ? 4.288   10.048  2.941   1.00 39.09 ? 67  LEU A O   1 
ATOM   545  C CB  . LEU A 1 67  ? 1.250   9.171   2.621   1.00 30.53 ? 67  LEU A CB  1 
ATOM   546  C CG  . LEU A 1 67  ? -0.249  9.334   2.351   1.00 27.64 ? 67  LEU A CG  1 
ATOM   547  C CD1 . LEU A 1 67  ? -0.792  8.114   1.637   1.00 26.72 ? 67  LEU A CD1 1 
ATOM   548  C CD2 . LEU A 1 67  ? -0.972  9.533   3.676   1.00 28.17 ? 67  LEU A CD2 1 
ATOM   549  N N   . THR A 1 68  ? 3.386   9.741   4.977   1.00 35.81 ? 68  THR A N   1 
ATOM   550  C CA  . THR A 1 68  ? 4.619   9.332   5.630   1.00 39.37 ? 68  THR A CA  1 
ATOM   551  C C   . THR A 1 68  ? 4.213   8.118   6.452   1.00 39.45 ? 68  THR A C   1 
ATOM   552  O O   . THR A 1 68  ? 3.032   7.943   6.745   1.00 37.77 ? 68  THR A O   1 
ATOM   553  C CB  . THR A 1 68  ? 5.194   10.440  6.566   1.00 41.99 ? 68  THR A CB  1 
ATOM   554  O OG1 . THR A 1 68  ? 6.176   9.872   7.435   1.00 45.00 ? 68  THR A OG1 1 
ATOM   555  C CG2 . THR A 1 68  ? 4.105   11.046  7.429   1.00 44.06 ? 68  THR A CG2 1 
ATOM   556  N N   . SER A 1 69  ? 5.177   7.279   6.812   1.00 39.92 ? 69  SER A N   1 
ATOM   557  C CA  . SER A 1 69  ? 4.897   6.063   7.576   1.00 43.03 ? 69  SER A CA  1 
ATOM   558  C C   . SER A 1 69  ? 4.135   6.307   8.861   1.00 43.85 ? 69  SER A C   1 
ATOM   559  O O   . SER A 1 69  ? 3.294   5.494   9.249   1.00 45.07 ? 69  SER A O   1 
ATOM   560  C CB  . SER A 1 69  ? 6.198   5.336   7.918   1.00 44.45 ? 69  SER A CB  1 
ATOM   561  O OG  . SER A 1 69  ? 7.300   6.098   7.469   1.00 51.99 ? 69  SER A OG  1 
ATOM   562  N N   . SER A 1 70  ? 4.441   7.412   9.537   1.00 45.15 ? 70  SER A N   1 
ATOM   563  C CA  . SER A 1 70  ? 3.771   7.732   10.791  1.00 45.40 ? 70  SER A CA  1 
ATOM   564  C C   . SER A 1 70  ? 2.262   7.875   10.563  1.00 44.83 ? 70  SER A C   1 
ATOM   565  O O   . SER A 1 70  ? 1.467   7.727   11.496  1.00 46.65 ? 70  SER A O   1 
ATOM   566  C CB  . SER A 1 70  ? 4.354   9.016   11.383  1.00 46.19 ? 70  SER A CB  1 
ATOM   567  O OG  . SER A 1 70  ? 4.758   9.910   10.361  1.00 54.05 ? 70  SER A OG  1 
ATOM   568  N N   . ASP A 1 71  ? 1.876   8.136   9.314   1.00 40.96 ? 71  ASP A N   1 
ATOM   569  C CA  . ASP A 1 71  ? 0.469   8.280   8.951   1.00 36.75 ? 71  ASP A CA  1 
ATOM   570  C C   . ASP A 1 71  ? -0.305  6.980   8.976   1.00 35.28 ? 71  ASP A C   1 
ATOM   571  O O   . ASP A 1 71  ? -1.533  6.984   8.910   1.00 34.61 ? 71  ASP A O   1 
ATOM   572  C CB  . ASP A 1 71  ? 0.335   8.881   7.567   1.00 34.57 ? 71  ASP A CB  1 
ATOM   573  C CG  . ASP A 1 71  ? 0.722   10.320  7.537   1.00 32.52 ? 71  ASP A CG  1 
ATOM   574  O OD1 . ASP A 1 71  ? 0.729   10.954  8.614   1.00 34.93 ? 71  ASP A OD1 1 
ATOM   575  O OD2 . ASP A 1 71  ? 1.022   10.817  6.442   1.00 31.68 ? 71  ASP A OD2 1 
ATOM   576  N N   . GLU A 1 72  ? 0.406   5.863   9.046   1.00 35.06 ? 72  GLU A N   1 
ATOM   577  C CA  . GLU A 1 72  ? -0.258  4.565   9.090   1.00 35.78 ? 72  GLU A CA  1 
ATOM   578  C C   . GLU A 1 72  ? -0.975  4.470   10.425  1.00 35.25 ? 72  GLU A C   1 
ATOM   579  O O   . GLU A 1 72  ? -0.349  4.535   11.486  1.00 35.44 ? 72  GLU A O   1 
ATOM   580  C CB  . GLU A 1 72  ? 0.753   3.433   8.989   1.00 36.28 ? 72  GLU A CB  1 
ATOM   581  C CG  . GLU A 1 72  ? 0.107   2.080   9.135   1.00 40.61 ? 72  GLU A CG  1 
ATOM   582  C CD  . GLU A 1 72  ? 0.940   0.984   8.515   1.00 43.93 ? 72  GLU A CD  1 
ATOM   583  O OE1 . GLU A 1 72  ? 1.522   1.217   7.435   1.00 44.77 ? 72  GLU A OE1 1 
ATOM   584  O OE2 . GLU A 1 72  ? 1.008   -0.109  9.110   1.00 45.23 ? 72  GLU A OE2 1 
ATOM   585  N N   . ASP A 1 73  ? -2.283  4.285   10.381  1.00 33.74 ? 73  ASP A N   1 
ATOM   586  C CA  . ASP A 1 73  ? -3.028  4.263   11.623  1.00 33.38 ? 73  ASP A CA  1 
ATOM   587  C C   . ASP A 1 73  ? -4.502  4.109   11.335  1.00 33.41 ? 73  ASP A C   1 
ATOM   588  O O   . ASP A 1 73  ? -4.923  4.008   10.180  1.00 33.01 ? 73  ASP A O   1 
ATOM   589  C CB  . ASP A 1 73  ? -2.815  5.600   12.335  1.00 34.12 ? 73  ASP A CB  1 
ATOM   590  C CG  . ASP A 1 73  ? -2.626  5.452   13.808  1.00 36.83 ? 73  ASP A CG  1 
ATOM   591  O OD1 . ASP A 1 73  ? -3.177  4.489   14.385  1.00 38.20 ? 73  ASP A OD1 1 
ATOM   592  O OD2 . ASP A 1 73  ? -1.923  6.304   14.391  1.00 40.11 ? 73  ASP A OD2 1 
ATOM   593  N N   . GLU A 1 74  ? -5.285  4.085   12.405  1.00 33.78 ? 74  GLU A N   1 
ATOM   594  C CA  . GLU A 1 74  ? -6.716  4.029   12.261  1.00 34.40 ? 74  GLU A CA  1 
ATOM   595  C C   . GLU A 1 74  ? -7.207  5.468   12.383  1.00 32.98 ? 74  GLU A C   1 
ATOM   596  O O   . GLU A 1 74  ? -6.731  6.218   13.237  1.00 31.75 ? 74  GLU A O   1 
ATOM   597  C CB  . GLU A 1 74  ? -7.345  3.204   13.356  1.00 39.30 ? 74  GLU A CB  1 
ATOM   598  C CG  . GLU A 1 74  ? -8.731  2.767   12.968  1.00 47.39 ? 74  GLU A CG  1 
ATOM   599  C CD  . GLU A 1 74  ? -9.681  2.762   14.125  1.00 52.31 ? 74  GLU A CD  1 
ATOM   600  O OE1 . GLU A 1 74  ? -9.264  3.097   15.255  1.00 55.34 ? 74  GLU A OE1 1 
ATOM   601  O OE2 . GLU A 1 74  ? -10.857 2.420   13.896  1.00 59.87 ? 74  GLU A OE2 1 
ATOM   602  N N   . TYR A 1 75  ? -8.139  5.846   11.515  1.00 32.39 ? 75  TYR A N   1 
ATOM   603  C CA  . TYR A 1 75  ? -8.711  7.184   11.508  1.00 31.67 ? 75  TYR A CA  1 
ATOM   604  C C   . TYR A 1 75  ? -10.209 7.010   11.649  1.00 33.29 ? 75  TYR A C   1 
ATOM   605  O O   . TYR A 1 75  ? -10.796 6.062   11.106  1.00 31.26 ? 75  TYR A O   1 
ATOM   606  C CB  . TYR A 1 75  ? -8.411  7.911   10.197  1.00 28.15 ? 75  TYR A CB  1 
ATOM   607  C CG  . TYR A 1 75  ? -6.961  8.285   10.003  1.00 29.69 ? 75  TYR A CG  1 
ATOM   608  C CD1 . TYR A 1 75  ? -5.989  7.301   9.746   1.00 28.07 ? 75  TYR A CD1 1 
ATOM   609  C CD2 . TYR A 1 75  ? -6.551  9.620   10.064  1.00 27.48 ? 75  TYR A CD2 1 
ATOM   610  C CE1 . TYR A 1 75  ? -4.642  7.640   9.549   1.00 25.15 ? 75  TYR A CE1 1 
ATOM   611  C CE2 . TYR A 1 75  ? -5.210  9.971   9.869   1.00 28.73 ? 75  TYR A CE2 1 
ATOM   612  C CZ  . TYR A 1 75  ? -4.266  8.971   9.611   1.00 27.49 ? 75  TYR A CZ  1 
ATOM   613  O OH  . TYR A 1 75  ? -2.956  9.315   9.392   1.00 26.46 ? 75  TYR A OH  1 
ATOM   614  N N   . GLU A 1 76  ? -10.824 7.932   12.384  1.00 33.64 ? 76  GLU A N   1 
ATOM   615  C CA  . GLU A 1 76  ? -12.260 7.884   12.612  1.00 35.62 ? 76  GLU A CA  1 
ATOM   616  C C   . GLU A 1 76  ? -12.903 9.246   12.317  1.00 32.83 ? 76  GLU A C   1 
ATOM   617  O O   . GLU A 1 76  ? -12.357 10.297  12.658  1.00 30.68 ? 76  GLU A O   1 
ATOM   618  C CB  . GLU A 1 76  ? -12.531 7.466   14.067  1.00 36.77 ? 76  GLU A CB  1 
ATOM   619  C CG  . GLU A 1 76  ? -11.605 6.365   14.583  1.00 43.56 ? 76  GLU A CG  1 
ATOM   620  C CD  . GLU A 1 76  ? -10.305 6.900   15.196  1.00 49.81 ? 76  GLU A CD  1 
ATOM   621  O OE1 . GLU A 1 76  ? -10.310 8.042   15.702  1.00 52.18 ? 76  GLU A OE1 1 
ATOM   622  O OE2 . GLU A 1 76  ? -9.271  6.181   15.178  1.00 52.20 ? 76  GLU A OE2 1 
ATOM   623  N N   . MET A 1 77  ? -14.053 9.210   11.664  1.00 31.02 ? 77  MET A N   1 
ATOM   624  C CA  . MET A 1 77  ? -14.789 10.415  11.329  1.00 33.25 ? 77  MET A CA  1 
ATOM   625  C C   . MET A 1 77  ? -16.037 10.507  12.176  1.00 34.27 ? 77  MET A C   1 
ATOM   626  O O   . MET A 1 77  ? -16.736 9.513   12.345  1.00 34.88 ? 77  MET A O   1 
ATOM   627  C CB  . MET A 1 77  ? -15.225 10.376  9.868   1.00 36.22 ? 77  MET A CB  1 
ATOM   628  C CG  . MET A 1 77  ? -15.807 11.683  9.364   1.00 44.63 ? 77  MET A CG  1 
ATOM   629  S SD  . MET A 1 77  ? -17.469 11.500  8.673   1.00 59.21 ? 77  MET A SD  1 
ATOM   630  C CE  . MET A 1 77  ? -18.397 11.431  10.203  1.00 53.49 ? 77  MET A CE  1 
ATOM   631  N N   . GLU A 1 78  ? -16.322 11.677  12.726  1.00 32.28 ? 78  GLU A N   1 
ATOM   632  C CA  . GLU A 1 78  ? -17.558 11.817  13.475  1.00 33.39 ? 78  GLU A CA  1 
ATOM   633  C C   . GLU A 1 78  ? -18.236 13.097  13.077  1.00 33.87 ? 78  GLU A C   1 
ATOM   634  O O   . GLU A 1 78  ? -17.569 14.095  12.766  1.00 32.90 ? 78  GLU A O   1 
ATOM   635  C CB  . GLU A 1 78  ? -17.333 11.798  14.977  1.00 35.39 ? 78  GLU A CB  1 
ATOM   636  C CG  . GLU A 1 78  ? -16.195 12.598  15.466  1.00 43.97 ? 78  GLU A CG  1 
ATOM   637  C CD  . GLU A 1 78  ? -16.150 12.587  16.973  1.00 51.69 ? 78  GLU A CD  1 
ATOM   638  O OE1 . GLU A 1 78  ? -17.095 13.127  17.578  1.00 57.49 ? 78  GLU A OE1 1 
ATOM   639  O OE2 . GLU A 1 78  ? -15.192 12.038  17.562  1.00 55.89 ? 78  GLU A OE2 1 
ATOM   640  N N   . SER A 1 79  ? -19.564 13.044  13.062  1.00 32.01 ? 79  SER A N   1 
ATOM   641  C CA  . SER A 1 79  ? -20.403 14.182  12.706  1.00 31.80 ? 79  SER A CA  1 
ATOM   642  C C   . SER A 1 79  ? -21.629 14.086  13.612  1.00 32.95 ? 79  SER A C   1 
ATOM   643  O O   . SER A 1 79  ? -22.117 12.987  13.857  1.00 33.80 ? 79  SER A O   1 
ATOM   644  C CB  . SER A 1 79  ? -20.812 14.083  11.246  1.00 31.80 ? 79  SER A CB  1 
ATOM   645  O OG  . SER A 1 79  ? -21.305 15.328  10.794  1.00 36.30 ? 79  SER A OG  1 
ATOM   646  N N   . PRO A 1 80  ? -22.151 15.231  14.108  1.00 32.46 ? 80  PRO A N   1 
ATOM   647  C CA  . PRO A 1 80  ? -23.317 15.216  15.002  1.00 34.48 ? 80  PRO A CA  1 
ATOM   648  C C   . PRO A 1 80  ? -24.535 14.411  14.569  1.00 38.73 ? 80  PRO A C   1 
ATOM   649  O O   . PRO A 1 80  ? -25.102 13.683  15.382  1.00 38.82 ? 80  PRO A O   1 
ATOM   650  C CB  . PRO A 1 80  ? -23.643 16.693  15.196  1.00 32.66 ? 80  PRO A CB  1 
ATOM   651  C CG  . PRO A 1 80  ? -22.344 17.390  14.957  1.00 29.51 ? 80  PRO A CG  1 
ATOM   652  C CD  . PRO A 1 80  ? -21.692 16.606  13.853  1.00 29.59 ? 80  PRO A CD  1 
ATOM   653  N N   . ASN A 1 81  ? -24.936 14.531  13.303  1.00 43.30 ? 81  ASN A N   1 
ATOM   654  C CA  . ASN A 1 81  ? -26.102 13.791  12.824  1.00 48.65 ? 81  ASN A CA  1 
ATOM   655  C C   . ASN A 1 81  ? -25.746 12.448  12.183  1.00 49.73 ? 81  ASN A C   1 
ATOM   656  O O   . ASN A 1 81  ? -26.520 11.908  11.406  1.00 52.09 ? 81  ASN A O   1 
ATOM   657  C CB  . ASN A 1 81  ? -26.936 14.648  11.849  1.00 51.21 ? 81  ASN A CB  1 
ATOM   658  C CG  . ASN A 1 81  ? -28.443 14.313  11.900  1.00 56.75 ? 81  ASN A CG  1 
ATOM   659  O OD1 . ASN A 1 81  ? -28.879 13.437  12.660  1.00 58.10 ? 81  ASN A OD1 1 
ATOM   660  N ND2 . ASN A 1 81  ? -29.234 15.011  11.088  1.00 58.92 ? 81  ASN A ND2 1 
ATOM   661  N N   . ILE A 1 82  ? -24.568 11.919  12.502  1.00 50.84 ? 82  ILE A N   1 
ATOM   662  C CA  . ILE A 1 82  ? -24.143 10.622  11.989  1.00 49.99 ? 82  ILE A CA  1 
ATOM   663  C C   . ILE A 1 82  ? -24.060 9.741   13.213  1.00 53.73 ? 82  ILE A C   1 
ATOM   664  O O   . ILE A 1 82  ? -23.252 9.959   14.122  1.00 51.07 ? 82  ILE A O   1 
ATOM   665  C CB  . ILE A 1 82  ? -22.778 10.683  11.291  1.00 48.53 ? 82  ILE A CB  1 
ATOM   666  C CG1 . ILE A 1 82  ? -22.994 10.969  9.811   1.00 46.75 ? 82  ILE A CG1 1 
ATOM   667  C CG2 . ILE A 1 82  ? -22.037 9.360   11.432  1.00 47.17 ? 82  ILE A CG2 1 
ATOM   668  C CD1 . ILE A 1 82  ? -21.739 11.343  9.085   1.00 46.25 ? 82  ILE A CD1 1 
ATOM   669  N N   . THR A 1 83  ? -24.941 8.751   13.234  1.00 60.35 ? 83  THR A N   1 
ATOM   670  C CA  . THR A 1 83  ? -25.039 7.826   14.345  1.00 64.76 ? 83  THR A CA  1 
ATOM   671  C C   . THR A 1 83  ? -23.801 6.992   14.503  1.00 67.05 ? 83  THR A C   1 
ATOM   672  O O   . THR A 1 83  ? -23.068 7.121   15.484  1.00 68.37 ? 83  THR A O   1 
ATOM   673  C CB  . THR A 1 83  ? -26.209 6.863   14.149  1.00 65.19 ? 83  THR A CB  1 
ATOM   674  O OG1 . THR A 1 83  ? -27.046 7.329   13.078  1.00 66.54 ? 83  THR A OG1 1 
ATOM   675  C CG2 . THR A 1 83  ? -26.998 6.746   15.434  1.00 65.13 ? 83  THR A CG2 1 
ATOM   676  N N   . ASP A 1 84  ? -23.587 6.144   13.507  1.00 70.01 ? 84  ASP A N   1 
ATOM   677  C CA  . ASP A 1 84  ? -22.475 5.207   13.473  1.00 74.19 ? 84  ASP A CA  1 
ATOM   678  C C   . ASP A 1 84  ? -21.080 5.727   13.128  1.00 74.02 ? 84  ASP A C   1 
ATOM   679  O O   . ASP A 1 84  ? -20.884 6.791   12.509  1.00 72.73 ? 84  ASP A O   1 
ATOM   680  C CB  . ASP A 1 84  ? -22.823 4.065   12.523  1.00 79.64 ? 84  ASP A CB  1 
ATOM   681  C CG  . ASP A 1 84  ? -23.814 4.488   11.453  1.00 85.37 ? 84  ASP A CG  1 
ATOM   682  O OD1 . ASP A 1 84  ? -23.792 5.678   11.047  1.00 86.67 ? 84  ASP A OD1 1 
ATOM   683  O OD2 . ASP A 1 84  ? -24.619 3.630   11.025  1.00 89.69 ? 84  ASP A OD2 1 
ATOM   684  N N   . THR A 1 85  ? -20.112 4.915   13.535  1.00 72.44 ? 85  THR A N   1 
ATOM   685  C CA  . THR A 1 85  ? -18.704 5.185   13.327  1.00 70.17 ? 85  THR A CA  1 
ATOM   686  C C   . THR A 1 85  ? -18.312 5.087   11.852  1.00 66.79 ? 85  THR A C   1 
ATOM   687  O O   . THR A 1 85  ? -18.987 4.432   11.046  1.00 67.20 ? 85  THR A O   1 
ATOM   688  C CB  . THR A 1 85  ? -17.832 4.173   14.129  1.00 71.42 ? 85  THR A CB  1 
ATOM   689  O OG1 . THR A 1 85  ? -17.730 2.943   13.397  1.00 72.73 ? 85  THR A OG1 1 
ATOM   690  C CG2 . THR A 1 85  ? -18.457 3.880   15.498  1.00 70.22 ? 85  THR A CG2 1 
ATOM   691  N N   . MET A 1 86  ? -17.224 5.766   11.511  1.00 60.74 ? 86  MET A N   1 
ATOM   692  C CA  . MET A 1 86  ? -16.664 5.727   10.172  1.00 54.23 ? 86  MET A CA  1 
ATOM   693  C C   . MET A 1 86  ? -15.197 5.540   10.498  1.00 50.96 ? 86  MET A C   1 
ATOM   694  O O   . MET A 1 86  ? -14.502 6.488   10.887  1.00 47.27 ? 86  MET A O   1 
ATOM   695  C CB  . MET A 1 86  ? -16.892 7.035   9.440   1.00 57.12 ? 86  MET A CB  1 
ATOM   696  C CG  . MET A 1 86  ? -18.334 7.273   9.089   1.00 59.57 ? 86  MET A CG  1 
ATOM   697  S SD  . MET A 1 86  ? -18.794 6.575   7.502   1.00 66.08 ? 86  MET A SD  1 
ATOM   698  C CE  . MET A 1 86  ? -17.241 6.500   6.654   1.00 67.28 ? 86  MET A CE  1 
ATOM   699  N N   . LYS A 1 87  ? -14.757 4.286   10.403  1.00 48.25 ? 87  LYS A N   1 
ATOM   700  C CA  . LYS A 1 87  ? -13.379 3.917   10.703  1.00 45.16 ? 87  LYS A CA  1 
ATOM   701  C C   . LYS A 1 87  ? -12.648 3.548   9.433   1.00 41.46 ? 87  LYS A C   1 
ATOM   702  O O   . LYS A 1 87  ? -13.203 2.885   8.560   1.00 38.37 ? 87  LYS A O   1 
ATOM   703  C CB  . LYS A 1 87  ? -13.345 2.736   11.669  1.00 47.37 ? 87  LYS A CB  1 
ATOM   704  C CG  . LYS A 1 87  ? -13.415 3.130   13.136  1.00 53.31 ? 87  LYS A CG  1 
ATOM   705  C CD  . LYS A 1 87  ? -14.436 2.281   13.898  1.00 60.02 ? 87  LYS A CD  1 
ATOM   706  C CE  . LYS A 1 87  ? -13.833 0.955   14.388  1.00 66.50 ? 87  LYS A CE  1 
ATOM   707  N NZ  . LYS A 1 87  ? -14.016 -0.213  13.436  1.00 71.30 ? 87  LYS A NZ  1 
ATOM   708  N N   . PHE A 1 88  ? -11.402 4.003   9.331   1.00 39.15 ? 88  PHE A N   1 
ATOM   709  C CA  . PHE A 1 88  ? -10.569 3.722   8.170   1.00 36.55 ? 88  PHE A CA  1 
ATOM   710  C C   . PHE A 1 88  ? -9.193  3.358   8.677   1.00 37.00 ? 88  PHE A C   1 
ATOM   711  O O   . PHE A 1 88  ? -8.626  4.119   9.465   1.00 38.54 ? 88  PHE A O   1 
ATOM   712  C CB  . PHE A 1 88  ? -10.419 4.962   7.284   1.00 32.09 ? 88  PHE A CB  1 
ATOM   713  C CG  . PHE A 1 88  ? -11.680 5.383   6.601   1.00 30.73 ? 88  PHE A CG  1 
ATOM   714  C CD1 . PHE A 1 88  ? -12.647 6.119   7.284   1.00 31.06 ? 88  PHE A CD1 1 
ATOM   715  C CD2 . PHE A 1 88  ? -11.901 5.062   5.268   1.00 30.30 ? 88  PHE A CD2 1 
ATOM   716  C CE1 . PHE A 1 88  ? -13.819 6.528   6.644   1.00 29.59 ? 88  PHE A CE1 1 
ATOM   717  C CE2 . PHE A 1 88  ? -13.070 5.468   4.611   1.00 31.36 ? 88  PHE A CE2 1 
ATOM   718  C CZ  . PHE A 1 88  ? -14.031 6.203   5.302   1.00 29.02 ? 88  PHE A CZ  1 
ATOM   719  N N   . PHE A 1 89  ? -8.660  2.195   8.291   1.00 35.57 ? 89  PHE A N   1 
ATOM   720  C CA  . PHE A 1 89  ? -7.293  1.893   8.706   1.00 33.07 ? 89  PHE A CA  1 
ATOM   721  C C   . PHE A 1 89  ? -6.429  2.069   7.465   1.00 31.52 ? 89  PHE A C   1 
ATOM   722  O O   . PHE A 1 89  ? -6.617  1.421   6.430   1.00 31.11 ? 89  PHE A O   1 
ATOM   723  C CB  . PHE A 1 89  ? -7.114  0.503   9.372   1.00 30.63 ? 89  PHE A CB  1 
ATOM   724  C CG  A PHE A 1 89  ? -8.350  0.062   10.149  0.50 28.09 ? 89  PHE A CG  1 
ATOM   725  C CG  B PHE A 1 89  ? -5.746  0.378   10.076  0.50 28.13 ? 89  PHE A CG  1 
ATOM   726  C CD1 A PHE A 1 89  ? -9.566  -0.076  9.500   0.50 28.85 ? 89  PHE A CD1 1 
ATOM   727  C CD1 B PHE A 1 89  ? -4.577  0.633   9.374   0.50 23.11 ? 89  PHE A CD1 1 
ATOM   728  C CD2 A PHE A 1 89  ? -8.333  -0.070  11.535  0.50 27.13 ? 89  PHE A CD2 1 
ATOM   729  C CD2 B PHE A 1 89  ? -5.634  0.161   11.456  0.50 28.06 ? 89  PHE A CD2 1 
ATOM   730  C CE1 A PHE A 1 89  ? -10.725 -0.315  10.209  0.50 27.00 ? 89  PHE A CE1 1 
ATOM   731  C CE1 B PHE A 1 89  ? -3.343  0.684   10.019  0.50 21.28 ? 89  PHE A CE1 1 
ATOM   732  C CE2 A PHE A 1 89  ? -9.487  -0.310  12.246  0.50 25.72 ? 89  PHE A CE2 1 
ATOM   733  C CE2 B PHE A 1 89  ? -4.393  0.213   12.103  0.50 24.14 ? 89  PHE A CE2 1 
ATOM   734  C CZ  A PHE A 1 89  ? -10.685 -0.429  11.585  0.50 24.70 ? 89  PHE A CZ  1 
ATOM   735  C CZ  B PHE A 1 89  ? -3.253  0.478   11.379  0.50 21.74 ? 89  PHE A CZ  1 
ATOM   736  N N   . LEU A 1 90  ? -5.527  3.031   7.579   1.00 30.14 ? 90  LEU A N   1 
ATOM   737  C CA  . LEU A 1 90  ? -4.635  3.395   6.506   1.00 29.74 ? 90  LEU A CA  1 
ATOM   738  C C   . LEU A 1 90  ? -3.265  2.763   6.693   1.00 30.38 ? 90  LEU A C   1 
ATOM   739  O O   . LEU A 1 90  ? -2.668  2.852   7.769   1.00 30.20 ? 90  LEU A O   1 
ATOM   740  C CB  . LEU A 1 90  ? -4.493  4.924   6.461   1.00 28.37 ? 90  LEU A CB  1 
ATOM   741  C CG  . LEU A 1 90  ? -3.364  5.497   5.593   1.00 28.92 ? 90  LEU A CG  1 
ATOM   742  C CD1 . LEU A 1 90  ? -3.726  5.311   4.126   1.00 26.82 ? 90  LEU A CD1 1 
ATOM   743  C CD2 . LEU A 1 90  ? -3.128  6.976   5.917   1.00 26.96 ? 90  LEU A CD2 1 
ATOM   744  N N   . TYR A 1 91  ? -2.783  2.107   5.640   1.00 31.19 ? 91  TYR A N   1 
ATOM   745  C CA  . TYR A 1 91  ? -1.447  1.524   5.655   1.00 31.35 ? 91  TYR A CA  1 
ATOM   746  C C   . TYR A 1 91  ? -0.670  2.346   4.633   1.00 29.60 ? 91  TYR A C   1 
ATOM   747  O O   . TYR A 1 91  ? -1.199  2.678   3.566   1.00 29.34 ? 91  TYR A O   1 
ATOM   748  C CB  . TYR A 1 91  ? -1.497  0.058   5.242   1.00 35.38 ? 91  TYR A CB  1 
ATOM   749  C CG  . TYR A 1 91  ? -2.363  -0.760  6.154   1.00 39.84 ? 91  TYR A CG  1 
ATOM   750  C CD1 . TYR A 1 91  ? -1.868  -1.225  7.374   1.00 41.96 ? 91  TYR A CD1 1 
ATOM   751  C CD2 . TYR A 1 91  ? -3.706  -1.007  5.843   1.00 42.98 ? 91  TYR A CD2 1 
ATOM   752  C CE1 . TYR A 1 91  ? -2.690  -1.911  8.280   1.00 47.20 ? 91  TYR A CE1 1 
ATOM   753  C CE2 . TYR A 1 91  ? -4.547  -1.694  6.741   1.00 47.28 ? 91  TYR A CE2 1 
ATOM   754  C CZ  . TYR A 1 91  ? -4.031  -2.141  7.965   1.00 50.48 ? 91  TYR A CZ  1 
ATOM   755  O OH  . TYR A 1 91  ? -4.847  -2.777  8.894   1.00 55.73 ? 91  TYR A OH  1 
ATOM   756  N N   . VAL A 1 92  ? 0.563   2.710   4.974   1.00 29.99 ? 92  VAL A N   1 
ATOM   757  C CA  . VAL A 1 92  ? 1.411   3.497   4.077   1.00 31.26 ? 92  VAL A CA  1 
ATOM   758  C C   . VAL A 1 92  ? 2.565   2.607   3.610   1.00 32.61 ? 92  VAL A C   1 
ATOM   759  O O   . VAL A 1 92  ? 3.423   2.192   4.400   1.00 33.25 ? 92  VAL A O   1 
ATOM   760  C CB  . VAL A 1 92  ? 1.972   4.734   4.785   1.00 31.05 ? 92  VAL A CB  1 
ATOM   761  C CG1 . VAL A 1 92  ? 2.907   5.477   3.854   1.00 28.54 ? 92  VAL A CG1 1 
ATOM   762  C CG2 . VAL A 1 92  ? 0.812   5.636   5.245   1.00 29.45 ? 92  VAL A CG2 1 
ATOM   763  N N   . LEU A 1 93  ? 2.575   2.318   2.315   1.00 30.55 ? 93  LEU A N   1 
ATOM   764  C CA  . LEU A 1 93  ? 3.571   1.430   1.763   1.00 29.33 ? 93  LEU A CA  1 
ATOM   765  C C   . LEU A 1 93  ? 4.547   2.087   0.828   1.00 30.20 ? 93  LEU A C   1 
ATOM   766  O O   . LEU A 1 93  ? 4.235   3.034   0.106   1.00 32.32 ? 93  LEU A O   1 
ATOM   767  C CB  . LEU A 1 93  ? 2.880   0.282   1.014   1.00 30.18 ? 93  LEU A CB  1 
ATOM   768  C CG  . LEU A 1 93  ? 2.076   -0.723  1.840   1.00 28.93 ? 93  LEU A CG  1 
ATOM   769  C CD1 . LEU A 1 93  ? 0.685   -0.206  2.027   1.00 29.14 ? 93  LEU A CD1 1 
ATOM   770  C CD2 . LEU A 1 93  ? 2.017   -2.038  1.129   1.00 29.07 ? 93  LEU A CD2 1 
ATOM   771  N N   . GLU A 1 94  ? 5.753   1.563   0.846   1.00 30.07 ? 94  GLU A N   1 
ATOM   772  C CA  . GLU A 1 94  ? 6.771   2.027   -0.056  1.00 29.60 ? 94  GLU A CA  1 
ATOM   773  C C   . GLU A 1 94  ? 6.630   1.083   -1.292  1.00 27.97 ? 94  GLU A C   1 
ATOM   774  O O   . GLU A 1 94  ? 6.328   -0.109  -1.155  1.00 26.89 ? 94  GLU A O   1 
ATOM   775  C CB  . GLU A 1 94  ? 8.098   1.923   0.682   1.00 31.92 ? 94  GLU A CB  1 
ATOM   776  C CG  . GLU A 1 94  ? 9.280   1.472   -0.094  1.00 42.81 ? 94  GLU A CG  1 
ATOM   777  C CD  . GLU A 1 94  ? 10.451  1.231   0.839   1.00 50.36 ? 94  GLU A CD  1 
ATOM   778  O OE1 . GLU A 1 94  ? 10.438  1.860   1.930   1.00 58.53 ? 94  GLU A OE1 1 
ATOM   779  O OE2 . GLU A 1 94  ? 11.357  0.425   0.506   1.00 44.61 ? 94  GLU A OE2 1 
ATOM   780  N N   . MET A 1 95  ? 6.761   1.629   -2.491  1.00 26.61 ? 95  MET A N   1 
ATOM   781  C CA  . MET A 1 95  ? 6.636   0.826   -3.701  1.00 27.08 ? 95  MET A CA  1 
ATOM   782  C C   . MET A 1 95  ? 7.822   -0.112  -3.869  1.00 26.47 ? 95  MET A C   1 
ATOM   783  O O   . MET A 1 95  ? 8.926   0.188   -3.402  1.00 25.20 ? 95  MET A O   1 
ATOM   784  C CB  . MET A 1 95  ? 6.538   1.741   -4.911  1.00 29.77 ? 95  MET A CB  1 
ATOM   785  C CG  . MET A 1 95  ? 5.150   2.321   -5.094  1.00 38.43 ? 95  MET A CG  1 
ATOM   786  S SD  . MET A 1 95  ? 5.116   3.487   -6.447  1.00 48.18 ? 95  MET A SD  1 
ATOM   787  C CE  . MET A 1 95  ? 6.655   4.429   -6.084  1.00 41.66 ? 95  MET A CE  1 
ATOM   788  N N   . VAL A 1 96  ? 7.599   -1.255  -4.531  1.00 26.99 ? 96  VAL A N   1 
ATOM   789  C CA  . VAL A 1 96  ? 8.669   -2.237  -4.758  1.00 20.65 ? 96  VAL A CA  1 
ATOM   790  C C   . VAL A 1 96  ? 9.601   -1.733  -5.850  1.00 22.73 ? 96  VAL A C   1 
ATOM   791  O O   . VAL A 1 96  ? 9.195   -0.918  -6.696  1.00 22.94 ? 96  VAL A O   1 
ATOM   792  C CB  . VAL A 1 96  ? 8.107   -3.629  -5.223  1.00 20.87 ? 96  VAL A CB  1 
ATOM   793  C CG1 . VAL A 1 96  ? 7.197   -4.214  -4.180  1.00 19.23 ? 96  VAL A CG1 1 
ATOM   794  C CG2 . VAL A 1 96  ? 7.355   -3.491  -6.543  1.00 19.58 ? 96  VAL A CG2 1 
ATOM   795  N N   . SER A 1 97  ? 10.861  -2.175  -5.821  1.00 21.46 ? 97  SER A N   1 
ATOM   796  C CA  . SER A 1 97  ? 11.778  -1.813  -6.890  1.00 21.00 ? 97  SER A CA  1 
ATOM   797  C C   . SER A 1 97  ? 11.709  -3.001  -7.875  1.00 22.12 ? 97  SER A C   1 
ATOM   798  O O   . SER A 1 97  ? 10.901  -3.926  -7.689  1.00 22.24 ? 97  SER A O   1 
ATOM   799  C CB  . SER A 1 97  ? 13.204  -1.610  -6.371  1.00 17.61 ? 97  SER A CB  1 
ATOM   800  O OG  . SER A 1 97  ? 13.617  -2.649  -5.518  1.00 20.21 ? 97  SER A OG  1 
ATOM   801  N N   . LYS A 1 98  ? 12.527  -2.981  -8.916  1.00 21.31 ? 98  LYS A N   1 
ATOM   802  C CA  . LYS A 1 98  ? 12.504  -4.067  -9.876  1.00 22.41 ? 98  LYS A CA  1 
ATOM   803  C C   . LYS A 1 98  ? 13.292  -5.259  -9.323  1.00 22.08 ? 98  LYS A C   1 
ATOM   804  O O   . LYS A 1 98  ? 14.421  -5.096  -8.848  1.00 20.82 ? 98  LYS A O   1 
ATOM   805  C CB  . LYS A 1 98  ? 13.092  -3.591  -11.203 1.00 24.94 ? 98  LYS A CB  1 
ATOM   806  C CG  . LYS A 1 98  ? 13.070  -4.638  -12.308 1.00 30.11 ? 98  LYS A CG  1 
ATOM   807  C CD  . LYS A 1 98  ? 14.228  -4.422  -13.276 1.00 36.85 ? 98  LYS A CD  1 
ATOM   808  C CE  . LYS A 1 98  ? 13.941  -5.046  -14.639 1.00 43.46 ? 98  LYS A CE  1 
ATOM   809  N NZ  . LYS A 1 98  ? 12.473  -5.196  -14.940 1.00 48.83 ? 98  LYS A NZ  1 
ATOM   810  N N   . PRO A 1 99  ? 12.704  -6.478  -9.365  1.00 21.01 ? 99  PRO A N   1 
ATOM   811  C CA  . PRO A 1 99  ? 13.419  -7.646  -8.847  1.00 20.70 ? 99  PRO A CA  1 
ATOM   812  C C   . PRO A 1 99  ? 14.685  -7.990  -9.635  1.00 23.06 ? 99  PRO A C   1 
ATOM   813  O O   . PRO A 1 99  ? 14.812  -7.653  -10.824 1.00 22.64 ? 99  PRO A O   1 
ATOM   814  C CB  . PRO A 1 99  ? 12.395  -8.788  -8.926  1.00 18.09 ? 99  PRO A CB  1 
ATOM   815  C CG  . PRO A 1 99  ? 11.112  -8.175  -9.316  1.00 20.96 ? 99  PRO A CG  1 
ATOM   816  C CD  . PRO A 1 99  ? 11.363  -6.824  -9.882  1.00 20.27 ? 99  PRO A CD  1 
ATOM   817  N N   . MET A 1 100 ? 15.616  -8.648  -8.953  1.00 22.86 ? 100 MET A N   1 
ATOM   818  C CA  . MET A 1 100 ? 16.866  -9.107  -9.550  1.00 26.24 ? 100 MET A CA  1 
ATOM   819  C C   . MET A 1 100 ? 16.827  -10.639 -9.513  1.00 27.29 ? 100 MET A C   1 
ATOM   820  O O   . MET A 1 100 ? 16.450  -11.239 -8.500  1.00 26.38 ? 100 MET A O   1 
ATOM   821  C CB  . MET A 1 100 ? 18.082  -8.648  -8.744  1.00 25.73 ? 100 MET A CB  1 
ATOM   822  C CG  . MET A 1 100 ? 18.665  -7.325  -9.186  1.00 39.70 ? 100 MET A CG  1 
ATOM   823  S SD  . MET A 1 100 ? 20.270  -6.971  -8.400  1.00 47.06 ? 100 MET A SD  1 
ATOM   824  C CE  . MET A 1 100 ? 20.925  -8.724  -8.081  1.00 36.96 ? 100 MET A CE  1 
ATOM   825  N N   . ILE A 1 101 ? 17.215  -11.261 -10.617 1.00 25.16 ? 101 ILE A N   1 
ATOM   826  C CA  . ILE A 1 101 ? 17.268  -12.704 -10.692 1.00 23.80 ? 101 ILE A CA  1 
ATOM   827  C C   . ILE A 1 101 ? 18.715  -13.159 -10.918 1.00 25.65 ? 101 ILE A C   1 
ATOM   828  O O   . ILE A 1 101 ? 19.424  -12.607 -11.761 1.00 27.05 ? 101 ILE A O   1 
ATOM   829  C CB  . ILE A 1 101 ? 16.410  -13.229 -11.864 1.00 21.94 ? 101 ILE A CB  1 
ATOM   830  C CG1 . ILE A 1 101 ? 14.933  -12.919 -11.619 1.00 20.64 ? 101 ILE A CG1 1 
ATOM   831  C CG2 . ILE A 1 101 ? 16.653  -14.725 -12.047 1.00 21.32 ? 101 ILE A CG2 1 
ATOM   832  C CD1 . ILE A 1 101 ? 14.050  -13.268 -12.792 1.00 20.70 ? 101 ILE A CD1 1 
ATOM   833  N N   . TYR A 1 102 ? 19.168  -14.145 -10.150 1.00 25.39 ? 102 TYR A N   1 
ATOM   834  C CA  . TYR A 1 102 ? 20.502  -14.698 -10.361 1.00 24.67 ? 102 TYR A CA  1 
ATOM   835  C C   . TYR A 1 102 ? 20.461  -16.195 -10.037 1.00 23.92 ? 102 TYR A C   1 
ATOM   836  O O   . TYR A 1 102 ? 19.462  -16.688 -9.510  1.00 24.20 ? 102 TYR A O   1 
ATOM   837  C CB  . TYR A 1 102 ? 21.546  -13.947 -9.544  1.00 24.81 ? 102 TYR A CB  1 
ATOM   838  C CG  . TYR A 1 102 ? 21.315  -13.951 -8.077  1.00 24.77 ? 102 TYR A CG  1 
ATOM   839  C CD1 . TYR A 1 102 ? 20.538  -12.963 -7.468  1.00 27.84 ? 102 TYR A CD1 1 
ATOM   840  C CD2 . TYR A 1 102 ? 21.931  -14.900 -7.275  1.00 25.74 ? 102 TYR A CD2 1 
ATOM   841  C CE1 . TYR A 1 102 ? 20.392  -12.924 -6.071  1.00 30.43 ? 102 TYR A CE1 1 
ATOM   842  C CE2 . TYR A 1 102 ? 21.798  -14.880 -5.895  1.00 27.83 ? 102 TYR A CE2 1 
ATOM   843  C CZ  . TYR A 1 102 ? 21.035  -13.890 -5.293  1.00 32.03 ? 102 TYR A CZ  1 
ATOM   844  O OH  . TYR A 1 102 ? 20.957  -13.871 -3.914  1.00 34.80 ? 102 TYR A OH  1 
ATOM   845  N N   . TRP A 1 103 ? 21.512  -16.935 -10.369 1.00 24.84 ? 103 TRP A N   1 
ATOM   846  C CA  . TRP A 1 103 ? 21.482  -18.370 -10.125 1.00 24.51 ? 103 TRP A CA  1 
ATOM   847  C C   . TRP A 1 103 ? 22.832  -18.989 -9.896  1.00 26.88 ? 103 TRP A C   1 
ATOM   848  O O   . TRP A 1 103 ? 23.866  -18.364 -10.130 1.00 29.83 ? 103 TRP A O   1 
ATOM   849  C CB  . TRP A 1 103 ? 20.847  -19.073 -11.321 1.00 26.97 ? 103 TRP A CB  1 
ATOM   850  C CG  . TRP A 1 103 ? 21.593  -18.794 -12.602 1.00 29.11 ? 103 TRP A CG  1 
ATOM   851  C CD1 . TRP A 1 103 ? 22.711  -19.434 -13.058 1.00 31.24 ? 103 TRP A CD1 1 
ATOM   852  C CD2 . TRP A 1 103 ? 21.302  -17.769 -13.562 1.00 30.60 ? 103 TRP A CD2 1 
ATOM   853  N NE1 . TRP A 1 103 ? 23.139  -18.871 -14.242 1.00 31.44 ? 103 TRP A NE1 1 
ATOM   854  C CE2 . TRP A 1 103 ? 22.293  -17.846 -14.574 1.00 31.58 ? 103 TRP A CE2 1 
ATOM   855  C CE3 . TRP A 1 103 ? 20.302  -16.792 -13.666 1.00 29.85 ? 103 TRP A CE3 1 
ATOM   856  C CZ2 . TRP A 1 103 ? 22.312  -16.979 -15.678 1.00 32.95 ? 103 TRP A CZ2 1 
ATOM   857  C CZ3 . TRP A 1 103 ? 20.322  -15.927 -14.767 1.00 30.38 ? 103 TRP A CZ3 1 
ATOM   858  C CH2 . TRP A 1 103 ? 21.322  -16.030 -15.755 1.00 30.79 ? 103 TRP A CH2 1 
ATOM   859  N N   . GLU A 1 104 ? 22.799  -20.243 -9.451  1.00 29.20 ? 104 GLU A N   1 
ATOM   860  C CA  . GLU A 1 104 ? 23.995  -21.047 -9.203  1.00 31.52 ? 104 GLU A CA  1 
ATOM   861  C C   . GLU A 1 104 ? 23.799  -22.317 -10.046 1.00 30.77 ? 104 GLU A C   1 
ATOM   862  O O   . GLU A 1 104 ? 22.918  -23.121 -9.760  1.00 30.87 ? 104 GLU A O   1 
ATOM   863  C CB  . GLU A 1 104 ? 24.078  -21.396 -7.723  1.00 35.39 ? 104 GLU A CB  1 
ATOM   864  C CG  . GLU A 1 104 ? 25.170  -22.361 -7.401  1.00 42.78 ? 104 GLU A CG  1 
ATOM   865  C CD  . GLU A 1 104 ? 26.490  -21.918 -7.981  1.00 49.97 ? 104 GLU A CD  1 
ATOM   866  O OE1 . GLU A 1 104 ? 26.928  -20.790 -7.660  1.00 52.45 ? 104 GLU A OE1 1 
ATOM   867  O OE2 . GLU A 1 104 ? 27.085  -22.692 -8.765  1.00 54.11 ? 104 GLU A OE2 1 
ATOM   868  N N   . CYS A 1 105 ? 24.598  -22.485 -11.092 1.00 31.29 ? 105 CYS A N   1 
ATOM   869  C CA  . CYS A 1 105 ? 24.432  -23.635 -11.978 1.00 33.57 ? 105 CYS A CA  1 
ATOM   870  C C   . CYS A 1 105 ? 24.677  -24.978 -11.326 1.00 35.08 ? 105 CYS A C   1 
ATOM   871  O O   . CYS A 1 105 ? 23.932  -25.934 -11.569 1.00 31.10 ? 105 CYS A O   1 
ATOM   872  C CB  . CYS A 1 105 ? 25.353  -23.517 -13.194 1.00 32.92 ? 105 CYS A CB  1 
ATOM   873  S SG  . CYS A 1 105 ? 24.892  -22.215 -14.386 1.00 33.31 ? 105 CYS A SG  1 
ATOM   874  N N   . SER A 1 106 ? 25.721  -25.040 -10.503 1.00 37.99 ? 106 SER A N   1 
ATOM   875  C CA  . SER A 1 106 ? 26.115  -26.278 -9.825  1.00 41.11 ? 106 SER A CA  1 
ATOM   876  C C   . SER A 1 106 ? 24.983  -26.982 -9.071  1.00 41.68 ? 106 SER A C   1 
ATOM   877  O O   . SER A 1 106 ? 24.792  -28.189 -9.234  1.00 44.07 ? 106 SER A O   1 
ATOM   878  C CB  . SER A 1 106 ? 27.298  -26.001 -8.896  1.00 40.77 ? 106 SER A CB  1 
ATOM   879  O OG  . SER A 1 106 ? 26.866  -25.342 -7.725  1.00 48.05 ? 106 SER A OG  1 
ATOM   880  N N   . ASN A 1 107 ? 24.219  -26.240 -8.270  1.00 41.35 ? 107 ASN A N   1 
ATOM   881  C CA  . ASN A 1 107 ? 23.102  -26.831 -7.534  1.00 39.49 ? 107 ASN A CA  1 
ATOM   882  C C   . ASN A 1 107 ? 21.751  -26.422 -8.140  1.00 37.88 ? 107 ASN A C   1 
ATOM   883  O O   . ASN A 1 107 ? 20.722  -26.472 -7.469  1.00 37.39 ? 107 ASN A O   1 
ATOM   884  C CB  . ASN A 1 107 ? 23.160  -26.394 -6.079  1.00 43.56 ? 107 ASN A CB  1 
ATOM   885  C CG  . ASN A 1 107 ? 23.295  -24.910 -5.947  1.00 49.92 ? 107 ASN A CG  1 
ATOM   886  O OD1 . ASN A 1 107 ? 22.565  -24.170 -6.588  1.00 53.94 ? 107 ASN A OD1 1 
ATOM   887  N ND2 . ASN A 1 107 ? 24.233  -24.456 -5.128  1.00 57.35 ? 107 ASN A ND2 1 
ATOM   888  N N   . ALA A 1 108 ? 21.758  -26.012 -9.407  1.00 34.40 ? 108 ALA A N   1 
ATOM   889  C CA  . ALA A 1 108 ? 20.539  -25.609 -10.098 1.00 30.29 ? 108 ALA A CA  1 
ATOM   890  C C   . ALA A 1 108 ? 19.579  -24.809 -9.224  1.00 29.28 ? 108 ALA A C   1 
ATOM   891  O O   . ALA A 1 108 ? 18.376  -25.074 -9.194  1.00 29.09 ? 108 ALA A O   1 
ATOM   892  C CB  . ALA A 1 108 ? 19.829  -26.826 -10.656 1.00 30.13 ? 108 ALA A CB  1 
ATOM   893  N N   . THR A 1 109 ? 20.116  -23.815 -8.530  1.00 28.51 ? 109 THR A N   1 
ATOM   894  C CA  . THR A 1 109 ? 19.304  -22.959 -7.676  1.00 28.96 ? 109 THR A CA  1 
ATOM   895  C C   . THR A 1 109 ? 19.206  -21.552 -8.241  1.00 27.68 ? 109 THR A C   1 
ATOM   896  O O   . THR A 1 109 ? 20.217  -20.904 -8.491  1.00 30.97 ? 109 THR A O   1 
ATOM   897  C CB  . THR A 1 109 ? 19.894  -22.840 -6.278  1.00 29.85 ? 109 THR A CB  1 
ATOM   898  O OG1 . THR A 1 109 ? 19.998  -24.143 -5.701  1.00 32.37 ? 109 THR A OG1 1 
ATOM   899  C CG2 . THR A 1 109 ? 19.004  -21.952 -5.405  1.00 28.77 ? 109 THR A CG2 1 
ATOM   900  N N   . LEU A 1 110 ? 17.978  -21.092 -8.415  1.00 25.95 ? 110 LEU A N   1 
ATOM   901  C CA  . LEU A 1 110 ? 17.673  -19.769 -8.932  1.00 27.12 ? 110 LEU A CA  1 
ATOM   902  C C   . LEU A 1 110 ? 17.187  -18.918 -7.756  1.00 28.80 ? 110 LEU A C   1 
ATOM   903  O O   . LEU A 1 110 ? 16.391  -19.385 -6.948  1.00 28.15 ? 110 LEU A O   1 
ATOM   904  C CB  . LEU A 1 110 ? 16.568  -19.917 -9.978  1.00 28.23 ? 110 LEU A CB  1 
ATOM   905  C CG  . LEU A 1 110 ? 15.653  -18.845 -10.579 1.00 28.92 ? 110 LEU A CG  1 
ATOM   906  C CD1 . LEU A 1 110 ? 15.259  -17.797 -9.572  1.00 30.02 ? 110 LEU A CD1 1 
ATOM   907  C CD2 . LEU A 1 110 ? 16.355  -18.252 -11.766 1.00 28.73 ? 110 LEU A CD2 1 
ATOM   908  N N   . THR A 1 111 ? 17.675  -17.685 -7.642  1.00 25.98 ? 111 THR A N   1 
ATOM   909  C CA  . THR A 1 111 ? 17.230  -16.800 -6.570  1.00 25.17 ? 111 THR A CA  1 
ATOM   910  C C   . THR A 1 111 ? 16.691  -15.506 -7.141  1.00 26.43 ? 111 THR A C   1 
ATOM   911  O O   . THR A 1 111 ? 17.225  -14.977 -8.118  1.00 24.89 ? 111 THR A O   1 
ATOM   912  C CB  . THR A 1 111 ? 18.351  -16.420 -5.615  1.00 25.35 ? 111 THR A CB  1 
ATOM   913  O OG1 . THR A 1 111 ? 18.852  -17.595 -4.982  1.00 26.25 ? 111 THR A OG1 1 
ATOM   914  C CG2 . THR A 1 111 ? 17.835  -15.441 -4.552  1.00 21.86 ? 111 THR A CG2 1 
ATOM   915  N N   . CYS A 1 112 ? 15.618  -15.011 -6.534  1.00 24.69 ? 112 CYS A N   1 
ATOM   916  C CA  . CYS A 1 112 ? 15.014  -13.754 -6.934  1.00 23.23 ? 112 CYS A CA  1 
ATOM   917  C C   . CYS A 1 112 ? 15.017  -12.876 -5.679  1.00 23.66 ? 112 CYS A C   1 
ATOM   918  O O   . CYS A 1 112 ? 14.817  -13.376 -4.576  1.00 23.91 ? 112 CYS A O   1 
ATOM   919  C CB  . CYS A 1 112 ? 13.579  -13.956 -7.414  1.00 20.62 ? 112 CYS A CB  1 
ATOM   920  S SG  . CYS A 1 112 ? 12.813  -12.342 -7.755  1.00 28.04 ? 112 CYS A SG  1 
ATOM   921  N N   . GLU A 1 113 ? 15.266  -11.582 -5.832  1.00 21.34 ? 113 GLU A N   1 
ATOM   922  C CA  . GLU A 1 113 ? 15.256  -10.690 -4.684  1.00 19.95 ? 113 GLU A CA  1 
ATOM   923  C C   . GLU A 1 113 ? 14.803  -9.311  -5.115  1.00 22.52 ? 113 GLU A C   1 
ATOM   924  O O   . GLU A 1 113 ? 14.779  -8.998  -6.305  1.00 21.05 ? 113 GLU A O   1 
ATOM   925  C CB  . GLU A 1 113 ? 16.637  -10.625 -4.065  1.00 23.38 ? 113 GLU A CB  1 
ATOM   926  C CG  . GLU A 1 113 ? 17.661  -9.947  -4.938  1.00 25.04 ? 113 GLU A CG  1 
ATOM   927  C CD  . GLU A 1 113 ? 18.847  -9.452  -4.134  1.00 28.29 ? 113 GLU A CD  1 
ATOM   928  O OE1 . GLU A 1 113 ? 19.440  -10.259 -3.395  1.00 26.78 ? 113 GLU A OE1 1 
ATOM   929  O OE2 . GLU A 1 113 ? 19.182  -8.251  -4.236  1.00 29.00 ? 113 GLU A OE2 1 
ATOM   930  N N   . VAL A 1 114 ? 14.417  -8.482  -4.155  1.00 20.50 ? 114 VAL A N   1 
ATOM   931  C CA  . VAL A 1 114 ? 13.962  -7.141  -4.482  1.00 19.38 ? 114 VAL A CA  1 
ATOM   932  C C   . VAL A 1 114 ? 14.394  -6.309  -3.294  1.00 21.69 ? 114 VAL A C   1 
ATOM   933  O O   . VAL A 1 114 ? 14.291  -6.760  -2.155  1.00 20.67 ? 114 VAL A O   1 
ATOM   934  C CB  . VAL A 1 114 ? 12.408  -7.097  -4.732  1.00 20.42 ? 114 VAL A CB  1 
ATOM   935  C CG1 . VAL A 1 114 ? 11.633  -7.419  -3.459  1.00 19.45 ? 114 VAL A CG1 1 
ATOM   936  C CG2 . VAL A 1 114 ? 12.005  -5.732  -5.294  1.00 17.38 ? 114 VAL A CG2 1 
ATOM   937  N N   . LEU A 1 115 ? 14.919  -5.116  -3.567  1.00 20.94 ? 115 LEU A N   1 
ATOM   938  C CA  . LEU A 1 115 ? 15.425  -4.234  -2.512  1.00 20.13 ? 115 LEU A CA  1 
ATOM   939  C C   . LEU A 1 115 ? 14.377  -3.420  -1.766  1.00 19.66 ? 115 LEU A C   1 
ATOM   940  O O   . LEU A 1 115 ? 14.298  -3.463  -0.546  1.00 20.70 ? 115 LEU A O   1 
ATOM   941  C CB  . LEU A 1 115 ? 16.471  -3.266  -3.082  1.00 19.78 ? 115 LEU A CB  1 
ATOM   942  C CG  . LEU A 1 115 ? 17.214  -2.376  -2.080  1.00 20.78 ? 115 LEU A CG  1 
ATOM   943  C CD1 . LEU A 1 115 ? 17.934  -3.241  -1.062  1.00 17.99 ? 115 LEU A CD1 1 
ATOM   944  C CD2 . LEU A 1 115 ? 18.199  -1.482  -2.833  1.00 17.68 ? 115 LEU A CD2 1 
ATOM   945  N N   . GLU A 1 116 ? 13.582  -2.670  -2.508  1.00 20.92 ? 116 GLU A N   1 
ATOM   946  C CA  . GLU A 1 116 ? 12.588  -1.804  -1.910  1.00 21.61 ? 116 GLU A CA  1 
ATOM   947  C C   . GLU A 1 116 ? 11.182  -2.389  -1.896  1.00 24.26 ? 116 GLU A C   1 
ATOM   948  O O   . GLU A 1 116 ? 10.853  -3.288  -2.676  1.00 25.93 ? 116 GLU A O   1 
ATOM   949  C CB  . GLU A 1 116 ? 12.565  -0.463  -2.657  1.00 21.71 ? 116 GLU A CB  1 
ATOM   950  C CG  . GLU A 1 116 ? 13.886  0.260   -2.712  1.00 23.21 ? 116 GLU A CG  1 
ATOM   951  C CD  . GLU A 1 116 ? 13.783  1.551   -3.468  1.00 28.07 ? 116 GLU A CD  1 
ATOM   952  O OE1 . GLU A 1 116 ? 12.993  2.418   -3.040  1.00 33.77 ? 116 GLU A OE1 1 
ATOM   953  O OE2 . GLU A 1 116 ? 14.483  1.709   -4.488  1.00 31.94 ? 116 GLU A OE2 1 
ATOM   954  N N   . GLY A 1 117 ? 10.352  -1.850  -1.004  1.00 23.27 ? 117 GLY A N   1 
ATOM   955  C CA  . GLY A 1 117 ? 8.977   -2.285  -0.888  1.00 21.44 ? 117 GLY A CA  1 
ATOM   956  C C   . GLY A 1 117 ? 8.584   -2.678  0.520   1.00 23.55 ? 117 GLY A C   1 
ATOM   957  O O   . GLY A 1 117 ? 9.391   -3.247  1.266   1.00 23.84 ? 117 GLY A O   1 
ATOM   958  N N   . THR A 1 118 ? 7.338   -2.361  0.877   1.00 23.49 ? 118 THR A N   1 
ATOM   959  C CA  . THR A 1 118 ? 6.789   -2.704  2.180   1.00 25.74 ? 118 THR A CA  1 
ATOM   960  C C   . THR A 1 118 ? 5.877   -3.937  2.000   1.00 24.86 ? 118 THR A C   1 
ATOM   961  O O   . THR A 1 118 ? 5.102   -3.991  1.046   1.00 23.72 ? 118 THR A O   1 
ATOM   962  C CB  . THR A 1 118 ? 5.927   -1.539  2.757   1.00 25.27 ? 118 THR A CB  1 
ATOM   963  O OG1 . THR A 1 118 ? 6.655   -0.314  2.711   1.00 30.25 ? 118 THR A OG1 1 
ATOM   964  C CG2 . THR A 1 118 ? 5.583   -1.810  4.188   1.00 31.85 ? 118 THR A CG2 1 
ATOM   965  N N   . ASP A 1 119 ? 5.959   -4.905  2.911   1.00 26.74 ? 119 ASP A N   1 
ATOM   966  C CA  . ASP A 1 119 ? 5.119   -6.118  2.847   1.00 31.34 ? 119 ASP A CA  1 
ATOM   967  C C   . ASP A 1 119 ? 5.075   -6.683  1.438   1.00 28.77 ? 119 ASP A C   1 
ATOM   968  O O   . ASP A 1 119 ? 4.020   -6.852  0.822   1.00 29.36 ? 119 ASP A O   1 
ATOM   969  C CB  . ASP A 1 119 ? 3.684   -5.833  3.309   1.00 34.09 ? 119 ASP A CB  1 
ATOM   970  C CG  A ASP A 1 119 ? 3.064   -7.017  4.044   0.50 33.50 ? 119 ASP A CG  1 
ATOM   971  C CG  B ASP A 1 119 ? 3.617   -5.280  4.722   0.50 33.11 ? 119 ASP A CG  1 
ATOM   972  O OD1 A ASP A 1 119 ? 3.810   -7.926  4.487   0.50 31.16 ? 119 ASP A OD1 1 
ATOM   973  O OD1 B ASP A 1 119 ? 4.544   -5.545  5.523   0.50 34.90 ? 119 ASP A OD1 1 
ATOM   974  O OD2 A ASP A 1 119 ? 1.827   -7.032  4.178   0.50 34.98 ? 119 ASP A OD2 1 
ATOM   975  O OD2 B ASP A 1 119 ? 2.628   -4.576  5.023   0.50 34.45 ? 119 ASP A OD2 1 
ATOM   976  N N   . VAL A 1 120 ? 6.258   -6.983  0.947   1.00 29.05 ? 120 VAL A N   1 
ATOM   977  C CA  . VAL A 1 120 ? 6.432   -7.493  -0.382  1.00 27.77 ? 120 VAL A CA  1 
ATOM   978  C C   . VAL A 1 120 ? 6.287   -9.012  -0.447  1.00 28.61 ? 120 VAL A C   1 
ATOM   979  O O   . VAL A 1 120 ? 6.618   -9.738  0.488   1.00 27.47 ? 120 VAL A O   1 
ATOM   980  C CB  . VAL A 1 120 ? 7.840   -7.087  -0.893  1.00 27.27 ? 120 VAL A CB  1 
ATOM   981  C CG1 . VAL A 1 120 ? 8.119   -7.677  -2.271  1.00 28.44 ? 120 VAL A CG1 1 
ATOM   982  C CG2 . VAL A 1 120 ? 7.944   -5.582  -0.925  1.00 23.08 ? 120 VAL A CG2 1 
ATOM   983  N N   . GLU A 1 121 ? 5.785   -9.470  -1.581  1.00 29.25 ? 121 GLU A N   1 
ATOM   984  C CA  . GLU A 1 121 ? 5.654   -10.877 -1.868  1.00 29.75 ? 121 GLU A CA  1 
ATOM   985  C C   . GLU A 1 121 ? 6.374   -11.050 -3.216  1.00 26.94 ? 121 GLU A C   1 
ATOM   986  O O   . GLU A 1 121 ? 6.188   -10.243 -4.129  1.00 25.84 ? 121 GLU A O   1 
ATOM   987  C CB  . GLU A 1 121 ? 4.184   -11.236 -2.029  1.00 31.58 ? 121 GLU A CB  1 
ATOM   988  C CG  . GLU A 1 121 ? 3.919   -12.702 -2.152  1.00 44.36 ? 121 GLU A CG  1 
ATOM   989  C CD  . GLU A 1 121 ? 2.440   -13.029 -2.002  1.00 53.33 ? 121 GLU A CD  1 
ATOM   990  O OE1 . GLU A 1 121 ? 1.916   -12.959 -0.852  1.00 57.69 ? 121 GLU A OE1 1 
ATOM   991  O OE2 . GLU A 1 121 ? 1.809   -13.351 -3.038  1.00 54.91 ? 121 GLU A OE2 1 
ATOM   992  N N   . LEU A 1 122 ? 7.208   -12.073 -3.331  1.00 23.32 ? 122 LEU A N   1 
ATOM   993  C CA  . LEU A 1 122 ? 7.894   -12.366 -4.585  1.00 21.08 ? 122 LEU A CA  1 
ATOM   994  C C   . LEU A 1 122 ? 7.142   -13.563 -5.177  1.00 23.07 ? 122 LEU A C   1 
ATOM   995  O O   . LEU A 1 122 ? 6.797   -14.511 -4.450  1.00 21.76 ? 122 LEU A O   1 
ATOM   996  C CB  . LEU A 1 122 ? 9.353   -12.747 -4.324  1.00 19.38 ? 122 LEU A CB  1 
ATOM   997  C CG  . LEU A 1 122 ? 10.278  -11.588 -3.932  1.00 19.84 ? 122 LEU A CG  1 
ATOM   998  C CD1 . LEU A 1 122 ? 11.681  -12.131 -3.680  1.00 21.32 ? 122 LEU A CD1 1 
ATOM   999  C CD2 . LEU A 1 122 ? 10.289  -10.519 -5.037  1.00 20.95 ? 122 LEU A CD2 1 
ATOM   1000 N N   . LYS A 1 123 ? 6.867   -13.517 -6.476  1.00 21.13 ? 123 LYS A N   1 
ATOM   1001 C CA  . LYS A 1 123 ? 6.163   -14.603 -7.147  1.00 21.65 ? 123 LYS A CA  1 
ATOM   1002 C C   . LYS A 1 123 ? 7.023   -15.075 -8.313  1.00 22.63 ? 123 LYS A C   1 
ATOM   1003 O O   . LYS A 1 123 ? 7.509   -14.255 -9.093  1.00 23.06 ? 123 LYS A O   1 
ATOM   1004 C CB  . LYS A 1 123 ? 4.825   -14.098 -7.649  1.00 20.95 ? 123 LYS A CB  1 
ATOM   1005 C CG  . LYS A 1 123 ? 3.959   -13.575 -6.540  1.00 24.11 ? 123 LYS A CG  1 
ATOM   1006 C CD  . LYS A 1 123 ? 2.716   -12.973 -7.117  1.00 31.09 ? 123 LYS A CD  1 
ATOM   1007 C CE  . LYS A 1 123 ? 1.490   -13.713 -6.634  1.00 42.80 ? 123 LYS A CE  1 
ATOM   1008 N NZ  . LYS A 1 123 ? 0.762   -12.970 -5.542  1.00 47.31 ? 123 LYS A NZ  1 
ATOM   1009 N N   . LEU A 1 124 ? 7.227   -16.387 -8.428  1.00 21.15 ? 124 LEU A N   1 
ATOM   1010 C CA  . LEU A 1 124 ? 8.060   -16.924 -9.499  1.00 21.24 ? 124 LEU A CA  1 
ATOM   1011 C C   . LEU A 1 124 ? 7.266   -17.723 -10.525 1.00 25.01 ? 124 LEU A C   1 
ATOM   1012 O O   . LEU A 1 124 ? 6.382   -18.514 -10.171 1.00 22.43 ? 124 LEU A O   1 
ATOM   1013 C CB  . LEU A 1 124 ? 9.160   -17.796 -8.910  1.00 20.19 ? 124 LEU A CB  1 
ATOM   1014 C CG  . LEU A 1 124 ? 10.234  -18.309 -9.867  1.00 22.35 ? 124 LEU A CG  1 
ATOM   1015 C CD1 . LEU A 1 124 ? 11.083  -17.170 -10.381 1.00 20.62 ? 124 LEU A CD1 1 
ATOM   1016 C CD2 . LEU A 1 124 ? 11.091  -19.326 -9.136  1.00 21.36 ? 124 LEU A CD2 1 
ATOM   1017 N N   . TYR A 1 125 ? 7.589   -17.502 -11.799 1.00 24.99 ? 125 TYR A N   1 
ATOM   1018 C CA  . TYR A 1 125 ? 6.945   -18.193 -12.919 1.00 25.66 ? 125 TYR A CA  1 
ATOM   1019 C C   . TYR A 1 125 ? 7.980   -18.736 -13.901 1.00 26.64 ? 125 TYR A C   1 
ATOM   1020 O O   . TYR A 1 125 ? 9.059   -18.174 -14.048 1.00 26.94 ? 125 TYR A O   1 
ATOM   1021 C CB  . TYR A 1 125 ? 6.028   -17.240 -13.682 1.00 24.99 ? 125 TYR A CB  1 
ATOM   1022 C CG  . TYR A 1 125 ? 5.054   -16.495 -12.812 1.00 27.23 ? 125 TYR A CG  1 
ATOM   1023 C CD1 . TYR A 1 125 ? 5.454   -15.368 -12.091 1.00 30.16 ? 125 TYR A CD1 1 
ATOM   1024 C CD2 . TYR A 1 125 ? 3.717   -16.893 -12.733 1.00 28.84 ? 125 TYR A CD2 1 
ATOM   1025 C CE1 . TYR A 1 125 ? 4.538   -14.643 -11.312 1.00 29.65 ? 125 TYR A CE1 1 
ATOM   1026 C CE2 . TYR A 1 125 ? 2.793   -16.184 -11.960 1.00 28.52 ? 125 TYR A CE2 1 
ATOM   1027 C CZ  . TYR A 1 125 ? 3.212   -15.059 -11.258 1.00 32.14 ? 125 TYR A CZ  1 
ATOM   1028 O OH  . TYR A 1 125 ? 2.303   -14.339 -10.525 1.00 35.25 ? 125 TYR A OH  1 
ATOM   1029 N N   . GLN A 1 126 ? 7.669   -19.855 -14.541 1.00 27.80 ? 126 GLN A N   1 
ATOM   1030 C CA  . GLN A 1 126 ? 8.558   -20.410 -15.563 1.00 29.55 ? 126 GLN A CA  1 
ATOM   1031 C C   . GLN A 1 126 ? 7.569   -20.805 -16.632 1.00 34.58 ? 126 GLN A C   1 
ATOM   1032 O O   . GLN A 1 126 ? 6.733   -21.684 -16.419 1.00 33.64 ? 126 GLN A O   1 
ATOM   1033 C CB  . GLN A 1 126 ? 9.335   -21.631 -15.103 1.00 26.04 ? 126 GLN A CB  1 
ATOM   1034 C CG  . GLN A 1 126 ? 10.086  -22.258 -16.266 1.00 26.97 ? 126 GLN A CG  1 
ATOM   1035 C CD  . GLN A 1 126 ? 11.125  -23.235 -15.816 1.00 28.66 ? 126 GLN A CD  1 
ATOM   1036 O OE1 . GLN A 1 126 ? 10.883  -24.032 -14.913 1.00 31.83 ? 126 GLN A OE1 1 
ATOM   1037 N NE2 . GLN A 1 126 ? 12.299  -23.192 -16.434 1.00 26.69 ? 126 GLN A NE2 1 
ATOM   1038 N N   . GLY A 1 127 ? 7.644   -20.138 -17.776 1.00 40.31 ? 127 GLY A N   1 
ATOM   1039 C CA  . GLY A 1 127 ? 6.678   -20.410 -18.811 1.00 44.52 ? 127 GLY A CA  1 
ATOM   1040 C C   . GLY A 1 127 ? 5.387   -19.803 -18.294 1.00 49.54 ? 127 GLY A C   1 
ATOM   1041 O O   . GLY A 1 127 ? 5.387   -18.707 -17.717 1.00 50.75 ? 127 GLY A O   1 
ATOM   1042 N N   . LYS A 1 128 ? 4.286   -20.516 -18.471 1.00 52.78 ? 128 LYS A N   1 
ATOM   1043 C CA  . LYS A 1 128 ? 2.991   -20.024 -18.018 1.00 57.47 ? 128 LYS A CA  1 
ATOM   1044 C C   . LYS A 1 128 ? 2.616   -20.661 -16.667 1.00 55.33 ? 128 LYS A C   1 
ATOM   1045 O O   . LYS A 1 128 ? 1.438   -20.765 -16.300 1.00 57.41 ? 128 LYS A O   1 
ATOM   1046 C CB  . LYS A 1 128 ? 1.924   -20.341 -19.091 1.00 64.41 ? 128 LYS A CB  1 
ATOM   1047 C CG  . LYS A 1 128 ? 1.371   -21.796 -19.086 1.00 69.63 ? 128 LYS A CG  1 
ATOM   1048 C CD  . LYS A 1 128 ? 0.596   -22.143 -20.383 1.00 74.28 ? 128 LYS A CD  1 
ATOM   1049 C CE  . LYS A 1 128 ? -0.927  -22.123 -20.191 1.00 75.48 ? 128 LYS A CE  1 
ATOM   1050 N NZ  . LYS A 1 128 ? -1.481  -23.456 -19.806 1.00 77.34 ? 128 LYS A NZ  1 
ATOM   1051 N N   . GLU A 1 129 ? 3.624   -21.056 -15.910 1.00 49.60 ? 129 GLU A N   1 
ATOM   1052 C CA  . GLU A 1 129 ? 3.373   -21.715 -14.651 1.00 44.91 ? 129 GLU A CA  1 
ATOM   1053 C C   . GLU A 1 129 ? 3.856   -20.947 -13.433 1.00 40.33 ? 129 GLU A C   1 
ATOM   1054 O O   . GLU A 1 129 ? 5.006   -20.549 -13.386 1.00 38.38 ? 129 GLU A O   1 
ATOM   1055 C CB  . GLU A 1 129 ? 4.052   -23.069 -14.696 1.00 47.64 ? 129 GLU A CB  1 
ATOM   1056 C CG  . GLU A 1 129 ? 3.822   -23.926 -13.502 1.00 58.29 ? 129 GLU A CG  1 
ATOM   1057 C CD  . GLU A 1 129 ? 4.085   -25.368 -13.827 1.00 65.24 ? 129 GLU A CD  1 
ATOM   1058 O OE1 . GLU A 1 129 ? 3.512   -25.836 -14.838 1.00 68.56 ? 129 GLU A OE1 1 
ATOM   1059 O OE2 . GLU A 1 129 ? 4.863   -26.025 -13.090 1.00 69.35 ? 129 GLU A OE2 1 
ATOM   1060 N N   . HIS A 1 130 ? 2.976   -20.768 -12.449 1.00 36.06 ? 130 HIS A N   1 
ATOM   1061 C CA  . HIS A 1 130 ? 3.310   -20.080 -11.205 1.00 33.09 ? 130 HIS A CA  1 
ATOM   1062 C C   . HIS A 1 130 ? 3.914   -21.136 -10.286 1.00 32.60 ? 130 HIS A C   1 
ATOM   1063 O O   . HIS A 1 130 ? 3.197   -21.998 -9.783  1.00 36.08 ? 130 HIS A O   1 
ATOM   1064 C CB  . HIS A 1 130 ? 2.043   -19.498 -10.585 1.00 34.04 ? 130 HIS A CB  1 
ATOM   1065 C CG  . HIS A 1 130 ? 2.243   -18.934 -9.213  1.00 39.27 ? 130 HIS A CG  1 
ATOM   1066 N ND1 . HIS A 1 130 ? 3.399   -18.294 -8.831  1.00 40.66 ? 130 HIS A ND1 1 
ATOM   1067 C CD2 . HIS A 1 130 ? 1.433   -18.917 -8.131  1.00 42.41 ? 130 HIS A CD2 1 
ATOM   1068 C CE1 . HIS A 1 130 ? 3.297   -17.908 -7.574  1.00 39.19 ? 130 HIS A CE1 1 
ATOM   1069 N NE2 . HIS A 1 130 ? 2.112   -18.273 -7.124  1.00 43.82 ? 130 HIS A NE2 1 
ATOM   1070 N N   . LEU A 1 131 ? 5.227   -21.063 -10.064 1.00 28.33 ? 131 LEU A N   1 
ATOM   1071 C CA  . LEU A 1 131 ? 5.954   -22.045 -9.252  1.00 25.98 ? 131 LEU A CA  1 
ATOM   1072 C C   . LEU A 1 131 ? 5.886   -21.848 -7.747  1.00 27.30 ? 131 LEU A C   1 
ATOM   1073 O O   . LEU A 1 131 ? 5.791   -22.814 -7.001  1.00 26.61 ? 131 LEU A O   1 
ATOM   1074 C CB  . LEU A 1 131 ? 7.429   -22.098 -9.677  1.00 22.73 ? 131 LEU A CB  1 
ATOM   1075 C CG  . LEU A 1 131 ? 7.717   -22.410 -11.158 1.00 24.88 ? 131 LEU A CG  1 
ATOM   1076 C CD1 . LEU A 1 131 ? 9.212   -22.259 -11.440 1.00 24.62 ? 131 LEU A CD1 1 
ATOM   1077 C CD2 . LEU A 1 131 ? 7.274   -23.821 -11.478 1.00 23.48 ? 131 LEU A CD2 1 
ATOM   1078 N N   . ARG A 1 132 ? 5.984   -20.598 -7.304  1.00 27.59 ? 132 ARG A N   1 
ATOM   1079 C CA  . ARG A 1 132 ? 5.914   -20.290 -5.884  1.00 27.78 ? 132 ARG A CA  1 
ATOM   1080 C C   . ARG A 1 132 ? 5.801   -18.803 -5.561  1.00 27.01 ? 132 ARG A C   1 
ATOM   1081 O O   . ARG A 1 132 ? 6.018   -17.958 -6.415  1.00 26.79 ? 132 ARG A O   1 
ATOM   1082 C CB  . ARG A 1 132 ? 7.087   -20.939 -5.120  1.00 29.71 ? 132 ARG A CB  1 
ATOM   1083 C CG  . ARG A 1 132 ? 8.504   -20.485 -5.404  1.00 28.42 ? 132 ARG A CG  1 
ATOM   1084 C CD  . ARG A 1 132 ? 9.446   -21.146 -4.359  1.00 31.09 ? 132 ARG A CD  1 
ATOM   1085 N NE  A ARG A 1 132 ? 8.977   -20.829 -2.990  0.50 27.28 ? 132 ARG A NE  1 
ATOM   1086 N NE  B ARG A 1 132 ? 9.577   -22.575 -4.698  0.50 27.05 ? 132 ARG A NE  1 
ATOM   1087 C CZ  A ARG A 1 132 ? 9.734   -20.598 -1.911  0.50 24.41 ? 132 ARG A CZ  1 
ATOM   1088 C CZ  B ARG A 1 132 ? 10.433  -23.426 -4.139  0.50 23.03 ? 132 ARG A CZ  1 
ATOM   1089 N NH1 A ARG A 1 132 ? 11.057  -20.623 -1.934  0.50 22.86 ? 132 ARG A NH1 1 
ATOM   1090 N NH1 B ARG A 1 132 ? 11.271  -23.025 -3.192  0.50 23.74 ? 132 ARG A NH1 1 
ATOM   1091 N NH2 A ARG A 1 132 ? 9.142   -20.329 -0.775  0.50 29.24 ? 132 ARG A NH2 1 
ATOM   1092 N NH2 B ARG A 1 132 ? 10.434  -24.695 -4.511  0.50 21.91 ? 132 ARG A NH2 1 
ATOM   1093 N N   . SER A 1 133 ? 5.372   -18.513 -4.332  1.00 27.88 ? 133 SER A N   1 
ATOM   1094 C CA  . SER A 1 133 ? 5.214   -17.154 -3.810  1.00 24.87 ? 133 SER A CA  1 
ATOM   1095 C C   . SER A 1 133 ? 5.766   -17.185 -2.394  1.00 25.36 ? 133 SER A C   1 
ATOM   1096 O O   . SER A 1 133 ? 5.641   -18.187 -1.695  1.00 25.85 ? 133 SER A O   1 
ATOM   1097 C CB  . SER A 1 133 ? 3.754   -16.748 -3.752  1.00 24.21 ? 133 SER A CB  1 
ATOM   1098 O OG  . SER A 1 133 ? 3.216   -16.638 -5.049  1.00 26.01 ? 133 SER A OG  1 
ATOM   1099 N N   . LEU A 1 134 ? 6.403   -16.100 -1.980  1.00 24.88 ? 134 LEU A N   1 
ATOM   1100 C CA  . LEU A 1 134 ? 6.968   -16.016 -0.642  1.00 23.72 ? 134 LEU A CA  1 
ATOM   1101 C C   . LEU A 1 134 ? 6.883   -14.573 -0.174  1.00 26.96 ? 134 LEU A C   1 
ATOM   1102 O O   . LEU A 1 134 ? 7.233   -13.650 -0.909  1.00 26.64 ? 134 LEU A O   1 
ATOM   1103 C CB  . LEU A 1 134 ? 8.423   -16.476 -0.660  1.00 24.15 ? 134 LEU A CB  1 
ATOM   1104 C CG  . LEU A 1 134 ? 9.086   -16.664 0.694   1.00 28.26 ? 134 LEU A CG  1 
ATOM   1105 C CD1 . LEU A 1 134 ? 8.423   -17.806 1.475   1.00 30.36 ? 134 LEU A CD1 1 
ATOM   1106 C CD2 . LEU A 1 134 ? 10.550  -16.951 0.466   1.00 30.59 ? 134 LEU A CD2 1 
ATOM   1107 N N   . ARG A 1 135 ? 6.376   -14.376 1.039   1.00 30.09 ? 135 ARG A N   1 
ATOM   1108 C CA  . ARG A 1 135 ? 6.251   -13.039 1.612   1.00 31.85 ? 135 ARG A CA  1 
ATOM   1109 C C   . ARG A 1 135 ? 7.637   -12.711 2.194   1.00 32.59 ? 135 ARG A C   1 
ATOM   1110 O O   . ARG A 1 135 ? 7.835   -12.701 3.400   1.00 33.31 ? 135 ARG A O   1 
ATOM   1111 C CB  . ARG A 1 135 ? 5.168   -13.061 2.697   1.00 33.72 ? 135 ARG A CB  1 
ATOM   1112 C CG  . ARG A 1 135 ? 4.835   -11.718 3.314   1.00 43.83 ? 135 ARG A CG  1 
ATOM   1113 C CD  . ARG A 1 135 ? 3.342   -11.397 3.203   1.00 51.49 ? 135 ARG A CD  1 
ATOM   1114 N NE  . ARG A 1 135 ? 3.096   -10.385 2.176   1.00 59.58 ? 135 ARG A NE  1 
ATOM   1115 C CZ  . ARG A 1 135 ? 1.963   -10.251 1.489   1.00 61.93 ? 135 ARG A CZ  1 
ATOM   1116 N NH1 . ARG A 1 135 ? 0.938   -11.064 1.704   1.00 61.95 ? 135 ARG A NH1 1 
ATOM   1117 N NH2 . ARG A 1 135 ? 1.859   -9.302  0.568   1.00 63.11 ? 135 ARG A NH2 1 
ATOM   1118 N N   . GLN A 1 136 ? 8.603   -12.477 1.314   1.00 30.13 ? 136 GLN A N   1 
ATOM   1119 C CA  . GLN A 1 136 ? 9.979   -12.180 1.708   1.00 30.16 ? 136 GLN A CA  1 
ATOM   1120 C C   . GLN A 1 136 ? 10.612  -11.376 0.579   1.00 28.62 ? 136 GLN A C   1 
ATOM   1121 O O   . GLN A 1 136 ? 10.047  -11.305 -0.510  1.00 26.60 ? 136 GLN A O   1 
ATOM   1122 C CB  . GLN A 1 136 ? 10.779  -13.458 1.839   1.00 34.61 ? 136 GLN A CB  1 
ATOM   1123 C CG  . GLN A 1 136 ? 10.557  -14.235 3.076   1.00 46.13 ? 136 GLN A CG  1 
ATOM   1124 C CD  . GLN A 1 136 ? 11.765  -15.098 3.386   1.00 55.21 ? 136 GLN A CD  1 
ATOM   1125 O OE1 . GLN A 1 136 ? 11.782  -15.826 4.386   1.00 62.36 ? 136 GLN A OE1 1 
ATOM   1126 N NE2 . GLN A 1 136 ? 12.794  -15.030 2.521   1.00 55.45 ? 136 GLN A NE2 1 
ATOM   1127 N N   . LYS A 1 137 ? 11.792  -10.804 0.823   1.00 24.62 ? 137 LYS A N   1 
ATOM   1128 C CA  . LYS A 1 137 ? 12.451  -10.030 -0.222  1.00 25.56 ? 137 LYS A CA  1 
ATOM   1129 C C   . LYS A 1 137 ? 13.530  -10.826 -0.960  1.00 25.92 ? 137 LYS A C   1 
ATOM   1130 O O   . LYS A 1 137 ? 14.265  -10.303 -1.804  1.00 25.75 ? 137 LYS A O   1 
ATOM   1131 C CB  . LYS A 1 137 ? 12.985  -8.718  0.347   1.00 22.61 ? 137 LYS A CB  1 
ATOM   1132 C CG  . LYS A 1 137 ? 11.870  -7.693  0.434   1.00 22.22 ? 137 LYS A CG  1 
ATOM   1133 C CD  . LYS A 1 137 ? 12.441  -6.348  0.742   1.00 24.50 ? 137 LYS A CD  1 
ATOM   1134 C CE  . LYS A 1 137 ? 11.357  -5.335  0.852   1.00 23.51 ? 137 LYS A CE  1 
ATOM   1135 N NZ  . LYS A 1 137 ? 12.004  -4.058  1.184   1.00 22.45 ? 137 LYS A NZ  1 
ATOM   1136 N N   . THR A 1 138 ? 13.626  -12.104 -0.623  1.00 26.69 ? 138 THR A N   1 
ATOM   1137 C CA  . THR A 1 138 ? 14.517  -13.000 -1.330  1.00 25.58 ? 138 THR A CA  1 
ATOM   1138 C C   . THR A 1 138 ? 13.788  -14.348 -1.350  1.00 26.56 ? 138 THR A C   1 
ATOM   1139 O O   . THR A 1 138 ? 13.066  -14.695 -0.405  1.00 24.97 ? 138 THR A O   1 
ATOM   1140 C CB  . THR A 1 138 ? 15.908  -13.085 -0.692  1.00 26.16 ? 138 THR A CB  1 
ATOM   1141 O OG1 . THR A 1 138 ? 16.756  -13.838 -1.562  1.00 28.10 ? 138 THR A OG1 1 
ATOM   1142 C CG2 . THR A 1 138 ? 15.867  -13.750 0.670   1.00 27.06 ? 138 THR A CG2 1 
ATOM   1143 N N   . MET A 1 139 ? 13.929  -15.074 -2.453  1.00 25.32 ? 139 MET A N   1 
ATOM   1144 C CA  . MET A 1 139 ? 13.258  -16.362 -2.636  1.00 25.33 ? 139 MET A CA  1 
ATOM   1145 C C   . MET A 1 139 ? 14.101  -17.201 -3.558  1.00 26.58 ? 139 MET A C   1 
ATOM   1146 O O   . MET A 1 139 ? 14.513  -16.726 -4.597  1.00 25.89 ? 139 MET A O   1 
ATOM   1147 C CB  . MET A 1 139 ? 11.901  -16.140 -3.292  1.00 25.95 ? 139 MET A CB  1 
ATOM   1148 C CG  . MET A 1 139 ? 11.145  -17.423 -3.650  1.00 30.50 ? 139 MET A CG  1 
ATOM   1149 S SD  . MET A 1 139 ? 9.434   -17.055 -4.190  1.00 33.52 ? 139 MET A SD  1 
ATOM   1150 C CE  . MET A 1 139 ? 9.767   -16.295 -5.747  1.00 30.71 ? 139 MET A CE  1 
ATOM   1151 N N   . SER A 1 140 ? 14.363  -18.446 -3.186  1.00 26.24 ? 140 SER A N   1 
ATOM   1152 C CA  . SER A 1 140 ? 15.169  -19.316 -4.030  1.00 27.66 ? 140 SER A CA  1 
ATOM   1153 C C   . SER A 1 140 ? 14.349  -20.488 -4.525  1.00 29.78 ? 140 SER A C   1 
ATOM   1154 O O   . SER A 1 140 ? 13.324  -20.827 -3.935  1.00 32.02 ? 140 SER A O   1 
ATOM   1155 C CB  . SER A 1 140 ? 16.378  -19.802 -3.259  1.00 26.90 ? 140 SER A CB  1 
ATOM   1156 O OG  . SER A 1 140 ? 17.240  -18.706 -3.003  1.00 31.38 ? 140 SER A OG  1 
ATOM   1157 N N   . TYR A 1 141 ? 14.798  -21.111 -5.604  1.00 29.84 ? 141 TYR A N   1 
ATOM   1158 C CA  . TYR A 1 141 ? 14.060  -22.223 -6.176  1.00 32.25 ? 141 TYR A CA  1 
ATOM   1159 C C   . TYR A 1 141 ? 15.009  -23.141 -6.923  1.00 32.47 ? 141 TYR A C   1 
ATOM   1160 O O   . TYR A 1 141 ? 15.835  -22.680 -7.710  1.00 31.70 ? 141 TYR A O   1 
ATOM   1161 C CB  . TYR A 1 141 ? 12.975  -21.682 -7.120  1.00 32.36 ? 141 TYR A CB  1 
ATOM   1162 C CG  . TYR A 1 141 ? 12.342  -22.725 -8.008  1.00 41.11 ? 141 TYR A CG  1 
ATOM   1163 C CD1 . TYR A 1 141 ? 11.217  -23.451 -7.593  1.00 43.03 ? 141 TYR A CD1 1 
ATOM   1164 C CD2 . TYR A 1 141 ? 12.862  -22.984 -9.276  1.00 43.48 ? 141 TYR A CD2 1 
ATOM   1165 C CE1 . TYR A 1 141 ? 10.632  -24.409 -8.429  1.00 44.58 ? 141 TYR A CE1 1 
ATOM   1166 C CE2 . TYR A 1 141 ? 12.288  -23.931 -10.110 1.00 45.89 ? 141 TYR A CE2 1 
ATOM   1167 C CZ  . TYR A 1 141 ? 11.178  -24.639 -9.687  1.00 46.12 ? 141 TYR A CZ  1 
ATOM   1168 O OH  . TYR A 1 141 ? 10.620  -25.561 -10.551 1.00 51.68 ? 141 TYR A OH  1 
ATOM   1169 N N   . GLN A 1 142 ? 14.902  -24.438 -6.653  1.00 33.31 ? 142 GLN A N   1 
ATOM   1170 C CA  . GLN A 1 142 ? 15.747  -25.427 -7.317  1.00 36.81 ? 142 GLN A CA  1 
ATOM   1171 C C   . GLN A 1 142 ? 14.988  -25.841 -8.578  1.00 35.46 ? 142 GLN A C   1 
ATOM   1172 O O   . GLN A 1 142 ? 13.899  -26.415 -8.491  1.00 33.64 ? 142 GLN A O   1 
ATOM   1173 C CB  . GLN A 1 142 ? 15.969  -26.615 -6.390  1.00 41.22 ? 142 GLN A CB  1 
ATOM   1174 C CG  . GLN A 1 142 ? 17.320  -26.602 -5.696  1.00 51.64 ? 142 GLN A CG  1 
ATOM   1175 C CD  . GLN A 1 142 ? 18.002  -27.959 -5.777  1.00 60.52 ? 142 GLN A CD  1 
ATOM   1176 O OE1 . GLN A 1 142 ? 17.362  -28.995 -5.555  1.00 68.69 ? 142 GLN A OE1 1 
ATOM   1177 N NE2 . GLN A 1 142 ? 19.289  -27.969 -6.102  1.00 61.93 ? 142 GLN A NE2 1 
ATOM   1178 N N   . TRP A 1 143 ? 15.537  -25.535 -9.752  1.00 33.52 ? 143 TRP A N   1 
ATOM   1179 C CA  . TRP A 1 143 ? 14.804  -25.862 -10.964 1.00 32.64 ? 143 TRP A CA  1 
ATOM   1180 C C   . TRP A 1 143 ? 14.902  -27.317 -11.416 1.00 33.39 ? 143 TRP A C   1 
ATOM   1181 O O   . TRP A 1 143 ? 15.865  -28.030 -11.118 1.00 31.46 ? 143 TRP A O   1 
ATOM   1182 C CB  . TRP A 1 143 ? 15.185  -24.901 -12.112 1.00 31.66 ? 143 TRP A CB  1 
ATOM   1183 C CG  . TRP A 1 143 ? 16.583  -25.046 -12.659 1.00 30.91 ? 143 TRP A CG  1 
ATOM   1184 C CD1 . TRP A 1 143 ? 17.041  -26.024 -13.509 1.00 30.76 ? 143 TRP A CD1 1 
ATOM   1185 C CD2 . TRP A 1 143 ? 17.698  -24.171 -12.418 1.00 27.87 ? 143 TRP A CD2 1 
ATOM   1186 N NE1 . TRP A 1 143 ? 18.365  -25.813 -13.810 1.00 30.23 ? 143 TRP A NE1 1 
ATOM   1187 C CE2 . TRP A 1 143 ? 18.801  -24.686 -13.159 1.00 29.62 ? 143 TRP A CE2 1 
ATOM   1188 C CE3 . TRP A 1 143 ? 17.875  -23.006 -11.655 1.00 24.65 ? 143 TRP A CE3 1 
ATOM   1189 C CZ2 . TRP A 1 143 ? 20.065  -24.077 -13.157 1.00 24.94 ? 143 TRP A CZ2 1 
ATOM   1190 C CZ3 . TRP A 1 143 ? 19.130  -22.395 -11.654 1.00 25.21 ? 143 TRP A CZ3 1 
ATOM   1191 C CH2 . TRP A 1 143 ? 20.212  -22.936 -12.402 1.00 26.55 ? 143 TRP A CH2 1 
ATOM   1192 N N   . THR A 1 144 ? 13.875  -27.751 -12.127 1.00 34.40 ? 144 THR A N   1 
ATOM   1193 C CA  . THR A 1 144 ? 13.835  -29.108 -12.629 1.00 37.66 ? 144 THR A CA  1 
ATOM   1194 C C   . THR A 1 144 ? 14.129  -29.075 -14.121 1.00 39.32 ? 144 THR A C   1 
ATOM   1195 O O   . THR A 1 144 ? 14.648  -30.038 -14.672 1.00 41.58 ? 144 THR A O   1 
ATOM   1196 C CB  . THR A 1 144 ? 12.455  -29.743 -12.373 1.00 38.10 ? 144 THR A CB  1 
ATOM   1197 O OG1 . THR A 1 144 ? 11.467  -29.154 -13.236 1.00 42.12 ? 144 THR A OG1 1 
ATOM   1198 C CG2 . THR A 1 144 ? 12.048  -29.520 -10.932 1.00 40.62 ? 144 THR A CG2 1 
ATOM   1199 N N   . ASN A 1 145 ? 13.808  -27.955 -14.766 1.00 37.89 ? 145 ASN A N   1 
ATOM   1200 C CA  . ASN A 1 145 ? 14.046  -27.803 -16.198 1.00 37.39 ? 145 ASN A CA  1 
ATOM   1201 C C   . ASN A 1 145 ? 14.270  -26.343 -16.591 1.00 37.87 ? 145 ASN A C   1 
ATOM   1202 O O   . ASN A 1 145 ? 13.951  -25.425 -15.827 1.00 36.71 ? 145 ASN A O   1 
ATOM   1203 C CB  . ASN A 1 145 ? 12.865  -28.346 -16.986 1.00 35.02 ? 145 ASN A CB  1 
ATOM   1204 C CG  . ASN A 1 145 ? 11.710  -27.395 -17.012 1.00 34.24 ? 145 ASN A CG  1 
ATOM   1205 O OD1 . ASN A 1 145 ? 11.627  -26.535 -17.879 1.00 35.62 ? 145 ASN A OD1 1 
ATOM   1206 N ND2 . ASN A 1 145 ? 10.801  -27.537 -16.053 1.00 35.22 ? 145 ASN A ND2 1 
ATOM   1207 N N   . LEU A 1 146 ? 14.815  -26.140 -17.793 1.00 34.44 ? 146 LEU A N   1 
ATOM   1208 C CA  . LEU A 1 146 ? 15.083  -24.804 -18.302 1.00 30.57 ? 146 LEU A CA  1 
ATOM   1209 C C   . LEU A 1 146 ? 14.455  -24.622 -19.675 1.00 30.10 ? 146 LEU A C   1 
ATOM   1210 O O   . LEU A 1 146 ? 15.024  -23.987 -20.552 1.00 31.28 ? 146 LEU A O   1 
ATOM   1211 C CB  . LEU A 1 146 ? 16.590  -24.558 -18.356 1.00 26.89 ? 146 LEU A CB  1 
ATOM   1212 C CG  . LEU A 1 146 ? 17.247  -24.563 -16.966 1.00 27.93 ? 146 LEU A CG  1 
ATOM   1213 C CD1 . LEU A 1 146 ? 18.735  -24.370 -17.104 1.00 28.58 ? 146 LEU A CD1 1 
ATOM   1214 C CD2 . LEU A 1 146 ? 16.658  -23.465 -16.097 1.00 28.31 ? 146 LEU A CD2 1 
ATOM   1215 N N   . ARG A 1 147 ? 13.266  -25.173 -19.854 1.00 30.15 ? 147 ARG A N   1 
ATOM   1216 C CA  . ARG A 1 147 ? 12.573  -25.066 -21.129 1.00 33.07 ? 147 ARG A CA  1 
ATOM   1217 C C   . ARG A 1 147 ? 11.990  -23.675 -21.393 1.00 33.10 ? 147 ARG A C   1 
ATOM   1218 O O   . ARG A 1 147 ? 11.616  -23.352 -22.520 1.00 33.49 ? 147 ARG A O   1 
ATOM   1219 C CB  . ARG A 1 147 ? 11.453  -26.106 -21.200 1.00 36.83 ? 147 ARG A CB  1 
ATOM   1220 C CG  . ARG A 1 147 ? 11.933  -27.548 -21.263 1.00 39.21 ? 147 ARG A CG  1 
ATOM   1221 C CD  . ARG A 1 147 ? 10.772  -28.475 -21.611 1.00 42.89 ? 147 ARG A CD  1 
ATOM   1222 N NE  . ARG A 1 147 ? 9.786   -28.561 -20.532 1.00 46.03 ? 147 ARG A NE  1 
ATOM   1223 C CZ  . ARG A 1 147 ? 9.913   -29.348 -19.459 1.00 48.58 ? 147 ARG A CZ  1 
ATOM   1224 N NH1 . ARG A 1 147 ? 10.986  -30.126 -19.311 1.00 45.58 ? 147 ARG A NH1 1 
ATOM   1225 N NH2 . ARG A 1 147 ? 8.968   -29.351 -18.524 1.00 48.40 ? 147 ARG A NH2 1 
ATOM   1226 N N   . ALA A 1 148 ? 11.883  -22.858 -20.352 1.00 31.03 ? 148 ALA A N   1 
ATOM   1227 C CA  . ALA A 1 148 ? 11.357  -21.509 -20.514 1.00 27.25 ? 148 ALA A CA  1 
ATOM   1228 C C   . ALA A 1 148 ? 12.080  -20.571 -19.555 1.00 26.46 ? 148 ALA A C   1 
ATOM   1229 O O   . ALA A 1 148 ? 12.670  -21.010 -18.577 1.00 25.82 ? 148 ALA A O   1 
ATOM   1230 C CB  . ALA A 1 148 ? 9.871   -21.487 -20.233 1.00 24.58 ? 148 ALA A CB  1 
ATOM   1231 N N   . PRO A 1 149 ? 12.092  -19.270 -19.861 1.00 26.25 ? 149 PRO A N   1 
ATOM   1232 C CA  . PRO A 1 149 ? 12.765  -18.340 -18.951 1.00 26.55 ? 149 PRO A CA  1 
ATOM   1233 C C   . PRO A 1 149 ? 11.966  -18.215 -17.652 1.00 24.39 ? 149 PRO A C   1 
ATOM   1234 O O   . PRO A 1 149 ? 10.827  -18.661 -17.569 1.00 24.33 ? 149 PRO A O   1 
ATOM   1235 C CB  . PRO A 1 149 ? 12.797  -17.021 -19.726 1.00 26.77 ? 149 PRO A CB  1 
ATOM   1236 C CG  . PRO A 1 149 ? 11.740  -17.144 -20.758 1.00 27.54 ? 149 PRO A CG  1 
ATOM   1237 C CD  . PRO A 1 149 ? 11.549  -18.603 -21.056 1.00 28.03 ? 149 PRO A CD  1 
ATOM   1238 N N   . PHE A 1 150 ? 12.576  -17.620 -16.633 1.00 25.16 ? 150 PHE A N   1 
ATOM   1239 C CA  . PHE A 1 150 ? 11.902  -17.423 -15.358 1.00 24.11 ? 150 PHE A CA  1 
ATOM   1240 C C   . PHE A 1 150 ? 11.435  -15.983 -15.229 1.00 24.94 ? 150 PHE A C   1 
ATOM   1241 O O   . PHE A 1 150 ? 12.114  -15.059 -15.680 1.00 26.20 ? 150 PHE A O   1 
ATOM   1242 C CB  . PHE A 1 150 ? 12.856  -17.727 -14.221 1.00 21.76 ? 150 PHE A CB  1 
ATOM   1243 C CG  . PHE A 1 150 ? 13.130  -19.176 -14.051 1.00 24.11 ? 150 PHE A CG  1 
ATOM   1244 C CD1 . PHE A 1 150 ? 12.262  -19.974 -13.318 1.00 24.50 ? 150 PHE A CD1 1 
ATOM   1245 C CD2 . PHE A 1 150 ? 14.259  -19.750 -14.626 1.00 25.82 ? 150 PHE A CD2 1 
ATOM   1246 C CE1 . PHE A 1 150 ? 12.511  -21.332 -13.155 1.00 25.06 ? 150 PHE A CE1 1 
ATOM   1247 C CE2 . PHE A 1 150 ? 14.524  -21.115 -14.471 1.00 26.89 ? 150 PHE A CE2 1 
ATOM   1248 C CZ  . PHE A 1 150 ? 13.644  -21.907 -13.732 1.00 23.96 ? 150 PHE A CZ  1 
ATOM   1249 N N   . LYS A 1 151 ? 10.267  -15.789 -14.636 1.00 23.41 ? 151 LYS A N   1 
ATOM   1250 C CA  . LYS A 1 151 ? 9.766   -14.451 -14.416 1.00 23.83 ? 151 LYS A CA  1 
ATOM   1251 C C   . LYS A 1 151 ? 9.548   -14.343 -12.924 1.00 25.16 ? 151 LYS A C   1 
ATOM   1252 O O   . LYS A 1 151 ? 8.951   -15.233 -12.297 1.00 23.39 ? 151 LYS A O   1 
ATOM   1253 C CB  . LYS A 1 151 ? 8.450   -14.208 -15.123 1.00 24.96 ? 151 LYS A CB  1 
ATOM   1254 C CG  . LYS A 1 151 ? 7.817   -12.871 -14.784 1.00 28.55 ? 151 LYS A CG  1 
ATOM   1255 C CD  . LYS A 1 151 ? 6.678   -12.616 -15.746 1.00 37.23 ? 151 LYS A CD  1 
ATOM   1256 C CE  . LYS A 1 151 ? 5.906   -11.364 -15.391 1.00 44.25 ? 151 LYS A CE  1 
ATOM   1257 N NZ  . LYS A 1 151 ? 4.697   -11.658 -14.569 1.00 52.74 ? 151 LYS A NZ  1 
ATOM   1258 N N   . CYS A 1 152 ? 10.076  -13.270 -12.350 1.00 23.60 ? 152 CYS A N   1 
ATOM   1259 C CA  . CYS A 1 152 ? 9.908   -13.020 -10.933 1.00 22.01 ? 152 CYS A CA  1 
ATOM   1260 C C   . CYS A 1 152 ? 9.190   -11.709 -10.794 1.00 22.16 ? 152 CYS A C   1 
ATOM   1261 O O   . CYS A 1 152 ? 9.562   -10.708 -11.410 1.00 23.99 ? 152 CYS A O   1 
ATOM   1262 C CB  . CYS A 1 152 ? 11.239  -12.944 -10.224 1.00 22.90 ? 152 CYS A CB  1 
ATOM   1263 S SG  . CYS A 1 152 ? 10.975  -12.748 -8.442  1.00 24.75 ? 152 CYS A SG  1 
ATOM   1264 N N   . LYS A 1 153 ? 8.135   -11.718 -10.004 1.00 23.14 ? 153 LYS A N   1 
ATOM   1265 C CA  . LYS A 1 153 ? 7.358   -10.521 -9.795  1.00 22.25 ? 153 LYS A CA  1 
ATOM   1266 C C   . LYS A 1 153 ? 7.401   -10.116 -8.324  1.00 23.04 ? 153 LYS A C   1 
ATOM   1267 O O   . LYS A 1 153 ? 7.264   -10.951 -7.435  1.00 24.82 ? 153 LYS A O   1 
ATOM   1268 C CB  . LYS A 1 153 ? 5.930   -10.784 -10.224 1.00 23.62 ? 153 LYS A CB  1 
ATOM   1269 C CG  . LYS A 1 153 ? 5.021   -9.620  -10.041 1.00 33.95 ? 153 LYS A CG  1 
ATOM   1270 C CD  . LYS A 1 153 ? 3.580   -10.043 -10.243 1.00 42.90 ? 153 LYS A CD  1 
ATOM   1271 C CE  . LYS A 1 153 ? 3.388   -10.679 -11.613 1.00 50.02 ? 153 LYS A CE  1 
ATOM   1272 N NZ  . LYS A 1 153 ? 1.938   -10.690 -11.992 1.00 55.61 ? 153 LYS A NZ  1 
ATOM   1273 N N   . ALA A 1 154 ? 7.650   -8.840  -8.064  1.00 23.44 ? 154 ALA A N   1 
ATOM   1274 C CA  . ALA A 1 154 ? 7.631   -8.337  -6.689  1.00 24.39 ? 154 ALA A CA  1 
ATOM   1275 C C   . ALA A 1 154 ? 6.328   -7.545  -6.618  1.00 24.58 ? 154 ALA A C   1 
ATOM   1276 O O   . ALA A 1 154 ? 6.068   -6.672  -7.454  1.00 25.51 ? 154 ALA A O   1 
ATOM   1277 C CB  . ALA A 1 154 ? 8.810   -7.427  -6.420  1.00 25.24 ? 154 ALA A CB  1 
ATOM   1278 N N   . VAL A 1 155 ? 5.488   -7.860  -5.641  1.00 25.87 ? 155 VAL A N   1 
ATOM   1279 C CA  . VAL A 1 155 ? 4.222   -7.160  -5.534  1.00 27.83 ? 155 VAL A CA  1 
ATOM   1280 C C   . VAL A 1 155 ? 3.788   -6.864  -4.086  1.00 26.09 ? 155 VAL A C   1 
ATOM   1281 O O   . VAL A 1 155 ? 4.106   -7.593  -3.145  1.00 26.17 ? 155 VAL A O   1 
ATOM   1282 C CB  . VAL A 1 155 ? 3.108   -7.977  -6.284  1.00 28.75 ? 155 VAL A CB  1 
ATOM   1283 C CG1 . VAL A 1 155 ? 3.183   -9.417  -5.887  1.00 28.21 ? 155 VAL A CG1 1 
ATOM   1284 C CG2 . VAL A 1 155 ? 1.726   -7.421  -5.985  1.00 28.95 ? 155 VAL A CG2 1 
ATOM   1285 N N   . ASN A 1 156 ? 3.124   -5.734  -3.915  1.00 27.17 ? 156 ASN A N   1 
ATOM   1286 C CA  . ASN A 1 156 ? 2.560   -5.363  -2.621  1.00 27.66 ? 156 ASN A CA  1 
ATOM   1287 C C   . ASN A 1 156 ? 1.276   -4.621  -2.954  1.00 29.58 ? 156 ASN A C   1 
ATOM   1288 O O   . ASN A 1 156 ? 0.936   -4.437  -4.134  1.00 28.97 ? 156 ASN A O   1 
ATOM   1289 C CB  . ASN A 1 156 ? 3.528   -4.534  -1.744  1.00 25.59 ? 156 ASN A CB  1 
ATOM   1290 C CG  . ASN A 1 156 ? 3.810   -3.139  -2.282  1.00 22.31 ? 156 ASN A CG  1 
ATOM   1291 O OD1 . ASN A 1 156 ? 3.123   -2.634  -3.167  1.00 27.08 ? 156 ASN A OD1 1 
ATOM   1292 N ND2 . ASN A 1 156 ? 4.834   -2.508  -1.732  1.00 24.13 ? 156 ASN A ND2 1 
ATOM   1293 N N   . ARG A 1 157 ? 0.545   -4.221  -1.926  1.00 32.98 ? 157 ARG A N   1 
ATOM   1294 C CA  . ARG A 1 157 ? -0.727  -3.544  -2.130  1.00 34.58 ? 157 ARG A CA  1 
ATOM   1295 C C   . ARG A 1 157 ? -0.705  -2.333  -3.038  1.00 32.77 ? 157 ARG A C   1 
ATOM   1296 O O   . ARG A 1 157 ? -1.710  -2.018  -3.651  1.00 32.22 ? 157 ARG A O   1 
ATOM   1297 C CB  . ARG A 1 157 ? -1.307  -3.128  -0.781  1.00 41.49 ? 157 ARG A CB  1 
ATOM   1298 C CG  . ARG A 1 157 ? -1.609  -4.292  0.132   1.00 48.28 ? 157 ARG A CG  1 
ATOM   1299 C CD  . ARG A 1 157 ? -2.924  -4.901  -0.269  1.00 53.63 ? 157 ARG A CD  1 
ATOM   1300 N NE  . ARG A 1 157 ? -3.404  -5.842  0.733   1.00 60.32 ? 157 ARG A NE  1 
ATOM   1301 C CZ  . ARG A 1 157 ? -4.673  -6.220  0.829   1.00 62.19 ? 157 ARG A CZ  1 
ATOM   1302 N NH1 . ARG A 1 157 ? -5.568  -5.723  -0.023  1.00 61.26 ? 157 ARG A NH1 1 
ATOM   1303 N NH2 . ARG A 1 157 ? -5.041  -7.096  1.762   1.00 63.74 ? 157 ARG A NH2 1 
ATOM   1304 N N   . VAL A 1 158 ? 0.426   -1.652  -3.145  1.00 31.06 ? 158 VAL A N   1 
ATOM   1305 C CA  . VAL A 1 158 ? 0.453   -0.448  -3.959  1.00 30.10 ? 158 VAL A CA  1 
ATOM   1306 C C   . VAL A 1 158 ? 1.291   -0.478  -5.217  1.00 33.08 ? 158 VAL A C   1 
ATOM   1307 O O   . VAL A 1 158 ? 1.362   0.534   -5.916  1.00 33.11 ? 158 VAL A O   1 
ATOM   1308 C CB  . VAL A 1 158 ? 0.935   0.752   -3.128  1.00 28.83 ? 158 VAL A CB  1 
ATOM   1309 C CG1 . VAL A 1 158 ? 0.021   0.935   -1.919  1.00 30.11 ? 158 VAL A CG1 1 
ATOM   1310 C CG2 . VAL A 1 158 ? 2.369   0.532   -2.668  1.00 23.24 ? 158 VAL A CG2 1 
ATOM   1311 N N   . SER A 1 159 ? 1.924   -1.611  -5.523  1.00 32.25 ? 159 SER A N   1 
ATOM   1312 C CA  . SER A 1 159 ? 2.786   -1.650  -6.707  1.00 29.42 ? 159 SER A CA  1 
ATOM   1313 C C   . SER A 1 159 ? 3.226   -3.042  -7.101  1.00 29.12 ? 159 SER A C   1 
ATOM   1314 O O   . SER A 1 159 ? 2.987   -4.023  -6.395  1.00 26.52 ? 159 SER A O   1 
ATOM   1315 C CB  . SER A 1 159 ? 4.053   -0.833  -6.441  1.00 27.22 ? 159 SER A CB  1 
ATOM   1316 O OG  . SER A 1 159 ? 4.819   -1.469  -5.421  1.00 24.69 ? 159 SER A OG  1 
ATOM   1317 N N   . GLN A 1 160 ? 3.884   -3.109  -8.251  1.00 30.72 ? 160 GLN A N   1 
ATOM   1318 C CA  . GLN A 1 160 ? 4.446   -4.365  -8.717  1.00 32.13 ? 160 GLN A CA  1 
ATOM   1319 C C   . GLN A 1 160 ? 5.391   -4.148  -9.884  1.00 29.33 ? 160 GLN A C   1 
ATOM   1320 O O   . GLN A 1 160 ? 5.184   -3.268  -10.720 1.00 27.90 ? 160 GLN A O   1 
ATOM   1321 C CB  . GLN A 1 160 ? 3.345   -5.352  -9.067  1.00 36.97 ? 160 GLN A CB  1 
ATOM   1322 C CG  . GLN A 1 160 ? 2.668   -5.122  -10.365 1.00 46.90 ? 160 GLN A CG  1 
ATOM   1323 C CD  . GLN A 1 160 ? 1.932   -6.367  -10.790 1.00 55.14 ? 160 GLN A CD  1 
ATOM   1324 O OE1 . GLN A 1 160 ? 2.510   -7.271  -11.400 1.00 61.31 ? 160 GLN A OE1 1 
ATOM   1325 N NE2 . GLN A 1 160 ? 0.653   -6.439  -10.447 1.00 58.33 ? 160 GLN A NE2 1 
ATOM   1326 N N   . GLU A 1 161 ? 6.455   -4.938  -9.894  1.00 26.83 ? 161 GLU A N   1 
ATOM   1327 C CA  . GLU A 1 161 ? 7.477   -4.882  -10.932 1.00 27.36 ? 161 GLU A CA  1 
ATOM   1328 C C   . GLU A 1 161 ? 7.986   -6.289  -11.129 1.00 26.74 ? 161 GLU A C   1 
ATOM   1329 O O   . GLU A 1 161 ? 8.033   -7.076  -10.189 1.00 26.41 ? 161 GLU A O   1 
ATOM   1330 C CB  . GLU A 1 161 ? 8.663   -4.028  -10.497 1.00 29.49 ? 161 GLU A CB  1 
ATOM   1331 C CG  . GLU A 1 161 ? 8.293   -2.648  -10.049 1.00 34.34 ? 161 GLU A CG  1 
ATOM   1332 C CD  . GLU A 1 161 ? 7.999   -1.760  -11.213 1.00 41.00 ? 161 GLU A CD  1 
ATOM   1333 O OE1 . GLU A 1 161 ? 8.502   -2.065  -12.317 1.00 42.62 ? 161 GLU A OE1 1 
ATOM   1334 O OE2 . GLU A 1 161 ? 7.264   -0.764  -11.025 1.00 46.77 ? 161 GLU A OE2 1 
ATOM   1335 N N   . SER A 1 162 ? 8.383   -6.614  -12.347 1.00 25.71 ? 162 SER A N   1 
ATOM   1336 C CA  . SER A 1 162 ? 8.902   -7.943  -12.569 1.00 25.87 ? 162 SER A CA  1 
ATOM   1337 C C   . SER A 1 162 ? 10.155  -7.909  -13.420 1.00 24.20 ? 162 SER A C   1 
ATOM   1338 O O   . SER A 1 162 ? 10.518  -6.890  -14.007 1.00 21.76 ? 162 SER A O   1 
ATOM   1339 C CB  . SER A 1 162 ? 7.829   -8.817  -13.206 1.00 28.33 ? 162 SER A CB  1 
ATOM   1340 O OG  . SER A 1 162 ? 7.390   -8.230  -14.401 1.00 34.92 ? 162 SER A OG  1 
ATOM   1341 N N   . GLU A 1 163 ? 10.841  -9.034  -13.435 1.00 22.68 ? 163 GLU A N   1 
ATOM   1342 C CA  . GLU A 1 163 ? 12.050  -9.183  -14.206 1.00 22.51 ? 163 GLU A CA  1 
ATOM   1343 C C   . GLU A 1 163 ? 11.918  -10.556 -14.831 1.00 22.89 ? 163 GLU A C   1 
ATOM   1344 O O   . GLU A 1 163 ? 11.318  -11.452 -14.250 1.00 21.67 ? 163 GLU A O   1 
ATOM   1345 C CB  . GLU A 1 163 ? 13.277  -9.140  -13.295 1.00 22.77 ? 163 GLU A CB  1 
ATOM   1346 C CG  . GLU A 1 163 ? 14.601  -9.371  -14.014 1.00 29.41 ? 163 GLU A CG  1 
ATOM   1347 C CD  . GLU A 1 163 ? 14.827  -8.354  -15.121 1.00 36.04 ? 163 GLU A CD  1 
ATOM   1348 O OE1 . GLU A 1 163 ? 14.199  -8.463  -16.204 1.00 38.42 ? 163 GLU A OE1 1 
ATOM   1349 O OE2 . GLU A 1 163 ? 15.636  -7.430  -14.904 1.00 38.96 ? 163 GLU A OE2 1 
ATOM   1350 N N   . MET A 1 164 ? 12.445  -10.712 -16.031 1.00 23.29 ? 164 MET A N   1 
ATOM   1351 C CA  . MET A 1 164 ? 12.395  -11.997 -16.690 1.00 24.58 ? 164 MET A CA  1 
ATOM   1352 C C   . MET A 1 164 ? 13.822  -12.324 -17.128 1.00 24.74 ? 164 MET A C   1 
ATOM   1353 O O   . MET A 1 164 ? 14.515  -11.464 -17.659 1.00 24.54 ? 164 MET A O   1 
ATOM   1354 C CB  . MET A 1 164 ? 11.458  -11.919 -17.885 1.00 27.65 ? 164 MET A CB  1 
ATOM   1355 C CG  . MET A 1 164 ? 11.250  -13.257 -18.528 1.00 41.17 ? 164 MET A CG  1 
ATOM   1356 S SD  . MET A 1 164 ? 9.882   -13.239 -19.658 1.00 51.00 ? 164 MET A SD  1 
ATOM   1357 C CE  . MET A 1 164 ? 8.516   -13.834 -18.582 1.00 51.26 ? 164 MET A CE  1 
ATOM   1358 N N   . GLU A 1 165 ? 14.280  -13.549 -16.880 1.00 24.75 ? 165 GLU A N   1 
ATOM   1359 C CA  . GLU A 1 165 ? 15.637  -13.922 -17.269 1.00 25.75 ? 165 GLU A CA  1 
ATOM   1360 C C   . GLU A 1 165 ? 15.735  -15.353 -17.762 1.00 26.85 ? 165 GLU A C   1 
ATOM   1361 O O   . GLU A 1 165 ? 15.030  -16.229 -17.275 1.00 28.34 ? 165 GLU A O   1 
ATOM   1362 C CB  . GLU A 1 165 ? 16.607  -13.762 -16.095 1.00 24.29 ? 165 GLU A CB  1 
ATOM   1363 C CG  . GLU A 1 165 ? 16.752  -12.344 -15.547 1.00 30.63 ? 165 GLU A CG  1 
ATOM   1364 C CD  . GLU A 1 165 ? 17.314  -11.351 -16.552 1.00 34.74 ? 165 GLU A CD  1 
ATOM   1365 O OE1 . GLU A 1 165 ? 17.918  -11.761 -17.572 1.00 36.17 ? 165 GLU A OE1 1 
ATOM   1366 O OE2 . GLU A 1 165 ? 17.144  -10.141 -16.319 1.00 35.95 ? 165 GLU A OE2 1 
ATOM   1367 N N   . VAL A 1 166 ? 16.613  -15.584 -18.736 1.00 27.58 ? 166 VAL A N   1 
ATOM   1368 C CA  . VAL A 1 166 ? 16.861  -16.929 -19.253 1.00 24.61 ? 166 VAL A CA  1 
ATOM   1369 C C   . VAL A 1 166 ? 18.100  -17.421 -18.484 1.00 24.33 ? 166 VAL A C   1 
ATOM   1370 O O   . VAL A 1 166 ? 19.113  -16.714 -18.416 1.00 23.94 ? 166 VAL A O   1 
ATOM   1371 C CB  . VAL A 1 166 ? 17.183  -16.918 -20.798 1.00 25.03 ? 166 VAL A CB  1 
ATOM   1372 C CG1 . VAL A 1 166 ? 17.519  -18.327 -21.284 1.00 23.69 ? 166 VAL A CG1 1 
ATOM   1373 C CG2 . VAL A 1 166 ? 16.024  -16.394 -21.568 1.00 21.22 ? 166 VAL A CG2 1 
ATOM   1374 N N   . VAL A 1 167 ? 18.016  -18.603 -17.875 1.00 24.36 ? 167 VAL A N   1 
ATOM   1375 C CA  . VAL A 1 167 ? 19.162  -19.166 -17.144 1.00 25.59 ? 167 VAL A CA  1 
ATOM   1376 C C   . VAL A 1 167 ? 20.175  -19.747 -18.143 1.00 26.60 ? 167 VAL A C   1 
ATOM   1377 O O   . VAL A 1 167 ? 19.813  -20.527 -19.029 1.00 28.49 ? 167 VAL A O   1 
ATOM   1378 C CB  . VAL A 1 167 ? 18.717  -20.281 -16.154 1.00 22.35 ? 167 VAL A CB  1 
ATOM   1379 C CG1 . VAL A 1 167 ? 19.923  -20.944 -15.536 1.00 20.31 ? 167 VAL A CG1 1 
ATOM   1380 C CG2 . VAL A 1 167 ? 17.828  -19.683 -15.077 1.00 21.28 ? 167 VAL A CG2 1 
ATOM   1381 N N   . ASN A 1 168 ? 21.439  -19.363 -17.997 1.00 26.91 ? 168 ASN A N   1 
ATOM   1382 C CA  . ASN A 1 168 ? 22.510  -19.813 -18.895 1.00 28.30 ? 168 ASN A CA  1 
ATOM   1383 C C   . ASN A 1 168 ? 23.454  -20.763 -18.158 1.00 28.39 ? 168 ASN A C   1 
ATOM   1384 O O   . ASN A 1 168 ? 24.390  -20.321 -17.483 1.00 28.55 ? 168 ASN A O   1 
ATOM   1385 C CB  . ASN A 1 168 ? 23.275  -18.573 -19.420 1.00 27.37 ? 168 ASN A CB  1 
ATOM   1386 C CG  . ASN A 1 168 ? 24.573  -18.919 -20.140 1.00 25.88 ? 168 ASN A CG  1 
ATOM   1387 O OD1 . ASN A 1 168 ? 24.621  -19.850 -20.942 1.00 27.21 ? 168 ASN A OD1 1 
ATOM   1388 N ND2 . ASN A 1 168 ? 25.626  -18.155 -19.863 1.00 23.58 ? 168 ASN A ND2 1 
ATOM   1389 N N   . CYS A 1 169 ? 23.198  -22.064 -18.297 1.00 30.42 ? 169 CYS A N   1 
ATOM   1390 C CA  . CYS A 1 169 ? 24.001  -23.103 -17.648 1.00 32.73 ? 169 CYS A CA  1 
ATOM   1391 C C   . CYS A 1 169 ? 24.384  -24.222 -18.629 1.00 34.10 ? 169 CYS A C   1 
ATOM   1392 O O   . CYS A 1 169 ? 23.616  -24.564 -19.549 1.00 32.29 ? 169 CYS A O   1 
ATOM   1393 C CB  . CYS A 1 169 ? 23.229  -23.730 -16.479 1.00 32.84 ? 169 CYS A CB  1 
ATOM   1394 S SG  . CYS A 1 169 ? 23.011  -22.679 -15.006 1.00 35.04 ? 169 CYS A SG  1 
ATOM   1395 N N   . PRO A 1 170 ? 25.567  -24.829 -18.421 1.00 35.27 ? 170 PRO A N   1 
ATOM   1396 C CA  . PRO A 1 170 ? 26.017  -25.908 -19.308 1.00 37.11 ? 170 PRO A CA  1 
ATOM   1397 C C   . PRO A 1 170 ? 25.031  -27.061 -19.207 1.00 41.31 ? 170 PRO A C   1 
ATOM   1398 O O   . PRO A 1 170 ? 24.505  -27.320 -18.120 1.00 42.69 ? 170 PRO A O   1 
ATOM   1399 C CB  . PRO A 1 170 ? 27.385  -26.291 -18.759 1.00 33.41 ? 170 PRO A CB  1 
ATOM   1400 C CG  . PRO A 1 170 ? 27.765  -25.212 -17.820 1.00 33.84 ? 170 PRO A CG  1 
ATOM   1401 C CD  . PRO A 1 170 ? 26.524  -24.566 -17.334 1.00 32.41 ? 170 PRO A CD  1 
ATOM   1402 N N   . GLU A 1 171 ? 24.748  -27.732 -20.321 1.00 43.51 ? 171 GLU A N   1 
ATOM   1403 C CA  . GLU A 1 171 ? 23.823  -28.863 -20.289 1.00 46.40 ? 171 GLU A CA  1 
ATOM   1404 C C   . GLU A 1 171 ? 24.559  -30.050 -19.699 1.00 50.17 ? 171 GLU A C   1 
ATOM   1405 O O   . GLU A 1 171 ? 25.810  -30.059 -19.780 1.00 52.32 ? 171 GLU A O   1 
ATOM   1406 C CB  . GLU A 1 171 ? 23.336  -29.228 -21.686 1.00 46.37 ? 171 GLU A CB  1 
ATOM   1407 C CG  . GLU A 1 171 ? 22.111  -28.461 -22.132 1.00 48.42 ? 171 GLU A CG  1 
ATOM   1408 C CD  . GLU A 1 171 ? 21.567  -28.964 -23.453 1.00 50.77 ? 171 GLU A CD  1 
ATOM   1409 O OE1 . GLU A 1 171 ? 21.931  -30.103 -23.848 1.00 51.56 ? 171 GLU A OE1 1 
ATOM   1410 O OE2 . GLU A 1 171 ? 20.782  -28.221 -24.091 1.00 51.18 ? 171 GLU A OE2 1 
ATOM   1411 O OXT . GLU A 1 171 ? 23.876  -30.947 -19.156 1.00 55.17 ? 171 GLU A OXT 1 
HETATM 1412 C C1  . NAG B 2 .   ? -2.617  12.554  -5.241  1.00 67.03 ? 501 NAG A C1  1 
HETATM 1413 C C2  . NAG B 2 .   ? -1.824  13.543  -6.093  1.00 70.93 ? 501 NAG A C2  1 
HETATM 1414 C C3  . NAG B 2 .   ? -2.110  13.357  -7.602  1.00 75.04 ? 501 NAG A C3  1 
HETATM 1415 C C4  . NAG B 2 .   ? -2.209  11.877  -8.043  1.00 76.68 ? 501 NAG A C4  1 
HETATM 1416 C C5  . NAG B 2 .   ? -2.964  11.020  -7.021  1.00 76.67 ? 501 NAG A C5  1 
HETATM 1417 C C6  . NAG B 2 .   ? -2.858  9.536   -7.321  1.00 79.38 ? 501 NAG A C6  1 
HETATM 1418 C C7  . NAG B 2 .   ? -1.294  15.821  -5.526  1.00 69.32 ? 501 NAG A C7  1 
HETATM 1419 C C8  . NAG B 2 .   ? -1.794  17.194  -5.108  1.00 67.92 ? 501 NAG A C8  1 
HETATM 1420 N N2  . NAG B 2 .   ? -2.213  14.882  -5.698  1.00 69.20 ? 501 NAG A N2  1 
HETATM 1421 O O3  . NAG B 2 .   ? -1.078  13.987  -8.357  1.00 74.44 ? 501 NAG A O3  1 
HETATM 1422 O O4  . NAG B 2 .   ? -2.883  11.802  -9.296  1.00 79.04 ? 501 NAG A O4  1 
HETATM 1423 O O5  . NAG B 2 .   ? -2.419  11.220  -5.705  1.00 71.89 ? 501 NAG A O5  1 
HETATM 1424 O O6  . NAG B 2 .   ? -3.266  8.759   -6.203  1.00 84.24 ? 501 NAG A O6  1 
HETATM 1425 O O7  . NAG B 2 .   ? -0.090  15.621  -5.692  1.00 70.28 ? 501 NAG A O7  1 
HETATM 1426 C C1  . NAG C 2 .   ? 6.730   15.629  1.823   1.00 89.80 ? 502 NAG A C1  1 
HETATM 1427 C C2  . NAG C 2 .   ? 7.066   16.996  1.168   1.00 92.83 ? 502 NAG A C2  1 
HETATM 1428 C C3  . NAG C 2 .   ? 8.465   17.477  1.602   1.00 96.39 ? 502 NAG A C3  1 
HETATM 1429 C C4  . NAG C 2 .   ? 9.442   16.297  1.821   1.00 98.05 ? 502 NAG A C4  1 
HETATM 1430 C C5  . NAG C 2 .   ? 8.883   15.256  2.824   1.00 96.97 ? 502 NAG A C5  1 
HETATM 1431 C C6  . NAG C 2 .   ? 9.558   15.325  4.183   1.00 97.66 ? 502 NAG A C6  1 
HETATM 1432 C C7  . NAG C 2 .   ? 6.095   17.657  -0.964  1.00 88.39 ? 502 NAG A C7  1 
HETATM 1433 C C8  . NAG C 2 .   ? 6.078   17.505  -2.476  1.00 88.72 ? 502 NAG A C8  1 
HETATM 1434 N N2  . NAG C 2 .   ? 6.980   16.921  -0.286  1.00 89.91 ? 502 NAG A N2  1 
HETATM 1435 O O3  . NAG C 2 .   ? 8.356   18.237  2.804   1.00 97.26 ? 502 NAG A O3  1 
HETATM 1436 O O4  . NAG C 2 .   ? 9.731   15.659  0.580   1.00 99.71 ? 502 NAG A O4  1 
HETATM 1437 O O5  . NAG C 2 .   ? 7.467   15.452  3.047   1.00 93.01 ? 502 NAG A O5  1 
HETATM 1438 O O6  . NAG C 2 .   ? 9.004   14.370  5.075   1.00 98.91 ? 502 NAG A O6  1 
HETATM 1439 O O7  . NAG C 2 .   ? 5.313   18.442  -0.429  1.00 84.77 ? 502 NAG A O7  1 
HETATM 1440 C C1  . NAG D 2 .   ? 23.850  -23.914 -3.846  1.00 61.75 ? 503 NAG A C1  1 
HETATM 1441 C C2  . NAG D 2 .   ? 24.023  -22.388 -3.815  1.00 65.09 ? 503 NAG A C2  1 
HETATM 1442 C C3  . NAG D 2 .   ? 23.657  -21.882 -2.423  1.00 66.77 ? 503 NAG A C3  1 
HETATM 1443 C C4  . NAG D 2 .   ? 22.243  -22.351 -2.037  1.00 66.33 ? 503 NAG A C4  1 
HETATM 1444 C C5  . NAG D 2 .   ? 22.076  -23.864 -2.243  1.00 64.80 ? 503 NAG A C5  1 
HETATM 1445 C C6  . NAG D 2 .   ? 20.634  -24.292 -2.081  1.00 62.81 ? 503 NAG A C6  1 
HETATM 1446 C C7  . NAG D 2 .   ? 26.482  -22.517 -3.797  1.00 73.77 ? 503 NAG A C7  1 
HETATM 1447 C C8  . NAG D 2 .   ? 27.798  -21.904 -4.271  1.00 71.78 ? 503 NAG A C8  1 
HETATM 1448 N N2  . NAG D 2 .   ? 25.356  -21.919 -4.196  1.00 69.05 ? 503 NAG A N2  1 
HETATM 1449 O O3  . NAG D 2 .   ? 23.708  -20.462 -2.415  1.00 68.82 ? 503 NAG A O3  1 
HETATM 1450 O O4  . NAG D 2 .   ? 21.983  -22.038 -0.675  1.00 70.38 ? 503 NAG A O4  1 
HETATM 1451 O O5  . NAG D 2 .   ? 22.480  -24.242 -3.575  1.00 63.07 ? 503 NAG A O5  1 
HETATM 1452 O O6  . NAG D 2 .   ? 20.422  -25.587 -2.617  1.00 63.29 ? 503 NAG A O6  1 
HETATM 1453 O O7  . NAG D 2 .   ? 26.508  -23.526 -3.089  1.00 78.28 ? 503 NAG A O7  1 
HETATM 1454 O O   . HOH E 3 .   ? -19.592 22.478  17.501  1.00 22.81 ? 201 HOH A O   1 
HETATM 1455 O O   . HOH E 3 .   ? 19.883  -13.972 -18.369 1.00 25.94 ? 202 HOH A O   1 
HETATM 1456 O O   . HOH E 3 .   ? -9.951  28.524  10.492  1.00 25.71 ? 203 HOH A O   1 
HETATM 1457 O O   . HOH E 3 .   ? 13.448  -19.469 -0.586  1.00 33.50 ? 204 HOH A O   1 
HETATM 1458 O O   . HOH E 3 .   ? 15.532  -20.196 -18.289 1.00 25.04 ? 205 HOH A O   1 
HETATM 1459 O O   . HOH E 3 .   ? -11.641 14.950  0.488   1.00 29.11 ? 206 HOH A O   1 
HETATM 1460 O O   . HOH E 3 .   ? 19.026  -12.721 -2.396  1.00 29.83 ? 207 HOH A O   1 
HETATM 1461 O O   . HOH E 3 .   ? 0.551   -16.264 -5.025  0.50 24.65 ? 208 HOH A O   1 
HETATM 1462 O O   . HOH E 3 .   ? 7.837   4.320   -2.597  1.00 29.01 ? 209 HOH A O   1 
HETATM 1463 O O   . HOH E 3 .   ? 23.697  -15.325 -12.063 1.00 32.15 ? 210 HOH A O   1 
HETATM 1464 O O   . HOH E 3 .   ? 14.124  -0.574  -9.570  1.00 30.93 ? 211 HOH A O   1 
HETATM 1465 O O   . HOH E 3 .   ? 8.718   -6.869  2.831   1.00 33.59 ? 212 HOH A O   1 
HETATM 1466 O O   . HOH E 3 .   ? 24.961  -16.008 -17.875 1.00 33.49 ? 213 HOH A O   1 
HETATM 1467 O O   . HOH E 3 .   ? 20.897  -18.787 -6.347  1.00 35.02 ? 214 HOH A O   1 
HETATM 1468 O O   . HOH E 3 .   ? 15.795  -4.843  1.302   1.00 33.92 ? 215 HOH A O   1 
HETATM 1469 O O   . HOH E 3 .   ? 8.173   -9.158  2.829   1.00 35.28 ? 216 HOH A O   1 
HETATM 1470 O O   . HOH E 3 .   ? -1.285  6.745   -2.198  1.00 32.64 ? 217 HOH A O   1 
HETATM 1471 O O   . HOH E 3 .   ? -4.011  23.519  7.343   1.00 37.69 ? 218 HOH A O   1 
HETATM 1472 O O   . HOH E 3 .   ? -7.469  22.167  3.271   1.00 36.69 ? 219 HOH A O   1 
HETATM 1473 O O   . HOH E 3 .   ? -4.874  24.306  9.988   1.00 28.96 ? 220 HOH A O   1 
HETATM 1474 O O   . HOH E 3 .   ? 18.267  -9.499  -12.959 1.00 32.69 ? 221 HOH A O   1 
HETATM 1475 O O   . HOH E 3 .   ? 16.612  -6.811  -12.495 1.00 35.55 ? 222 HOH A O   1 
HETATM 1476 O O   . HOH E 3 .   ? 8.409   -4.644  4.847   1.00 42.88 ? 223 HOH A O   1 
HETATM 1477 O O   . HOH E 3 .   ? 8.048   7.559   5.377   0.50 20.50 ? 224 HOH A O   1 
HETATM 1478 O O   . HOH E 3 .   ? -23.841 11.479  16.773  1.00 47.62 ? 225 HOH A O   1 
HETATM 1479 O O   . HOH E 3 .   ? 15.718  -21.370 -20.892 1.00 35.56 ? 226 HOH A O   1 
HETATM 1480 O O   . HOH E 3 .   ? 9.475   -24.825 -18.284 1.00 34.59 ? 227 HOH A O   1 
HETATM 1481 O O   . HOH E 3 .   ? 15.768  -28.305 -19.363 1.00 37.09 ? 228 HOH A O   1 
HETATM 1482 O O   . HOH E 3 .   ? -11.128 23.062  18.015  1.00 44.87 ? 229 HOH A O   1 
HETATM 1483 O O   . HOH E 3 .   ? 18.542  -27.660 -20.511 1.00 47.26 ? 230 HOH A O   1 
HETATM 1484 O O   . HOH E 3 .   ? -2.067  26.642  8.061   1.00 32.54 ? 231 HOH A O   1 
HETATM 1485 O O   . HOH E 3 .   ? 16.829  -16.716 -1.101  1.00 40.11 ? 232 HOH A O   1 
HETATM 1486 O O   . HOH E 3 .   ? -2.062  21.490  16.426  1.00 39.29 ? 233 HOH A O   1 
HETATM 1487 O O   . HOH E 3 .   ? 27.585  -26.190 -13.780 1.00 56.89 ? 234 HOH A O   1 
HETATM 1488 O O   . HOH E 3 .   ? 10.190  2.617   -4.087  1.00 43.58 ? 235 HOH A O   1 
HETATM 1489 O O   . HOH E 3 .   ? 4.829   -6.888  -13.001 1.00 33.42 ? 236 HOH A O   1 
HETATM 1490 O O   . HOH E 3 .   ? -1.667  -10.935 2.514   1.00 40.09 ? 237 HOH A O   1 
HETATM 1491 O O   . HOH E 3 .   ? 14.756  -9.363  -19.385 1.00 44.94 ? 238 HOH A O   1 
HETATM 1492 O O   . HOH E 3 .   ? -9.230  29.336  12.610  1.00 41.02 ? 239 HOH A O   1 
HETATM 1493 O O   . HOH E 3 .   ? 18.089  -21.579 -21.353 1.00 41.59 ? 240 HOH A O   1 
HETATM 1494 O O   . HOH E 3 .   ? 1.619   -5.493  0.695   1.00 40.57 ? 241 HOH A O   1 
HETATM 1495 O O   . HOH E 3 .   ? -23.600 18.132  11.047  1.00 34.41 ? 242 HOH A O   1 
HETATM 1496 O O   . HOH E 3 .   ? -6.775  1.798   -0.813  1.00 41.33 ? 243 HOH A O   1 
HETATM 1497 O O   . HOH E 3 .   ? 11.814  -25.741 -13.198 1.00 33.27 ? 244 HOH A O   1 
HETATM 1498 O O   . HOH E 3 .   ? -0.333  -4.294  -7.236  1.00 42.68 ? 245 HOH A O   1 
HETATM 1499 O O   . HOH E 3 .   ? 0.857   -8.338  -1.434  1.00 46.41 ? 246 HOH A O   1 
HETATM 1500 O O   . HOH E 3 .   ? 3.943   -8.694  -14.956 1.00 48.80 ? 247 HOH A O   1 
HETATM 1501 O O   . HOH E 3 .   ? 1.675   11.097  11.292  1.00 46.19 ? 248 HOH A O   1 
HETATM 1502 O O   . HOH E 3 .   ? -12.231 5.410   0.810   1.00 46.38 ? 249 HOH A O   1 
HETATM 1503 O O   . HOH E 3 .   ? -17.740 31.019  13.738  1.00 55.90 ? 250 HOH A O   1 
HETATM 1504 O O   . HOH E 3 .   ? 24.949  -26.821 -15.164 1.00 37.07 ? 251 HOH A O   1 
HETATM 1505 O O   . HOH E 3 .   ? 26.368  -18.994 -16.130 1.00 48.72 ? 252 HOH A O   1 
HETATM 1506 O O   . HOH E 3 .   ? -19.149 24.104  10.441  1.00 40.31 ? 253 HOH A O   1 
HETATM 1507 O O   . HOH E 3 .   ? 8.583   -17.537 -18.736 1.00 43.81 ? 254 HOH A O   1 
HETATM 1508 O O   . HOH E 3 .   ? -21.051 12.405  16.703  1.00 38.51 ? 255 HOH A O   1 
HETATM 1509 O O   . HOH E 3 .   ? 7.022   6.652   -3.494  1.00 48.66 ? 256 HOH A O   1 
HETATM 1510 O O   . HOH E 3 .   ? 7.795   -25.402 -6.812  1.00 45.26 ? 257 HOH A O   1 
HETATM 1511 O O   . HOH E 3 .   ? 22.887  -18.513 -5.126  1.00 40.50 ? 258 HOH A O   1 
HETATM 1512 O O   . HOH E 3 .   ? 0.244   14.420  14.100  1.00 44.45 ? 259 HOH A O   1 
HETATM 1513 O O   . HOH E 3 .   ? 12.746  -4.400  4.098   1.00 43.32 ? 260 HOH A O   1 
HETATM 1514 O O   . HOH E 3 .   ? -24.085 15.648  10.872  1.00 43.19 ? 261 HOH A O   1 
HETATM 1515 O O   . HOH E 3 .   ? 0.350   -11.129 -9.674  1.00 44.41 ? 262 HOH A O   1 
HETATM 1516 O O   . HOH E 3 .   ? 3.824   -0.396  -9.936  1.00 42.81 ? 263 HOH A O   1 
HETATM 1517 O O   . HOH E 3 .   ? 24.417  -13.739 -17.267 1.00 54.21 ? 264 HOH A O   1 
HETATM 1518 O O   . HOH E 3 .   ? 4.486   14.543  5.337   1.00 41.28 ? 265 HOH A O   1 
HETATM 1519 O O   . HOH E 3 .   ? -4.816  8.499   -3.983  1.00 48.73 ? 266 HOH A O   1 
HETATM 1520 O O   . HOH E 3 .   ? -19.335 30.491  16.558  1.00 55.03 ? 267 HOH A O   1 
HETATM 1521 O O   . HOH E 3 .   ? 18.932  -29.795 -12.465 1.00 52.06 ? 268 HOH A O   1 
HETATM 1522 O O   . HOH E 3 .   ? 13.087  1.849   -7.505  1.00 43.54 ? 269 HOH A O   1 
HETATM 1523 O O   . HOH E 3 .   ? 12.685  -10.363 3.657   1.00 31.52 ? 270 HOH A O   1 
HETATM 1524 O O   . HOH E 3 .   ? -31.341 16.739  11.383  1.00 53.16 ? 271 HOH A O   1 
HETATM 1525 O O   . HOH E 3 .   ? 2.946   -13.889 -15.610 1.00 51.09 ? 272 HOH A O   1 
HETATM 1526 O O   . HOH E 3 .   ? -20.470 10.421  14.521  1.00 37.31 ? 273 HOH A O   1 
HETATM 1527 O O   . HOH E 3 .   ? 7.632   11.858  8.731   1.00 61.96 ? 274 HOH A O   1 
HETATM 1528 O O   . HOH E 3 .   ? -16.496 31.795  8.662   1.00 52.96 ? 275 HOH A O   1 
HETATM 1529 O O   . HOH E 3 .   ? 4.416   -15.666 -16.483 1.00 48.11 ? 276 HOH A O   1 
HETATM 1530 O O   . HOH E 3 .   ? 17.630  -29.147 -14.560 1.00 51.59 ? 277 HOH A O   1 
HETATM 1531 O O   . HOH E 3 .   ? -16.756 6.875   14.028  1.00 43.77 ? 278 HOH A O   1 
HETATM 1532 O O   . HOH E 3 .   ? 26.714  -20.234 -11.708 1.00 40.10 ? 279 HOH A O   1 
HETATM 1533 O O   . HOH E 3 .   ? -0.812  8.958   -4.271  1.00 45.69 ? 280 HOH A O   1 
HETATM 1534 O O   . HOH E 3 .   ? -14.535 26.601  15.520  1.00 41.64 ? 281 HOH A O   1 
HETATM 1535 O O   . HOH E 3 .   ? 8.174   -4.389  -14.319 1.00 46.37 ? 282 HOH A O   1 
HETATM 1536 O O   . HOH E 3 .   ? 3.371   -0.224  6.095   1.00 42.17 ? 283 HOH A O   1 
HETATM 1537 O O   . HOH E 3 .   ? -15.094 21.381  0.530   1.00 53.40 ? 284 HOH A O   1 
HETATM 1538 O O   . HOH E 3 .   ? -8.305  21.605  19.875  1.00 62.15 ? 285 HOH A O   1 
HETATM 1539 O O   . HOH E 3 .   ? 2.886   17.175  -0.988  1.00 53.49 ? 286 HOH A O   1 
HETATM 1540 O O   . HOH E 3 .   ? 6.916   -16.456 -17.445 1.00 47.86 ? 287 HOH A O   1 
HETATM 1541 O O   . HOH E 3 .   ? 10.616  -24.866 -25.345 1.00 50.45 ? 288 HOH A O   1 
HETATM 1542 O O   . HOH E 3 .   ? 10.455  -30.816 -15.251 1.00 43.40 ? 289 HOH A O   1 
HETATM 1543 O O   . HOH E 3 .   ? -8.997  8.308   -4.183  1.00 56.87 ? 290 HOH A O   1 
HETATM 1544 O O   . HOH E 3 .   ? -29.097 11.165  14.462  1.00 53.69 ? 291 HOH A O   1 
HETATM 1545 O O   . HOH E 3 .   ? 18.796  -5.768  -11.592 1.00 52.08 ? 292 HOH A O   1 
HETATM 1546 O O   . HOH E 3 .   ? -2.928  23.768  15.779  1.00 54.67 ? 293 HOH A O   1 
HETATM 1547 O O   . HOH E 3 .   ? -7.577  7.338   -2.252  1.00 47.95 ? 294 HOH A O   1 
HETATM 1548 O O   . HOH E 3 .   ? 17.126  -25.774 -22.368 1.00 47.03 ? 295 HOH A O   1 
HETATM 1549 O O   . HOH E 3 .   ? 0.589   -4.617  3.281   1.00 45.50 ? 296 HOH A O   1 
HETATM 1550 O O   . HOH E 3 .   ? 11.086  -7.628  -17.935 1.00 54.52 ? 297 HOH A O   1 
HETATM 1551 O O   . HOH E 3 .   ? 21.604  -25.481 -22.733 1.00 49.15 ? 298 HOH A O   1 
HETATM 1552 O O   . HOH E 3 .   ? 7.639   -18.229 -21.641 1.00 58.98 ? 299 HOH A O   1 
HETATM 1553 O O   . HOH E 3 .   ? 21.825  -30.112 -9.280  1.00 47.97 ? 300 HOH A O   1 
HETATM 1554 O O   . HOH E 3 .   ? 7.063   0.078   -8.217  1.00 34.39 ? 301 HOH A O   1 
HETATM 1555 O O   . HOH E 3 .   ? 20.632  -27.155 -15.265 1.00 40.40 ? 302 HOH A O   1 
HETATM 1556 O O   . HOH E 3 .   ? 5.259   -4.455  -13.780 1.00 54.29 ? 303 HOH A O   1 
HETATM 1557 O O   . HOH E 3 .   ? 20.822  -25.438 -20.152 1.00 54.98 ? 304 HOH A O   1 
HETATM 1558 O O   . HOH E 3 .   ? -4.874  24.069  14.271  1.00 53.24 ? 305 HOH A O   1 
HETATM 1559 O O   . HOH E 3 .   ? 1.953   5.937   13.917  1.00 61.82 ? 306 HOH A O   1 
HETATM 1560 O O   . HOH E 3 .   ? 3.353   20.594  3.916   1.00 44.52 ? 307 HOH A O   1 
HETATM 1561 O O   . HOH E 3 .   ? -4.335  8.675   20.323  1.00 56.44 ? 308 HOH A O   1 
HETATM 1562 O O   . HOH E 3 .   ? -15.387 12.643  -2.105  1.00 52.56 ? 309 HOH A O   1 
HETATM 1563 O O   . HOH E 3 .   ? -2.727  4.824   -2.986  1.00 54.29 ? 310 HOH A O   1 
HETATM 1564 O O   . HOH E 3 .   ? 1.923   -2.301  5.830   1.00 53.53 ? 311 HOH A O   1 
HETATM 1565 O O   . HOH E 3 .   ? 8.727   -25.665 -14.994 1.00 44.27 ? 312 HOH A O   1 
HETATM 1566 O O   . HOH E 3 .   ? -4.792  18.554  19.229  1.00 59.74 ? 313 HOH A O   1 
HETATM 1567 O O   . HOH E 3 .   ? 13.570  -6.672  -17.996 1.00 63.59 ? 314 HOH A O   1 
HETATM 1568 O O   . HOH E 3 .   ? 1.225   -9.520  4.579   1.00 49.88 ? 315 HOH A O   1 
HETATM 1569 O O   . HOH E 3 .   ? 7.370   -24.830 -17.030 1.00 48.65 ? 316 HOH A O   1 
HETATM 1570 O O   . HOH E 3 .   ? 9.113   -8.991  -17.037 1.00 40.74 ? 317 HOH A O   1 
HETATM 1571 O O   . HOH E 3 .   ? 7.321   2.408   5.407   1.00 55.66 ? 318 HOH A O   1 
HETATM 1572 O O   . HOH E 3 .   ? 22.292  -32.644 -24.870 1.00 43.63 ? 319 HOH A O   1 
HETATM 1573 O O   . HOH E 3 .   ? -0.174  -15.896 -8.285  1.00 50.22 ? 320 HOH A O   1 
HETATM 1574 O O   . HOH E 3 .   ? 1.950   -12.677 -13.867 1.00 53.70 ? 321 HOH A O   1 
HETATM 1575 O O   . HOH E 3 .   ? 22.616  -26.954 -13.667 1.00 50.12 ? 322 HOH A O   1 
HETATM 1576 O O   . HOH E 3 .   ? 8.783   -0.197  4.250   1.00 47.43 ? 323 HOH A O   1 
HETATM 1577 O O   . HOH E 3 .   ? 22.020  -12.902 -13.461 1.00 54.64 ? 324 HOH A O   1 
HETATM 1578 O O   . HOH E 3 .   ? -22.315 21.071  4.305   1.00 52.20 ? 325 HOH A O   1 
HETATM 1579 O O   . HOH E 3 .   ? -1.076  -7.488  -2.608  1.00 51.97 ? 326 HOH A O   1 
HETATM 1580 O O   . HOH E 3 .   ? 0.241   13.985  -2.835  1.00 55.30 ? 327 HOH A O   1 
HETATM 1581 O O   . HOH E 3 .   ? 21.061  -22.961 -20.290 1.00 57.00 ? 328 HOH A O   1 
HETATM 1582 O O   . HOH E 3 .   ? 5.696   -0.528  7.298   1.00 57.75 ? 329 HOH A O   1 
HETATM 1583 O O   . HOH E 3 .   ? 8.932   -27.327 -12.599 1.00 50.00 ? 330 HOH A O   1 
HETATM 1584 O O   . HOH E 3 .   ? 26.099  -17.449 -11.982 1.00 58.14 ? 331 HOH A O   1 
HETATM 1585 O O   . HOH E 3 .   ? -14.430 29.739  7.240   1.00 57.32 ? 332 HOH A O   1 
HETATM 1586 O O   . HOH E 3 .   ? 7.984   -24.675 -20.405 1.00 52.88 ? 333 HOH A O   1 
HETATM 1587 O O   . HOH E 3 .   ? 10.443  2.182   -6.751  1.00 48.03 ? 334 HOH A O   1 
HETATM 1588 O O   . HOH E 3 .   ? 21.091  -26.852 -17.856 1.00 52.13 ? 335 HOH A O   1 
HETATM 1589 O O   . HOH E 3 .   ? -8.532  -5.067  1.995   1.00 51.24 ? 336 HOH A O   1 
HETATM 1590 O O   . HOH E 3 .   ? -3.127  25.883  10.154  1.00 55.34 ? 337 HOH A O   1 
HETATM 1591 O O   . HOH E 3 .   ? -0.289  -11.119 -7.395  1.00 61.84 ? 338 HOH A O   1 
HETATM 1592 O O   . HOH E 3 .   ? 11.342  -12.592 5.006   1.00 52.09 ? 339 HOH A O   1 
HETATM 1593 O O   . HOH E 3 .   ? 10.389  -26.947 -5.509  1.00 59.06 ? 340 HOH A O   1 
HETATM 1594 O O   . HOH E 3 .   ? 22.883  -29.306 -11.373 1.00 56.96 ? 341 HOH A O   1 
HETATM 1595 O O   . HOH E 3 .   ? 10.768  -1.803  4.485   1.00 54.28 ? 342 HOH A O   1 
HETATM 1596 O O   . HOH E 3 .   ? -13.248 14.740  -1.706  1.00 48.68 ? 343 HOH A O   1 
HETATM 1597 O O   . HOH E 3 .   ? 11.875  0.342   -11.926 1.00 52.22 ? 344 HOH A O   1 
HETATM 1598 O O   . HOH E 3 .   ? -5.011  25.942  12.523  1.00 55.85 ? 345 HOH A O   1 
HETATM 1599 O O   . HOH E 3 .   ? 28.047  -23.062 -11.036 1.00 53.93 ? 346 HOH A O   1 
HETATM 1600 O O   . HOH E 3 .   ? -11.943 -2.694  3.363   1.00 51.38 ? 347 HOH A O   1 
HETATM 1601 O O   . HOH E 3 .   ? 6.202   -1.127  -14.014 1.00 61.13 ? 348 HOH A O   1 
HETATM 1602 O O   . HOH E 3 .   ? -9.508  16.078  -3.522  1.00 50.98 ? 349 HOH A O   1 
HETATM 1603 O O   . HOH E 3 .   ? -3.564  10.695  22.637  1.00 56.62 ? 350 HOH A O   1 
HETATM 1604 O O   . HOH E 3 .   ? -27.189 11.380  16.160  1.00 53.99 ? 351 HOH A O   1 
HETATM 1605 O O   . HOH E 3 .   ? -25.183 21.249  5.320   1.00 55.10 ? 352 HOH A O   1 
HETATM 1606 O O   . HOH E 3 .   ? -15.304 4.247   1.029   1.00 49.86 ? 353 HOH A O   1 
HETATM 1607 O O   . HOH E 3 .   ? 1.487   19.165  1.555   1.00 60.37 ? 354 HOH A O   1 
HETATM 1608 O O   . HOH E 3 .   ? -0.180  -16.414 -10.619 1.00 54.90 ? 355 HOH A O   1 
HETATM 1609 O O   . HOH E 3 .   ? 4.266   8.526   -4.043  1.00 59.70 ? 356 HOH A O   1 
HETATM 1610 O O   . HOH E 3 .   ? 29.113  -23.555 -14.137 1.00 54.05 ? 357 HOH A O   1 
HETATM 1611 O O   . HOH E 3 .   ? 1.133   -9.061  -14.122 1.00 61.75 ? 358 HOH A O   1 
HETATM 1612 O O   . HOH E 3 .   ? 3.235   -27.828 -11.775 1.00 55.43 ? 359 HOH A O   1 
HETATM 1613 O O   . HOH E 3 .   ? 13.566  -30.465 -19.839 1.00 55.04 ? 360 HOH A O   1 
HETATM 1614 O O   . HOH E 3 .   ? 21.737  -29.360 -4.028  1.00 58.52 ? 361 HOH A O   1 
HETATM 1615 O O   . HOH E 3 .   ? -4.327  16.466  17.672  1.00 59.99 ? 362 HOH A O   1 
HETATM 1616 O O   . HOH E 3 .   ? -9.509  5.625   -0.843  1.00 61.25 ? 363 HOH A O   1 
HETATM 1617 O O   . HOH E 3 .   ? -2.707  10.379  16.667  1.00 60.39 ? 364 HOH A O   1 
HETATM 1618 O O   . HOH E 3 .   ? 23.317  -27.218 -2.542  1.00 56.35 ? 365 HOH A O   1 
HETATM 1619 O O   . HOH E 3 .   ? 22.698  -30.170 -6.638  1.00 53.02 ? 366 HOH A O   1 
HETATM 1620 O O   . HOH E 3 .   ? 12.319  -0.936  2.337   1.00 48.39 ? 367 HOH A O   1 
HETATM 1621 O O   . HOH E 3 .   ? -6.809  10.882  -3.139  1.00 55.82 ? 368 HOH A O   1 
HETATM 1622 O O   . HOH E 3 .   ? 12.077  -28.072 -7.075  1.00 55.64 ? 369 HOH A O   1 
HETATM 1623 O O   . HOH E 3 .   ? 6.565   -8.790  5.000   1.00 60.27 ? 370 HOH A O   1 
HETATM 1624 O O   . HOH E 3 .   ? -16.185 28.930  17.597  1.00 57.78 ? 371 HOH A O   1 
HETATM 1625 O O   . HOH E 3 .   ? 4.232   -1.381  -12.328 1.00 53.26 ? 372 HOH A O   1 
HETATM 1626 O O   . HOH E 3 .   ? -1.599  13.351  15.578  1.00 58.43 ? 373 HOH A O   1 
HETATM 1627 O O   . HOH E 3 .   ? 3.349   19.841  6.359   1.00 62.71 ? 374 HOH A O   1 
HETATM 1628 O O   . HOH E 3 .   ? 6.939   13.841  6.629   1.00 56.12 ? 375 HOH A O   1 
HETATM 1629 O O   . HOH E 3 .   ? 3.351   24.543  4.594   1.00 53.90 ? 376 HOH A O   1 
HETATM 1630 O O   . HOH E 3 .   ? -7.231  4.385   -2.134  1.00 59.21 ? 377 HOH A O   1 
HETATM 1631 O O   . HOH E 3 .   ? -29.860 24.718  7.520   1.00 58.97 ? 378 HOH A O   1 
HETATM 1632 O O   . HOH E 3 .   ? 18.200  -22.747 -1.120  1.00 60.12 ? 379 HOH A O   1 
HETATM 1633 O O   . HOH E 3 .   ? 6.940   11.397  4.114   1.00 54.23 ? 380 HOH A O   1 
HETATM 1634 O O   . HOH E 3 .   ? -19.088 15.679  -2.462  1.00 58.56 ? 381 HOH A O   1 
HETATM 1635 O O   . HOH E 3 .   ? -20.130 22.723  6.472   1.00 56.27 ? 382 HOH A O   1 
HETATM 1636 O O   . HOH E 3 .   ? -30.375 11.067  11.454  1.00 61.74 ? 383 HOH A O   1 
HETATM 1637 O O   . HOH E 3 .   ? -1.159  -12.423 -1.481  1.00 56.29 ? 384 HOH A O   1 
HETATM 1638 O O   . HOH E 3 .   ? 8.805   4.808   4.682   1.00 60.28 ? 385 HOH A O   1 
HETATM 1639 O O   . HOH E 3 .   ? 21.070  -10.317 -11.463 1.00 61.79 ? 386 HOH A O   1 
HETATM 1640 O O   . HOH E 3 .   ? 12.788  -25.402 -4.774  1.00 41.75 ? 387 HOH A O   1 
HETATM 1641 O O   . HOH E 3 .   ? 12.403  -31.944 -16.828 1.00 60.27 ? 388 HOH A O   1 
HETATM 1642 O O   . HOH E 3 .   ? -7.042  -3.649  11.273  1.00 62.19 ? 389 HOH A O   1 
HETATM 1643 O O   . HOH E 3 .   ? 7.679   -26.707 -22.242 1.00 59.76 ? 390 HOH A O   1 
HETATM 1644 O O   . HOH E 3 .   ? -13.788 4.461   -1.970  1.00 60.99 ? 391 HOH A O   1 
HETATM 1645 O O   . HOH E 3 .   ? 13.012  -23.471 -0.579  1.00 63.94 ? 392 HOH A O   1 
HETATM 1646 O O   . HOH E 3 .   ? 14.049  -24.943 -2.996  1.00 53.18 ? 393 HOH A O   1 
HETATM 1647 O O   . HOH E 3 .   ? -3.056  27.435  12.377  1.00 51.78 ? 394 HOH A O   1 
HETATM 1648 O O   . HOH E 3 .   ? 15.516  -23.193 -1.916  1.00 57.98 ? 395 HOH A O   1 
HETATM 1649 O O   . HOH E 3 .   ? -0.243  10.752  20.633  1.00 61.01 ? 396 HOH A O   1 
HETATM 1650 O O   . HOH E 3 .   ? -25.908 26.344  9.591   1.00 58.61 ? 397 HOH A O   1 
# 
